data_9KCI
#
_entry.id   9KCI
#
_cell.length_a   1.00
_cell.length_b   1.00
_cell.length_c   1.00
_cell.angle_alpha   90.00
_cell.angle_beta   90.00
_cell.angle_gamma   90.00
#
_symmetry.space_group_name_H-M   'P 1'
#
loop_
_entity.id
_entity.type
_entity.pdbx_description
1 polymer 'Sodium/potassium-transporting ATPase subunit alpha-1'
2 polymer 'Sodium/potassium-transporting ATPase subunit beta-3'
3 polymer 'FXYD domain-containing ion transport regulator 5'
4 non-polymer 'TETRAFLUOROALUMINATE ION'
5 non-polymer 'MAGNESIUM ION'
6 non-polymer 'POTASSIUM ION'
7 non-polymer 1,2-DIOLEOYL-SN-GLYCERO-3-PHOSPHOCHOLINE
8 non-polymer CHOLESTEROL
9 water water
#
loop_
_entity_poly.entity_id
_entity_poly.type
_entity_poly.pdbx_seq_one_letter_code
_entity_poly.pdbx_strand_id
1 'polypeptide(L)'
;VSMDDHKLSLDELHRKYGTDLSRGLTSARAAEILARDGPNALTPPPTTPEWIKFCRQLFGGFSMLLWIGAILCFLAYSIQ
AATEEEPQNDNLYLGVVLSAVVIITGCFSYYQEAKSSKIMESFKNMVPQQALVIRNGEKMSINAEEVVVGDLVEVKGGDR
IPADLRIISANGCKVDNSSLTGESEPQTRSPDFTNENPLETRNIAFFSTNCVEGTARGIVVYTGDRTVMGRIATLASGLE
GGQTPIAAEIEHFIHIITGVAVFLGVSFFILSLILEYTWLEAVIFLIGIIVANVPEGLLATVTVCLTLTAKRMARKNCLV
KNLEAVETLGSTSTICSDKTGTLTQNRMTVAHMWFDNQIHEADTTENQSGVSFDKTSATWLALSRIAGLCNRAVFQANQE
NLPILKRAVAGDASESALLKCIELCCGSVKEMRERYAKIVEIPFNSTNKYQLSIHKNPNTSEPQHLLVMKGAPERILDRC
SSILLHGKEQPLDEELKDAFQNAYLELGGLGERVLGFCHLFLPDEQFPEGFQFDTDDVNFPIDNLCFVGLISMIDPPRAA
VPDAVGKCRSAGIKVIMVTGDHPITAKAIAKGVGIISEGNETVEDIAARLNIPVSQVNPRDAKACVVHGSDLKDMTSEQL
DDILKYHTEIVFARTSPQQKLIIVEGCQRQGAIVAVTGDGVNDSPALKKADIGVAMGIAGSDVSKQAADMILLDDNFASI
VTGVEEGRLIFDNLKKSIAYTLTSNIPEITPFLIFIIANIPLPLGTVTILCIDLGTDMVPAISLAYEQAESDIMKRQPRN
PKTDKLVNERLISMAYGQIGMIQALGGFFTYFVILAENGFLPIHLLGLRVDWDDRWINDVEDSYGQQWTYEQRKIVEFTC
HTAFFVSIVVVQWADLVICKTRRNSVFQQGMKNKILIFGLFEETALAAFLSYCPGMGVALRMYPLKPTWWFCAFPYSLLI
FVYDEVRKLIIRRRPGGWVEKETYY
;
A
2 'polypeptide(L)'
;MTKNEKKSLNQSLAEWKLFIYNPTTGEFLGRTAKSWGLILLFYLVFYGFLAALFSFTMWVMLQTLNDEVPKYRDQIPSPG
LMVFPKPVTALEYTFSRSDPTSYAGYIEDLKKFLKPYTLEEQKNLTVCPDGALFEQKGPVYVACQFPISLLQACSGMNDP
DFGYSQGNPCILVKMNRIIGLKPEGVPRIDCVSKNEDIPNVAVYPHNGMIDLKYFPYYGKKLHVGYLQPLVAVQVSFAPN
NTGKEVTVECKIDGSANLKSQDDRDKFLGRVMFKITARA
;
B
3 'polypeptide(L)'
;MSPSGRLCLLTIVGLILPTRGQTLKDTTSSSSADSTIMDIQVPTRAPDAVYTELQPTSPTPTWPADETPQPQTQTQQLEG
TDGPLVTDPETHKSTKAAHPTDDTTTLSERPSPSTDVQTDPQTLKPSGFHEDDPFFYDEHTLRKRGLLVAAVLFITGIII
LTSGKCRQLSRLCRNRCR
;
C
#
# COMPACT_ATOMS: atom_id res chain seq x y z
N SER A 2 -2.33 32.21 -30.87
CA SER A 2 -1.49 31.47 -31.80
C SER A 2 -2.33 30.64 -32.76
N MET A 3 -1.98 30.69 -34.05
CA MET A 3 -2.68 29.95 -35.09
C MET A 3 -4.17 30.34 -35.12
N ASP A 4 -4.41 31.60 -35.43
CA ASP A 4 -5.75 32.18 -35.41
C ASP A 4 -6.23 32.44 -36.82
N ASP A 5 -7.45 31.98 -37.11
CA ASP A 5 -8.10 32.21 -38.40
C ASP A 5 -9.25 33.20 -38.32
N HIS A 6 -9.58 33.69 -37.12
CA HIS A 6 -10.67 34.65 -36.98
C HIS A 6 -10.30 36.03 -37.51
N LYS A 7 -9.00 36.34 -37.59
CA LYS A 7 -8.58 37.63 -38.14
C LYS A 7 -8.94 37.75 -39.62
N LEU A 8 -8.99 36.62 -40.33
CA LEU A 8 -9.22 36.65 -41.77
C LEU A 8 -10.62 37.17 -42.07
N SER A 9 -10.72 37.98 -43.11
CA SER A 9 -12.02 38.50 -43.54
C SER A 9 -12.83 37.38 -44.21
N LEU A 10 -14.07 37.71 -44.55
CA LEU A 10 -14.96 36.73 -45.16
C LEU A 10 -14.42 36.26 -46.51
N ASP A 11 -13.92 37.20 -47.33
CA ASP A 11 -13.37 36.83 -48.63
C ASP A 11 -12.03 36.12 -48.48
N GLU A 12 -11.16 36.61 -47.59
CA GLU A 12 -9.84 36.02 -47.42
C GLU A 12 -9.94 34.59 -46.90
N LEU A 13 -10.89 34.33 -46.01
CA LEU A 13 -11.06 32.99 -45.46
C LEU A 13 -11.49 32.00 -46.55
N HIS A 14 -12.38 32.42 -47.44
CA HIS A 14 -12.87 31.52 -48.49
C HIS A 14 -11.77 31.16 -49.47
N ARG A 15 -10.92 32.13 -49.83
CA ARG A 15 -9.88 31.87 -50.81
C ARG A 15 -8.74 31.05 -50.21
N LYS A 16 -8.50 31.18 -48.91
CA LYS A 16 -7.46 30.38 -48.27
C LYS A 16 -7.80 28.90 -48.31
N TYR A 17 -9.05 28.55 -48.02
CA TYR A 17 -9.48 27.16 -48.00
C TYR A 17 -10.07 26.69 -49.31
N GLY A 18 -10.30 27.58 -50.27
CA GLY A 18 -10.91 27.18 -51.52
C GLY A 18 -12.33 26.70 -51.38
N THR A 19 -13.15 27.40 -50.61
CA THR A 19 -14.54 27.04 -50.37
C THR A 19 -15.45 28.19 -50.80
N ASP A 20 -16.56 27.86 -51.43
CA ASP A 20 -17.50 28.87 -51.89
C ASP A 20 -18.27 29.46 -50.69
N LEU A 21 -18.84 30.64 -50.93
CA LEU A 21 -19.56 31.34 -49.86
C LEU A 21 -20.78 30.56 -49.41
N SER A 22 -21.56 30.04 -50.35
CA SER A 22 -22.80 29.35 -50.04
C SER A 22 -22.92 27.96 -50.67
N ARG A 23 -22.20 27.68 -51.75
CA ARG A 23 -22.31 26.37 -52.37
C ARG A 23 -21.61 25.29 -51.54
N GLY A 24 -20.67 25.68 -50.69
CA GLY A 24 -19.95 24.73 -49.88
C GLY A 24 -18.70 24.20 -50.55
N LEU A 25 -18.42 22.91 -50.38
CA LEU A 25 -17.23 22.29 -50.93
C LEU A 25 -17.63 21.14 -51.85
N THR A 26 -16.93 21.03 -52.98
CA THR A 26 -17.22 19.97 -53.94
C THR A 26 -16.98 18.60 -53.31
N SER A 27 -17.80 17.62 -53.70
CA SER A 27 -17.70 16.29 -53.12
C SER A 27 -16.35 15.64 -53.42
N ALA A 28 -15.88 15.75 -54.67
CA ALA A 28 -14.59 15.18 -55.03
C ALA A 28 -13.45 15.85 -54.27
N ARG A 29 -13.51 17.18 -54.15
CA ARG A 29 -12.49 17.89 -53.39
C ARG A 29 -12.51 17.48 -51.91
N ALA A 30 -13.70 17.32 -51.35
CA ALA A 30 -13.81 16.87 -49.96
C ALA A 30 -13.24 15.48 -49.78
N ALA A 31 -13.50 14.58 -50.73
CA ALA A 31 -12.92 13.24 -50.67
C ALA A 31 -11.41 13.29 -50.77
N GLU A 32 -10.88 14.14 -51.65
CA GLU A 32 -9.44 14.29 -51.75
C GLU A 32 -8.84 14.80 -50.45
N ILE A 33 -9.47 15.79 -49.82
CA ILE A 33 -8.96 16.32 -48.56
C ILE A 33 -9.03 15.25 -47.48
N LEU A 34 -10.12 14.48 -47.45
CA LEU A 34 -10.25 13.41 -46.46
C LEU A 34 -9.16 12.37 -46.64
N ALA A 35 -8.84 12.01 -47.88
CA ALA A 35 -7.74 11.08 -48.13
C ALA A 35 -6.41 11.67 -47.70
N ARG A 36 -6.17 12.95 -48.01
CA ARG A 36 -4.89 13.58 -47.68
C ARG A 36 -4.77 13.89 -46.19
N ASP A 37 -5.83 14.40 -45.57
CA ASP A 37 -5.76 14.84 -44.18
C ASP A 37 -6.07 13.70 -43.19
N GLY A 38 -7.10 12.91 -43.46
CA GLY A 38 -7.48 11.84 -42.58
C GLY A 38 -8.87 12.02 -42.00
N PRO A 39 -9.35 11.02 -41.28
CA PRO A 39 -10.70 11.10 -40.71
C PRO A 39 -10.79 12.12 -39.59
N ASN A 40 -12.00 12.63 -39.38
CA ASN A 40 -12.28 13.57 -38.30
C ASN A 40 -12.53 12.78 -37.02
N ALA A 41 -11.43 12.28 -36.45
CA ALA A 41 -11.51 11.46 -35.26
C ALA A 41 -10.21 11.58 -34.48
N LEU A 42 -10.28 11.23 -33.20
CA LEU A 42 -9.13 11.25 -32.31
C LEU A 42 -8.49 9.86 -32.29
N THR A 43 -7.17 9.83 -32.12
CA THR A 43 -6.44 8.56 -32.11
C THR A 43 -6.08 8.21 -30.69
N PRO A 44 -6.67 7.16 -30.10
CA PRO A 44 -6.29 6.79 -28.75
C PRO A 44 -4.88 6.26 -28.70
N PRO A 45 -4.16 6.48 -27.60
CA PRO A 45 -2.79 6.00 -27.52
C PRO A 45 -2.74 4.49 -27.40
N PRO A 46 -1.64 3.86 -27.80
CA PRO A 46 -1.53 2.40 -27.63
C PRO A 46 -1.56 2.02 -26.16
N THR A 47 -2.18 0.88 -25.87
CA THR A 47 -2.35 0.42 -24.51
C THR A 47 -1.48 -0.81 -24.23
N THR A 48 -0.91 -0.85 -23.04
CA THR A 48 -0.08 -1.98 -22.64
C THR A 48 -0.97 -3.18 -22.32
N PRO A 49 -0.65 -4.37 -22.84
CA PRO A 49 -1.46 -5.56 -22.53
C PRO A 49 -1.39 -5.91 -21.06
N GLU A 50 -2.46 -6.53 -20.56
CA GLU A 50 -2.56 -6.82 -19.14
C GLU A 50 -1.50 -7.83 -18.68
N TRP A 51 -1.10 -8.75 -19.56
CA TRP A 51 -0.05 -9.70 -19.19
C TRP A 51 1.34 -9.06 -19.15
N ILE A 52 1.53 -7.93 -19.83
CA ILE A 52 2.80 -7.22 -19.72
C ILE A 52 2.95 -6.59 -18.33
N LYS A 53 1.85 -6.04 -17.81
CA LYS A 53 1.90 -5.39 -16.50
C LYS A 53 2.26 -6.39 -15.40
N PHE A 54 1.69 -7.60 -15.48
CA PHE A 54 2.00 -8.63 -14.49
C PHE A 54 3.47 -9.02 -14.54
N CYS A 55 4.03 -9.17 -15.74
CA CYS A 55 5.45 -9.51 -15.87
C CYS A 55 6.33 -8.42 -15.29
N ARG A 56 5.96 -7.15 -15.50
CA ARG A 56 6.70 -6.06 -14.89
C ARG A 56 6.61 -6.12 -13.37
N GLN A 57 5.43 -6.43 -12.83
CA GLN A 57 5.28 -6.50 -11.38
C GLN A 57 6.05 -7.67 -10.79
N LEU A 58 6.29 -8.72 -11.57
CA LEU A 58 7.00 -9.88 -11.05
C LEU A 58 8.50 -9.67 -10.88
N PHE A 59 9.04 -8.49 -11.16
CA PHE A 59 10.47 -8.24 -11.11
C PHE A 59 10.84 -7.18 -10.06
N GLY A 60 10.19 -7.22 -8.91
CA GLY A 60 10.50 -6.27 -7.85
C GLY A 60 11.83 -6.56 -7.18
N GLY A 61 12.18 -5.69 -6.23
CA GLY A 61 13.44 -5.87 -5.51
C GLY A 61 13.45 -7.14 -4.67
N PHE A 62 12.36 -7.41 -3.96
CA PHE A 62 12.26 -8.67 -3.23
C PHE A 62 12.00 -9.85 -4.17
N SER A 63 11.29 -9.59 -5.27
CA SER A 63 11.00 -10.66 -6.22
C SER A 63 12.26 -11.19 -6.87
N MET A 64 13.23 -10.31 -7.14
CA MET A 64 14.50 -10.77 -7.72
C MET A 64 15.24 -11.68 -6.74
N LEU A 65 15.29 -11.29 -5.47
CA LEU A 65 15.96 -12.11 -4.46
C LEU A 65 15.26 -13.46 -4.31
N LEU A 66 13.93 -13.46 -4.34
CA LEU A 66 13.21 -14.74 -4.21
C LEU A 66 13.35 -15.59 -5.47
N TRP A 67 13.44 -14.97 -6.65
CA TRP A 67 13.73 -15.73 -7.86
C TRP A 67 15.10 -16.37 -7.80
N ILE A 68 16.09 -15.62 -7.29
CA ILE A 68 17.42 -16.19 -7.12
C ILE A 68 17.39 -17.34 -6.12
N GLY A 69 16.63 -17.18 -5.04
CA GLY A 69 16.49 -18.26 -4.09
C GLY A 69 15.87 -19.51 -4.68
N ALA A 70 14.83 -19.34 -5.51
CA ALA A 70 14.21 -20.49 -6.15
C ALA A 70 15.15 -21.16 -7.15
N ILE A 71 15.90 -20.36 -7.92
CA ILE A 71 16.87 -20.90 -8.84
C ILE A 71 17.94 -21.69 -8.09
N LEU A 72 18.39 -21.16 -6.95
CA LEU A 72 19.37 -21.86 -6.14
C LEU A 72 18.80 -23.14 -5.53
N CYS A 73 17.51 -23.12 -5.17
CA CYS A 73 16.88 -24.35 -4.67
C CYS A 73 16.87 -25.43 -5.73
N PHE A 74 16.50 -25.06 -6.96
CA PHE A 74 16.50 -26.04 -8.05
C PHE A 74 17.91 -26.52 -8.36
N LEU A 75 18.90 -25.61 -8.31
CA LEU A 75 20.27 -26.01 -8.54
C LEU A 75 20.76 -26.96 -7.45
N ALA A 76 20.39 -26.70 -6.20
CA ALA A 76 20.76 -27.59 -5.10
C ALA A 76 20.14 -28.96 -5.28
N TYR A 77 18.87 -29.01 -5.70
CA TYR A 77 18.23 -30.31 -5.94
C TYR A 77 18.93 -31.05 -7.07
N SER A 78 19.27 -30.35 -8.15
CA SER A 78 19.95 -31.01 -9.28
C SER A 78 21.32 -31.53 -8.87
N ILE A 79 22.07 -30.74 -8.10
CA ILE A 79 23.38 -31.17 -7.64
C ILE A 79 23.25 -32.38 -6.74
N GLN A 80 22.29 -32.35 -5.82
CA GLN A 80 22.08 -33.46 -4.90
C GLN A 80 21.72 -34.74 -5.66
N ALA A 81 20.84 -34.62 -6.65
CA ALA A 81 20.49 -35.78 -7.47
C ALA A 81 21.71 -36.32 -8.20
N ALA A 82 22.42 -35.46 -8.92
CA ALA A 82 23.56 -35.90 -9.71
C ALA A 82 24.70 -36.44 -8.85
N THR A 83 24.76 -36.06 -7.57
CA THR A 83 25.82 -36.56 -6.70
C THR A 83 25.45 -37.88 -6.06
N GLU A 84 24.31 -37.95 -5.37
CA GLU A 84 24.02 -39.10 -4.52
C GLU A 84 22.95 -40.04 -5.08
N GLU A 85 22.31 -39.71 -6.21
CA GLU A 85 21.38 -40.60 -6.88
C GLU A 85 20.17 -40.96 -6.01
N GLU A 86 20.09 -40.40 -4.81
CA GLU A 86 18.96 -40.61 -3.90
C GLU A 86 18.51 -39.26 -3.36
N PRO A 87 17.90 -38.43 -4.20
CA PRO A 87 17.56 -37.08 -3.77
C PRO A 87 16.39 -37.07 -2.78
N GLN A 88 16.37 -36.04 -1.95
CA GLN A 88 15.23 -35.72 -1.10
C GLN A 88 14.50 -34.54 -1.71
N ASN A 89 13.19 -34.69 -1.90
CA ASN A 89 12.39 -33.66 -2.57
C ASN A 89 12.00 -32.55 -1.58
N ASP A 90 13.02 -31.97 -0.96
CA ASP A 90 12.82 -30.81 -0.08
C ASP A 90 13.19 -29.50 -0.76
N ASN A 91 14.35 -29.45 -1.43
CA ASN A 91 14.74 -28.24 -2.14
C ASN A 91 13.88 -28.00 -3.38
N LEU A 92 13.45 -29.06 -4.06
CA LEU A 92 12.53 -28.89 -5.18
C LEU A 92 11.23 -28.25 -4.72
N TYR A 93 10.67 -28.75 -3.62
CA TYR A 93 9.43 -28.20 -3.10
C TYR A 93 9.63 -26.78 -2.59
N LEU A 94 10.79 -26.51 -1.99
CA LEU A 94 11.11 -25.16 -1.53
C LEU A 94 11.18 -24.18 -2.71
N GLY A 95 11.80 -24.61 -3.81
CA GLY A 95 11.86 -23.75 -4.99
C GLY A 95 10.48 -23.50 -5.58
N VAL A 96 9.64 -24.55 -5.62
CA VAL A 96 8.28 -24.37 -6.13
C VAL A 96 7.50 -23.41 -5.24
N VAL A 97 7.67 -23.54 -3.91
CA VAL A 97 6.96 -22.66 -2.98
C VAL A 97 7.44 -21.22 -3.11
N LEU A 98 8.75 -21.04 -3.29
CA LEU A 98 9.27 -19.68 -3.48
C LEU A 98 8.72 -19.07 -4.78
N SER A 99 8.64 -19.87 -5.84
CA SER A 99 8.05 -19.37 -7.09
C SER A 99 6.59 -18.99 -6.88
N ALA A 100 5.84 -19.81 -6.16
CA ALA A 100 4.44 -19.49 -5.89
C ALA A 100 4.32 -18.22 -5.06
N VAL A 101 5.22 -18.02 -4.09
CA VAL A 101 5.21 -16.79 -3.30
C VAL A 101 5.46 -15.58 -4.17
N VAL A 102 6.42 -15.69 -5.11
CA VAL A 102 6.67 -14.60 -6.03
C VAL A 102 5.44 -14.30 -6.88
N ILE A 103 4.78 -15.35 -7.38
CA ILE A 103 3.60 -15.14 -8.23
C ILE A 103 2.48 -14.47 -7.44
N ILE A 104 2.26 -14.90 -6.21
CA ILE A 104 1.18 -14.33 -5.40
C ILE A 104 1.49 -12.89 -5.02
N THR A 105 2.75 -12.59 -4.69
CA THR A 105 3.14 -11.21 -4.43
C THR A 105 2.96 -10.35 -5.69
N GLY A 106 3.25 -10.92 -6.86
CA GLY A 106 3.02 -10.19 -8.10
C GLY A 106 1.54 -9.90 -8.32
N CYS A 107 0.68 -10.86 -7.98
CA CYS A 107 -0.76 -10.61 -8.06
C CYS A 107 -1.18 -9.50 -7.10
N PHE A 108 -0.65 -9.51 -5.89
CA PHE A 108 -0.97 -8.45 -4.92
C PHE A 108 -0.51 -7.08 -5.43
N SER A 109 0.69 -7.01 -6.00
CA SER A 109 1.19 -5.75 -6.54
C SER A 109 0.40 -5.32 -7.77
N TYR A 110 -0.09 -6.29 -8.56
CA TYR A 110 -0.93 -5.97 -9.70
C TYR A 110 -2.25 -5.35 -9.26
N TYR A 111 -2.86 -5.89 -8.20
CA TYR A 111 -4.06 -5.27 -7.65
C TYR A 111 -3.76 -3.87 -7.13
N GLN A 112 -2.63 -3.71 -6.44
CA GLN A 112 -2.20 -2.42 -5.87
C GLN A 112 -1.41 -1.65 -6.93
N GLU A 113 -2.15 -1.17 -7.93
CA GLU A 113 -1.55 -0.49 -9.08
C GLU A 113 -2.66 0.26 -9.81
N ALA A 114 -2.27 1.34 -10.49
CA ALA A 114 -3.23 2.14 -11.24
C ALA A 114 -3.78 1.36 -12.43
N LYS A 115 -5.09 1.47 -12.66
CA LYS A 115 -5.79 0.70 -13.67
C LYS A 115 -5.99 1.46 -14.97
N SER A 116 -5.03 2.30 -15.35
CA SER A 116 -5.07 3.06 -16.59
C SER A 116 -6.27 4.00 -16.64
N SER A 117 -6.49 4.63 -17.80
CA SER A 117 -7.59 5.57 -17.97
C SER A 117 -8.28 5.31 -19.30
N LYS A 118 -9.56 5.70 -19.35
CA LYS A 118 -10.37 5.63 -20.56
C LYS A 118 -10.74 7.03 -21.04
N ILE A 119 -9.77 7.94 -20.98
CA ILE A 119 -10.03 9.34 -21.30
C ILE A 119 -10.44 9.49 -22.76
N MET A 120 -9.73 8.80 -23.67
CA MET A 120 -10.06 8.94 -25.08
C MET A 120 -11.44 8.41 -25.42
N GLU A 121 -11.88 7.33 -24.77
CA GLU A 121 -13.24 6.84 -25.01
C GLU A 121 -14.27 7.88 -24.59
N SER A 122 -14.08 8.52 -23.43
CA SER A 122 -14.99 9.55 -22.98
C SER A 122 -14.98 10.76 -23.92
N PHE A 123 -13.80 11.12 -24.44
CA PHE A 123 -13.72 12.22 -25.39
C PHE A 123 -14.44 11.86 -26.70
N LYS A 124 -14.26 10.63 -27.17
CA LYS A 124 -14.94 10.20 -28.39
C LYS A 124 -16.45 10.13 -28.20
N ASN A 125 -16.91 9.92 -26.97
CA ASN A 125 -18.35 9.94 -26.71
C ASN A 125 -18.96 11.30 -27.01
N MET A 126 -18.16 12.37 -27.03
CA MET A 126 -18.64 13.71 -27.32
C MET A 126 -18.58 14.06 -28.80
N VAL A 127 -18.05 13.18 -29.65
CA VAL A 127 -18.06 13.42 -31.09
C VAL A 127 -19.44 13.09 -31.64
N PRO A 128 -20.09 14.01 -32.33
CA PRO A 128 -21.44 13.73 -32.85
C PRO A 128 -21.42 12.60 -33.86
N GLN A 129 -22.55 11.87 -33.93
CA GLN A 129 -22.67 10.80 -34.90
C GLN A 129 -22.91 11.32 -36.31
N GLN A 130 -23.65 12.41 -36.45
CA GLN A 130 -23.96 13.01 -37.74
C GLN A 130 -23.61 14.49 -37.72
N ALA A 131 -23.16 14.99 -38.87
CA ALA A 131 -22.85 16.40 -39.05
C ALA A 131 -23.47 16.89 -40.34
N LEU A 132 -24.12 18.05 -40.29
CA LEU A 132 -24.72 18.66 -41.47
C LEU A 132 -23.66 19.51 -42.17
N VAL A 133 -23.32 19.13 -43.40
CA VAL A 133 -22.29 19.81 -44.18
C VAL A 133 -22.89 20.23 -45.51
N ILE A 134 -22.67 21.48 -45.89
CA ILE A 134 -23.12 21.99 -47.18
C ILE A 134 -22.10 21.56 -48.24
N ARG A 135 -22.50 20.63 -49.10
CA ARG A 135 -21.67 20.19 -50.21
C ARG A 135 -22.47 20.24 -51.50
N ASN A 136 -21.88 20.85 -52.53
CA ASN A 136 -22.54 21.05 -53.82
C ASN A 136 -23.81 21.88 -53.68
N GLY A 137 -23.88 22.72 -52.66
CA GLY A 137 -25.04 23.58 -52.45
C GLY A 137 -26.25 22.90 -51.87
N GLU A 138 -26.10 21.74 -51.24
CA GLU A 138 -27.22 21.00 -50.68
C GLU A 138 -26.90 20.59 -49.25
N LYS A 139 -27.94 20.55 -48.42
CA LYS A 139 -27.81 20.09 -47.04
C LYS A 139 -27.85 18.57 -47.01
N MET A 140 -26.73 17.94 -46.65
CA MET A 140 -26.64 16.50 -46.62
C MET A 140 -26.01 16.06 -45.30
N SER A 141 -26.64 15.10 -44.65
CA SER A 141 -26.17 14.58 -43.36
C SER A 141 -25.11 13.53 -43.61
N ILE A 142 -23.94 13.73 -42.99
CA ILE A 142 -22.82 12.82 -43.15
C ILE A 142 -22.30 12.46 -41.76
N ASN A 143 -21.50 11.40 -41.71
CA ASN A 143 -20.79 11.07 -40.48
C ASN A 143 -19.83 12.19 -40.13
N ALA A 144 -19.76 12.53 -38.83
CA ALA A 144 -18.86 13.58 -38.40
C ALA A 144 -17.40 13.23 -38.63
N GLU A 145 -17.09 11.93 -38.77
CA GLU A 145 -15.72 11.51 -39.06
C GLU A 145 -15.29 11.87 -40.48
N GLU A 146 -16.24 12.09 -41.38
CA GLU A 146 -15.95 12.41 -42.77
C GLU A 146 -15.84 13.91 -43.04
N VAL A 147 -16.04 14.74 -42.02
CA VAL A 147 -15.93 16.19 -42.19
C VAL A 147 -14.48 16.55 -42.43
N VAL A 148 -14.24 17.40 -43.42
CA VAL A 148 -12.89 17.78 -43.82
C VAL A 148 -12.68 19.26 -43.49
N VAL A 149 -11.42 19.70 -43.64
CA VAL A 149 -11.08 21.07 -43.31
C VAL A 149 -11.52 22.00 -44.44
N GLY A 150 -12.34 22.99 -44.08
CA GLY A 150 -12.74 24.01 -45.03
C GLY A 150 -14.04 23.74 -45.76
N ASP A 151 -15.08 23.38 -45.02
CA ASP A 151 -16.41 23.20 -45.60
C ASP A 151 -17.46 23.79 -44.67
N LEU A 152 -18.59 24.16 -45.25
CA LEU A 152 -19.68 24.73 -44.48
C LEU A 152 -20.30 23.68 -43.57
N VAL A 153 -20.50 24.04 -42.31
CA VAL A 153 -21.17 23.17 -41.33
C VAL A 153 -22.29 23.98 -40.68
N GLU A 154 -23.48 23.40 -40.62
CA GLU A 154 -24.63 24.02 -40.00
C GLU A 154 -24.96 23.32 -38.70
N VAL A 155 -25.02 24.09 -37.62
CA VAL A 155 -25.36 23.59 -36.29
C VAL A 155 -26.54 24.38 -35.77
N LYS A 156 -27.49 23.69 -35.12
CA LYS A 156 -28.67 24.36 -34.62
C LYS A 156 -29.30 23.55 -33.50
N GLY A 157 -29.70 24.24 -32.44
CA GLY A 157 -30.55 23.68 -31.40
C GLY A 157 -30.18 22.34 -30.83
N GLY A 158 -29.08 22.28 -30.07
CA GLY A 158 -28.69 21.07 -29.39
C GLY A 158 -27.79 20.15 -30.17
N ASP A 159 -27.20 20.61 -31.28
CA ASP A 159 -26.27 19.79 -32.04
C ASP A 159 -24.85 20.05 -31.56
N ARG A 160 -24.12 18.98 -31.26
CA ARG A 160 -22.73 19.10 -30.87
C ARG A 160 -21.90 19.58 -32.06
N ILE A 161 -20.93 20.44 -31.79
CA ILE A 161 -20.05 20.97 -32.83
C ILE A 161 -19.06 19.90 -33.25
N PRO A 162 -19.01 19.52 -34.53
CA PRO A 162 -18.17 18.39 -34.94
C PRO A 162 -16.68 18.73 -35.00
N ALA A 163 -16.36 19.96 -35.42
CA ALA A 163 -14.97 20.39 -35.56
C ALA A 163 -14.86 21.83 -35.09
N ASP A 164 -13.70 22.42 -35.34
CA ASP A 164 -13.52 23.84 -35.04
C ASP A 164 -14.02 24.68 -36.22
N LEU A 165 -14.94 25.60 -35.94
CA LEU A 165 -15.62 26.37 -36.98
C LEU A 165 -15.27 27.84 -36.87
N ARG A 166 -14.91 28.44 -38.00
CA ARG A 166 -14.86 29.89 -38.14
C ARG A 166 -16.25 30.33 -38.57
N ILE A 167 -17.03 30.84 -37.62
CA ILE A 167 -18.42 31.17 -37.88
C ILE A 167 -18.49 32.37 -38.82
N ILE A 168 -19.26 32.23 -39.89
CA ILE A 168 -19.43 33.29 -40.88
C ILE A 168 -20.85 33.85 -40.91
N SER A 169 -21.82 33.15 -40.31
CA SER A 169 -23.18 33.68 -40.18
C SER A 169 -23.84 32.98 -39.00
N ALA A 170 -24.70 33.72 -38.31
CA ALA A 170 -25.40 33.17 -37.16
C ALA A 170 -26.70 33.94 -36.95
N ASN A 171 -27.72 33.22 -36.50
CA ASN A 171 -29.03 33.79 -36.19
C ASN A 171 -29.31 33.53 -34.72
N GLY A 172 -28.81 34.42 -33.86
CA GLY A 172 -28.99 34.24 -32.43
C GLY A 172 -28.36 32.97 -31.90
N CYS A 173 -27.17 32.63 -32.38
CA CYS A 173 -26.52 31.39 -31.98
C CYS A 173 -25.84 31.56 -30.62
N LYS A 174 -26.10 30.60 -29.73
CA LYS A 174 -25.44 30.54 -28.43
C LYS A 174 -24.90 29.14 -28.22
N VAL A 175 -23.70 29.05 -27.66
CA VAL A 175 -23.05 27.77 -27.44
C VAL A 175 -22.69 27.61 -25.98
N ASP A 176 -22.64 26.37 -25.52
CA ASP A 176 -22.24 26.03 -24.16
C ASP A 176 -20.76 25.67 -24.19
N ASN A 177 -19.92 26.57 -23.68
CA ASN A 177 -18.47 26.39 -23.71
C ASN A 177 -17.92 25.82 -22.40
N SER A 178 -18.71 24.98 -21.72
CA SER A 178 -18.27 24.41 -20.46
C SER A 178 -17.10 23.45 -20.62
N SER A 179 -16.90 22.92 -21.82
CA SER A 179 -15.75 22.04 -22.06
C SER A 179 -14.44 22.79 -22.15
N LEU A 180 -14.48 24.11 -22.31
CA LEU A 180 -13.28 24.94 -22.39
C LEU A 180 -13.05 25.77 -21.14
N THR A 181 -14.10 26.33 -20.55
CA THR A 181 -13.97 27.22 -19.40
C THR A 181 -14.54 26.64 -18.12
N GLY A 182 -15.33 25.57 -18.20
CA GLY A 182 -15.99 25.03 -17.03
C GLY A 182 -17.27 25.75 -16.65
N GLU A 183 -17.66 26.76 -17.39
CA GLU A 183 -18.87 27.54 -17.12
C GLU A 183 -19.93 27.17 -18.14
N SER A 184 -21.14 26.88 -17.65
CA SER A 184 -22.23 26.45 -18.51
C SER A 184 -23.03 27.61 -19.09
N GLU A 185 -22.66 28.85 -18.78
CA GLU A 185 -23.41 30.00 -19.28
C GLU A 185 -23.24 30.10 -20.79
N PRO A 186 -24.34 30.18 -21.55
CA PRO A 186 -24.21 30.27 -23.02
C PRO A 186 -23.49 31.54 -23.44
N GLN A 187 -22.74 31.41 -24.54
CA GLN A 187 -21.99 32.52 -25.11
C GLN A 187 -22.49 32.79 -26.52
N THR A 188 -22.77 34.05 -26.81
CA THR A 188 -23.26 34.43 -28.13
C THR A 188 -22.16 34.28 -29.17
N ARG A 189 -22.53 33.73 -30.33
CA ARG A 189 -21.61 33.54 -31.45
C ARG A 189 -22.03 34.45 -32.60
N SER A 190 -21.11 35.26 -33.08
CA SER A 190 -21.34 36.17 -34.19
C SER A 190 -20.16 36.10 -35.14
N PRO A 191 -20.38 36.37 -36.44
CA PRO A 191 -19.26 36.31 -37.39
C PRO A 191 -18.17 37.34 -37.12
N ASP A 192 -18.48 38.43 -36.44
CA ASP A 192 -17.54 39.53 -36.29
C ASP A 192 -16.38 39.16 -35.37
N PHE A 193 -15.21 39.72 -35.68
CA PHE A 193 -14.04 39.52 -34.83
C PHE A 193 -14.19 40.31 -33.55
N THR A 194 -14.01 39.65 -32.41
CA THR A 194 -14.27 40.26 -31.10
C THR A 194 -13.05 40.35 -30.22
N ASN A 195 -12.28 39.27 -30.09
CA ASN A 195 -11.17 39.23 -29.15
C ASN A 195 -9.93 38.69 -29.84
N GLU A 196 -8.76 39.21 -29.40
CA GLU A 196 -7.49 38.72 -29.92
C GLU A 196 -7.28 37.25 -29.58
N ASN A 197 -7.60 36.85 -28.37
CA ASN A 197 -7.52 35.45 -27.97
C ASN A 197 -8.64 34.68 -28.67
N PRO A 198 -8.34 33.64 -29.43
CA PRO A 198 -9.43 32.87 -30.05
C PRO A 198 -10.27 32.10 -29.05
N LEU A 199 -9.82 31.95 -27.81
CA LEU A 199 -10.61 31.26 -26.81
C LEU A 199 -11.81 32.08 -26.38
N GLU A 200 -11.72 33.41 -26.44
CA GLU A 200 -12.82 34.29 -26.08
C GLU A 200 -13.45 35.02 -27.26
N THR A 201 -12.94 34.84 -28.48
CA THR A 201 -13.55 35.48 -29.63
C THR A 201 -14.92 34.86 -29.90
N ARG A 202 -15.79 35.64 -30.55
CA ARG A 202 -17.17 35.23 -30.78
C ARG A 202 -17.39 34.54 -32.12
N ASN A 203 -16.39 34.49 -33.00
CA ASN A 203 -16.55 33.91 -34.32
C ASN A 203 -15.91 32.53 -34.44
N ILE A 204 -15.49 31.93 -33.33
CA ILE A 204 -14.87 30.61 -33.35
C ILE A 204 -15.73 29.68 -32.49
N ALA A 205 -16.20 28.60 -33.09
CA ALA A 205 -16.91 27.54 -32.39
C ALA A 205 -16.01 26.33 -32.27
N PHE A 206 -16.00 25.72 -31.09
CA PHE A 206 -15.02 24.69 -30.75
C PHE A 206 -15.68 23.32 -30.74
N PHE A 207 -14.90 22.31 -31.12
CA PHE A 207 -15.35 20.93 -31.01
C PHE A 207 -15.52 20.56 -29.54
N SER A 208 -16.47 19.65 -29.28
CA SER A 208 -16.89 19.13 -27.97
C SER A 208 -17.82 20.10 -27.25
N THR A 209 -18.23 21.20 -27.86
CA THR A 209 -19.26 22.07 -27.31
C THR A 209 -20.58 21.83 -28.04
N ASN A 210 -21.66 22.24 -27.41
CA ASN A 210 -23.00 22.06 -27.95
C ASN A 210 -23.68 23.41 -28.11
N CYS A 211 -24.33 23.61 -29.26
CA CYS A 211 -25.05 24.84 -29.55
C CYS A 211 -26.42 24.77 -28.86
N VAL A 212 -26.57 25.54 -27.79
CA VAL A 212 -27.78 25.45 -26.98
C VAL A 212 -29.00 26.00 -27.73
N GLU A 213 -28.80 27.06 -28.52
CA GLU A 213 -29.90 27.64 -29.27
C GLU A 213 -29.36 28.39 -30.47
N GLY A 214 -30.23 28.61 -31.45
CA GLY A 214 -29.88 29.35 -32.65
C GLY A 214 -29.20 28.48 -33.69
N THR A 215 -29.01 29.07 -34.87
CA THR A 215 -28.36 28.42 -35.99
C THR A 215 -27.10 29.19 -36.36
N ALA A 216 -26.14 28.49 -36.98
CA ALA A 216 -24.89 29.12 -37.38
C ALA A 216 -24.28 28.34 -38.53
N ARG A 217 -23.54 29.06 -39.38
CA ARG A 217 -22.80 28.48 -40.48
C ARG A 217 -21.32 28.79 -40.28
N GLY A 218 -20.47 27.76 -40.37
CA GLY A 218 -19.06 27.94 -40.11
C GLY A 218 -18.21 27.16 -41.09
N ILE A 219 -16.97 27.63 -41.22
CA ILE A 219 -15.94 26.96 -42.02
C ILE A 219 -15.03 26.19 -41.08
N VAL A 220 -14.86 24.90 -41.35
CA VAL A 220 -14.00 24.08 -40.51
C VAL A 220 -12.56 24.51 -40.68
N VAL A 221 -11.89 24.78 -39.56
CA VAL A 221 -10.49 25.17 -39.58
C VAL A 221 -9.59 24.12 -38.94
N TYR A 222 -10.10 23.29 -38.04
CA TYR A 222 -9.34 22.20 -37.45
C TYR A 222 -10.21 20.95 -37.43
N THR A 223 -9.55 19.79 -37.47
CA THR A 223 -10.26 18.53 -37.63
C THR A 223 -9.55 17.44 -36.85
N GLY A 224 -10.30 16.70 -36.04
CA GLY A 224 -9.72 15.59 -35.30
C GLY A 224 -8.77 16.07 -34.22
N ASP A 225 -7.55 15.53 -34.25
CA ASP A 225 -6.56 15.86 -33.23
C ASP A 225 -6.06 17.30 -33.33
N ARG A 226 -6.28 17.96 -34.47
CA ARG A 226 -5.86 19.34 -34.64
C ARG A 226 -6.76 20.33 -33.92
N THR A 227 -7.94 19.91 -33.48
CA THR A 227 -8.85 20.81 -32.79
C THR A 227 -8.34 21.15 -31.40
N VAL A 228 -8.92 22.20 -30.82
CA VAL A 228 -8.46 22.67 -29.51
C VAL A 228 -8.67 21.60 -28.45
N MET A 229 -9.86 21.00 -28.41
CA MET A 229 -10.13 19.92 -27.47
C MET A 229 -9.44 18.62 -27.88
N GLY A 230 -9.14 18.43 -29.17
CA GLY A 230 -8.37 17.26 -29.55
C GLY A 230 -6.96 17.28 -28.99
N ARG A 231 -6.32 18.45 -29.02
CA ARG A 231 -5.00 18.58 -28.40
C ARG A 231 -5.07 18.36 -26.90
N ILE A 232 -6.13 18.85 -26.26
CA ILE A 232 -6.30 18.65 -24.83
C ILE A 232 -6.49 17.17 -24.51
N ALA A 233 -7.27 16.47 -25.33
CA ALA A 233 -7.45 15.03 -25.13
C ALA A 233 -6.14 14.27 -25.32
N THR A 234 -5.38 14.61 -26.35
CA THR A 234 -4.09 13.96 -26.58
C THR A 234 -3.14 14.21 -25.43
N LEU A 235 -3.11 15.45 -24.92
CA LEU A 235 -2.26 15.79 -23.79
C LEU A 235 -2.68 15.03 -22.53
N ALA A 236 -3.99 14.96 -22.28
CA ALA A 236 -4.48 14.28 -21.07
C ALA A 236 -4.19 12.78 -21.11
N SER A 237 -4.40 12.16 -22.27
CA SER A 237 -4.15 10.71 -22.38
C SER A 237 -2.67 10.40 -22.27
N GLY A 238 -1.81 11.22 -22.89
CA GLY A 238 -0.38 10.97 -22.83
C GLY A 238 0.25 11.27 -21.49
N LEU A 239 -0.41 12.07 -20.65
CA LEU A 239 0.11 12.38 -19.33
C LEU A 239 -0.04 11.20 -18.40
N GLU A 240 0.82 11.16 -17.39
CA GLU A 240 0.69 10.24 -16.27
C GLU A 240 0.93 10.99 -14.97
N GLY A 241 0.36 10.46 -13.89
CA GLY A 241 0.61 11.02 -12.58
C GLY A 241 1.98 10.70 -12.02
N GLY A 242 2.73 9.81 -12.67
CA GLY A 242 4.05 9.46 -12.19
C GLY A 242 4.02 8.47 -11.04
N GLN A 243 4.97 8.62 -10.13
CA GLN A 243 5.11 7.75 -8.98
C GLN A 243 4.44 8.40 -7.77
N THR A 244 3.49 7.69 -7.17
CA THR A 244 2.82 8.19 -5.98
C THR A 244 3.81 8.24 -4.81
N PRO A 245 3.54 9.07 -3.81
CA PRO A 245 4.44 9.09 -2.63
C PRO A 245 4.59 7.75 -1.96
N ILE A 246 3.50 6.98 -1.85
CA ILE A 246 3.58 5.68 -1.20
C ILE A 246 4.44 4.71 -2.01
N ALA A 247 4.36 4.80 -3.34
CA ALA A 247 5.22 3.97 -4.18
C ALA A 247 6.68 4.33 -3.99
N ALA A 248 6.99 5.63 -3.87
CA ALA A 248 8.35 6.06 -3.62
C ALA A 248 8.86 5.53 -2.28
N GLU A 249 8.03 5.61 -1.23
CA GLU A 249 8.44 5.08 0.07
C GLU A 249 8.63 3.57 0.02
N ILE A 250 7.76 2.87 -0.69
CA ILE A 250 7.86 1.41 -0.81
C ILE A 250 9.15 1.04 -1.51
N GLU A 251 9.46 1.69 -2.62
CA GLU A 251 10.70 1.39 -3.32
C GLU A 251 11.91 1.78 -2.49
N HIS A 252 11.80 2.81 -1.65
CA HIS A 252 12.92 3.18 -0.79
C HIS A 252 13.23 2.09 0.22
N PHE A 253 12.21 1.59 0.94
CA PHE A 253 12.54 0.57 1.93
C PHE A 253 12.86 -0.75 1.26
N ILE A 254 12.33 -0.99 0.06
CA ILE A 254 12.72 -2.16 -0.70
C ILE A 254 14.20 -2.10 -1.05
N HIS A 255 14.68 -0.92 -1.48
CA HIS A 255 16.10 -0.75 -1.75
C HIS A 255 16.93 -0.99 -0.51
N ILE A 256 16.49 -0.45 0.64
CA ILE A 256 17.24 -0.61 1.88
C ILE A 256 17.37 -2.09 2.24
N ILE A 257 16.24 -2.81 2.25
CA ILE A 257 16.25 -4.20 2.67
C ILE A 257 17.00 -5.06 1.66
N THR A 258 16.85 -4.76 0.37
CA THR A 258 17.57 -5.52 -0.65
C THR A 258 19.08 -5.31 -0.52
N GLY A 259 19.51 -4.09 -0.23
CA GLY A 259 20.93 -3.85 -0.01
C GLY A 259 21.45 -4.62 1.19
N VAL A 260 20.71 -4.61 2.29
CA VAL A 260 21.13 -5.37 3.48
C VAL A 260 21.23 -6.86 3.15
N ALA A 261 20.20 -7.38 2.47
CA ALA A 261 20.17 -8.79 2.13
C ALA A 261 21.32 -9.18 1.21
N VAL A 262 21.59 -8.36 0.19
CA VAL A 262 22.67 -8.66 -0.74
C VAL A 262 24.01 -8.62 -0.03
N PHE A 263 24.22 -7.61 0.82
CA PHE A 263 25.47 -7.51 1.55
C PHE A 263 25.71 -8.75 2.41
N LEU A 264 24.70 -9.12 3.23
CA LEU A 264 24.86 -10.29 4.08
C LEU A 264 25.06 -11.55 3.26
N GLY A 265 24.28 -11.72 2.19
CA GLY A 265 24.37 -12.93 1.40
C GLY A 265 25.73 -13.09 0.75
N VAL A 266 26.23 -12.04 0.12
CA VAL A 266 27.53 -12.16 -0.54
C VAL A 266 28.65 -12.34 0.49
N SER A 267 28.60 -11.58 1.58
CA SER A 267 29.68 -11.69 2.58
C SER A 267 29.74 -13.09 3.16
N PHE A 268 28.59 -13.64 3.55
CA PHE A 268 28.60 -14.95 4.18
C PHE A 268 28.72 -16.08 3.17
N PHE A 269 28.42 -15.84 1.89
CA PHE A 269 28.73 -16.84 0.87
C PHE A 269 30.23 -16.95 0.64
N ILE A 270 30.93 -15.81 0.55
CA ILE A 270 32.39 -15.87 0.47
C ILE A 270 32.97 -16.48 1.74
N LEU A 271 32.37 -16.18 2.90
CA LEU A 271 32.83 -16.79 4.13
C LEU A 271 32.67 -18.31 4.11
N SER A 272 31.53 -18.79 3.61
CA SER A 272 31.30 -20.23 3.53
C SER A 272 32.28 -20.89 2.56
N LEU A 273 32.57 -20.22 1.43
CA LEU A 273 33.54 -20.77 0.49
C LEU A 273 34.93 -20.82 1.10
N ILE A 274 35.30 -19.79 1.87
CA ILE A 274 36.61 -19.78 2.52
C ILE A 274 36.70 -20.90 3.55
N LEU A 275 35.61 -21.17 4.26
CA LEU A 275 35.57 -22.24 5.27
C LEU A 275 35.44 -23.63 4.66
N GLU A 276 35.70 -23.77 3.37
CA GLU A 276 35.74 -25.06 2.68
C GLU A 276 34.40 -25.79 2.77
N TYR A 277 33.31 -25.03 2.67
CA TYR A 277 32.01 -25.65 2.47
C TYR A 277 31.93 -26.23 1.07
N THR A 278 31.19 -27.34 0.93
CA THR A 278 30.93 -27.85 -0.40
C THR A 278 29.90 -26.97 -1.10
N TRP A 279 29.76 -27.17 -2.41
CA TRP A 279 28.85 -26.34 -3.20
C TRP A 279 27.42 -26.50 -2.71
N LEU A 280 26.99 -27.72 -2.39
CA LEU A 280 25.64 -27.93 -1.91
C LEU A 280 25.40 -27.24 -0.58
N GLU A 281 26.33 -27.36 0.36
CA GLU A 281 26.17 -26.71 1.66
C GLU A 281 26.17 -25.20 1.53
N ALA A 282 27.05 -24.65 0.70
CA ALA A 282 27.08 -23.20 0.50
C ALA A 282 25.78 -22.71 -0.14
N VAL A 283 25.25 -23.45 -1.11
CA VAL A 283 23.99 -23.06 -1.75
C VAL A 283 22.85 -23.12 -0.76
N ILE A 284 22.81 -24.16 0.08
CA ILE A 284 21.76 -24.28 1.09
C ILE A 284 21.83 -23.10 2.07
N PHE A 285 23.05 -22.76 2.50
CA PHE A 285 23.22 -21.64 3.41
C PHE A 285 22.79 -20.33 2.76
N LEU A 286 23.13 -20.13 1.49
CA LEU A 286 22.74 -18.92 0.79
C LEU A 286 21.22 -18.83 0.65
N ILE A 287 20.56 -19.95 0.35
CA ILE A 287 19.10 -19.96 0.27
C ILE A 287 18.50 -19.57 1.61
N GLY A 288 19.02 -20.15 2.70
CA GLY A 288 18.52 -19.80 4.01
C GLY A 288 18.69 -18.33 4.34
N ILE A 289 19.85 -17.76 4.02
CA ILE A 289 20.10 -16.35 4.29
C ILE A 289 19.17 -15.47 3.47
N ILE A 290 18.98 -15.80 2.20
CA ILE A 290 18.10 -15.01 1.34
C ILE A 290 16.67 -15.04 1.85
N VAL A 291 16.19 -16.23 2.22
CA VAL A 291 14.81 -16.34 2.71
C VAL A 291 14.64 -15.62 4.04
N ALA A 292 15.65 -15.70 4.91
CA ALA A 292 15.56 -15.01 6.19
C ALA A 292 15.60 -13.51 6.05
N ASN A 293 16.36 -12.99 5.09
CA ASN A 293 16.49 -11.54 4.95
C ASN A 293 15.27 -10.91 4.29
N VAL A 294 14.63 -11.61 3.37
CA VAL A 294 13.51 -11.03 2.61
C VAL A 294 12.25 -11.11 3.45
N PRO A 295 11.55 -9.99 3.68
CA PRO A 295 10.20 -10.09 4.25
C PRO A 295 9.21 -10.59 3.22
N GLU A 296 8.79 -11.86 3.34
CA GLU A 296 8.02 -12.47 2.26
C GLU A 296 6.58 -11.96 2.22
N GLY A 297 6.01 -11.60 3.37
CA GLY A 297 4.65 -11.11 3.42
C GLY A 297 4.47 -9.62 3.60
N LEU A 298 5.54 -8.82 3.49
CA LEU A 298 5.43 -7.40 3.79
C LEU A 298 4.62 -6.66 2.73
N LEU A 299 4.95 -6.87 1.45
CA LEU A 299 4.28 -6.12 0.39
C LEU A 299 2.80 -6.47 0.31
N ALA A 300 2.47 -7.76 0.48
CA ALA A 300 1.06 -8.14 0.50
C ALA A 300 0.36 -7.54 1.70
N THR A 301 1.04 -7.44 2.84
CA THR A 301 0.47 -6.78 4.01
C THR A 301 0.20 -5.31 3.73
N VAL A 302 1.12 -4.64 3.04
CA VAL A 302 0.91 -3.23 2.67
C VAL A 302 -0.29 -3.10 1.75
N THR A 303 -0.41 -3.98 0.77
CA THR A 303 -1.56 -3.94 -0.14
C THR A 303 -2.86 -4.18 0.61
N VAL A 304 -2.86 -5.12 1.56
CA VAL A 304 -4.08 -5.40 2.32
C VAL A 304 -4.45 -4.22 3.20
N CYS A 305 -3.47 -3.57 3.82
CA CYS A 305 -3.75 -2.38 4.62
C CYS A 305 -4.32 -1.26 3.76
N LEU A 306 -3.75 -1.06 2.57
CA LEU A 306 -4.29 -0.05 1.66
C LEU A 306 -5.71 -0.39 1.23
N THR A 307 -5.98 -1.67 0.96
CA THR A 307 -7.34 -2.08 0.58
C THR A 307 -8.31 -1.84 1.72
N LEU A 308 -7.90 -2.14 2.96
CA LEU A 308 -8.78 -1.94 4.10
C LEU A 308 -9.10 -0.47 4.30
N THR A 309 -8.11 0.41 4.18
CA THR A 309 -8.39 1.83 4.35
C THR A 309 -9.13 2.42 3.15
N ALA A 310 -9.02 1.81 1.98
CA ALA A 310 -9.82 2.25 0.84
C ALA A 310 -11.29 1.83 1.00
N LYS A 311 -11.52 0.63 1.54
CA LYS A 311 -12.88 0.21 1.83
C LYS A 311 -13.47 0.95 3.01
N ARG A 312 -12.63 1.46 3.92
CA ARG A 312 -13.13 2.30 5.00
C ARG A 312 -13.70 3.60 4.46
N MET A 313 -13.06 4.20 3.44
CA MET A 313 -13.54 5.44 2.86
C MET A 313 -14.68 5.24 1.87
N ALA A 314 -14.81 4.04 1.29
CA ALA A 314 -15.95 3.77 0.44
C ALA A 314 -17.25 3.78 1.21
N ARG A 315 -17.20 3.60 2.54
CA ARG A 315 -18.39 3.74 3.37
C ARG A 315 -18.79 5.19 3.55
N LYS A 316 -17.90 6.13 3.23
CA LYS A 316 -18.19 7.56 3.30
C LYS A 316 -18.38 8.16 1.91
N ASN A 317 -18.89 7.38 0.96
CA ASN A 317 -19.20 7.84 -0.38
C ASN A 317 -17.98 8.42 -1.08
N CYS A 318 -16.83 7.78 -0.89
CA CYS A 318 -15.56 8.26 -1.42
C CYS A 318 -14.88 7.11 -2.16
N LEU A 319 -15.19 6.97 -3.44
CA LEU A 319 -14.66 5.87 -4.24
C LEU A 319 -13.19 6.09 -4.55
N VAL A 320 -12.38 5.08 -4.30
CA VAL A 320 -10.95 5.12 -4.59
C VAL A 320 -10.70 4.23 -5.80
N LYS A 321 -10.24 4.83 -6.89
CA LYS A 321 -10.00 4.08 -8.12
C LYS A 321 -8.62 3.46 -8.16
N ASN A 322 -7.59 4.20 -7.76
CA ASN A 322 -6.23 3.68 -7.66
C ASN A 322 -5.92 3.50 -6.18
N LEU A 323 -5.51 2.29 -5.80
CA LEU A 323 -5.34 1.96 -4.38
C LEU A 323 -4.26 2.82 -3.73
N GLU A 324 -3.30 3.31 -4.50
CA GLU A 324 -2.22 4.12 -3.95
C GLU A 324 -2.68 5.52 -3.57
N ALA A 325 -3.87 5.93 -3.96
CA ALA A 325 -4.36 7.29 -3.69
C ALA A 325 -4.87 7.45 -2.26
N VAL A 326 -4.98 6.37 -1.49
CA VAL A 326 -5.46 6.47 -0.12
C VAL A 326 -4.45 7.16 0.79
N GLU A 327 -3.20 7.28 0.35
CA GLU A 327 -2.15 7.94 1.12
C GLU A 327 -1.76 9.30 0.54
N THR A 328 -1.95 9.51 -0.76
CA THR A 328 -1.53 10.76 -1.39
C THR A 328 -2.26 11.95 -0.77
N LEU A 329 -3.53 11.79 -0.44
CA LEU A 329 -4.29 12.89 0.16
C LEU A 329 -3.73 13.26 1.54
N GLY A 330 -3.35 12.25 2.33
CA GLY A 330 -2.70 12.53 3.59
C GLY A 330 -1.33 13.17 3.44
N SER A 331 -0.62 12.83 2.37
CA SER A 331 0.68 13.43 2.09
C SER A 331 0.59 14.78 1.39
N THR A 332 -0.61 15.19 0.98
CA THR A 332 -0.78 16.40 0.19
C THR A 332 -0.43 17.66 0.99
N SER A 333 0.31 18.55 0.35
CA SER A 333 0.62 19.85 0.94
C SER A 333 0.01 21.03 0.19
N THR A 334 -0.50 20.82 -1.03
CA THR A 334 -1.15 21.87 -1.80
C THR A 334 -2.35 21.29 -2.53
N ILE A 335 -3.47 22.01 -2.49
CA ILE A 335 -4.68 21.61 -3.18
C ILE A 335 -5.01 22.69 -4.20
N CYS A 336 -5.11 22.30 -5.47
CA CYS A 336 -5.50 23.18 -6.56
C CYS A 336 -6.92 22.81 -6.96
N SER A 337 -7.90 23.59 -6.49
CA SER A 337 -9.30 23.26 -6.61
C SER A 337 -9.98 24.12 -7.66
N ASP A 338 -10.82 23.48 -8.47
CA ASP A 338 -11.70 24.18 -9.39
C ASP A 338 -12.81 24.89 -8.60
N LYS A 339 -13.41 25.91 -9.22
CA LYS A 339 -14.47 26.65 -8.56
C LYS A 339 -15.86 26.12 -8.91
N THR A 340 -16.21 26.16 -10.20
CA THR A 340 -17.58 25.89 -10.62
C THR A 340 -17.86 24.39 -10.57
N GLY A 341 -18.82 23.99 -9.73
CA GLY A 341 -19.17 22.60 -9.57
C GLY A 341 -18.33 21.87 -8.55
N THR A 342 -17.21 22.45 -8.13
CA THR A 342 -16.34 21.87 -7.13
C THR A 342 -16.44 22.58 -5.79
N LEU A 343 -16.17 23.89 -5.78
CA LEU A 343 -16.37 24.71 -4.59
C LEU A 343 -17.78 25.27 -4.52
N THR A 344 -18.39 25.57 -5.66
CA THR A 344 -19.75 26.05 -5.74
C THR A 344 -20.68 24.93 -6.18
N GLN A 345 -21.98 25.22 -6.19
CA GLN A 345 -22.99 24.24 -6.54
C GLN A 345 -23.33 24.22 -8.03
N ASN A 346 -22.71 25.09 -8.83
CA ASN A 346 -22.97 25.17 -10.27
C ASN A 346 -24.45 25.42 -10.56
N ARG A 347 -25.06 26.29 -9.76
CA ARG A 347 -26.46 26.63 -9.94
C ARG A 347 -26.68 28.06 -9.48
N MET A 348 -27.26 28.89 -10.35
CA MET A 348 -27.59 30.26 -9.99
C MET A 348 -28.61 30.25 -8.84
N THR A 349 -28.33 31.03 -7.81
CA THR A 349 -29.13 31.02 -6.60
C THR A 349 -29.26 32.44 -6.06
N VAL A 350 -30.45 32.79 -5.60
CA VAL A 350 -30.66 34.08 -4.94
C VAL A 350 -29.88 34.09 -3.64
N ALA A 351 -29.05 35.11 -3.45
CA ALA A 351 -28.16 35.20 -2.31
C ALA A 351 -28.53 36.35 -1.38
N HIS A 352 -28.63 37.57 -1.90
CA HIS A 352 -28.94 38.75 -1.11
C HIS A 352 -30.07 39.52 -1.74
N MET A 353 -30.83 40.21 -0.91
CA MET A 353 -31.92 41.07 -1.37
C MET A 353 -31.91 42.36 -0.57
N TRP A 354 -32.38 43.44 -1.19
CA TRP A 354 -32.43 44.75 -0.57
C TRP A 354 -33.84 45.31 -0.68
N PHE A 355 -34.60 45.21 0.41
CA PHE A 355 -35.88 45.89 0.52
C PHE A 355 -36.05 46.37 1.96
N ASP A 356 -36.91 47.38 2.12
CA ASP A 356 -37.05 48.10 3.40
C ASP A 356 -35.71 48.69 3.85
N ASN A 357 -34.93 49.19 2.87
CA ASN A 357 -33.67 49.86 3.13
C ASN A 357 -32.72 49.00 3.97
N GLN A 358 -32.76 47.69 3.72
CA GLN A 358 -31.96 46.75 4.50
C GLN A 358 -31.61 45.55 3.63
N ILE A 359 -30.38 45.09 3.76
CA ILE A 359 -29.91 43.92 3.03
C ILE A 359 -30.41 42.66 3.72
N HIS A 360 -31.03 41.77 2.96
CA HIS A 360 -31.53 40.50 3.47
C HIS A 360 -30.71 39.37 2.86
N GLU A 361 -30.28 38.43 3.70
CA GLU A 361 -29.50 37.28 3.27
C GLU A 361 -30.39 36.04 3.24
N ALA A 362 -30.41 35.37 2.09
CA ALA A 362 -31.15 34.14 1.92
C ALA A 362 -30.25 32.93 2.15
N ASP A 363 -30.88 31.77 2.29
CA ASP A 363 -30.16 30.52 2.51
C ASP A 363 -29.80 29.91 1.15
N THR A 364 -28.51 29.91 0.84
CA THR A 364 -28.02 29.42 -0.45
C THR A 364 -27.56 27.97 -0.43
N THR A 365 -27.67 27.30 0.72
CA THR A 365 -27.22 25.92 0.81
C THR A 365 -28.14 25.00 0.01
N GLU A 366 -27.58 23.88 -0.46
CA GLU A 366 -28.36 22.94 -1.25
C GLU A 366 -29.37 22.18 -0.40
N ASN A 367 -29.07 21.95 0.87
CA ASN A 367 -29.96 21.24 1.77
C ASN A 367 -30.89 22.18 2.54
N GLN A 368 -30.75 23.49 2.37
CA GLN A 368 -31.59 24.48 3.03
C GLN A 368 -31.57 24.31 4.55
N SER A 369 -30.38 24.01 5.10
CA SER A 369 -30.23 23.81 6.52
C SER A 369 -30.04 25.12 7.29
N GLY A 370 -29.76 26.22 6.61
CA GLY A 370 -29.53 27.48 7.27
C GLY A 370 -30.81 28.21 7.62
N VAL A 371 -30.65 29.39 8.19
CA VAL A 371 -31.78 30.24 8.58
C VAL A 371 -32.08 31.20 7.44
N SER A 372 -33.35 31.58 7.33
CA SER A 372 -33.82 32.45 6.25
C SER A 372 -34.11 33.85 6.79
N PHE A 373 -34.53 34.72 5.87
CA PHE A 373 -34.86 36.11 6.18
C PHE A 373 -36.30 36.18 6.67
N ASP A 374 -36.83 37.40 6.79
CA ASP A 374 -38.17 37.62 7.31
C ASP A 374 -39.18 37.67 6.17
N LYS A 375 -40.23 36.85 6.27
CA LYS A 375 -41.29 36.78 5.26
C LYS A 375 -42.57 37.49 5.71
N THR A 376 -42.47 38.37 6.70
CA THR A 376 -43.63 39.04 7.29
C THR A 376 -43.75 40.49 6.84
N SER A 377 -43.46 40.79 5.58
CA SER A 377 -43.47 42.15 5.08
C SER A 377 -44.34 42.23 3.82
N ALA A 378 -45.20 43.25 3.76
CA ALA A 378 -46.05 43.44 2.59
C ALA A 378 -45.22 43.77 1.35
N THR A 379 -44.18 44.60 1.52
CA THR A 379 -43.30 44.88 0.39
C THR A 379 -42.52 43.64 -0.03
N TRP A 380 -42.21 42.75 0.92
CA TRP A 380 -41.60 41.48 0.54
C TRP A 380 -42.58 40.62 -0.26
N LEU A 381 -43.85 40.61 0.14
CA LEU A 381 -44.84 39.88 -0.63
C LEU A 381 -44.95 40.43 -2.06
N ALA A 382 -44.95 41.75 -2.19
CA ALA A 382 -44.97 42.36 -3.52
C ALA A 382 -43.72 42.00 -4.31
N LEU A 383 -42.55 42.03 -3.67
CA LEU A 383 -41.31 41.68 -4.35
C LEU A 383 -41.32 40.24 -4.82
N SER A 384 -41.77 39.32 -3.98
CA SER A 384 -41.83 37.92 -4.36
C SER A 384 -42.82 37.71 -5.50
N ARG A 385 -43.97 38.39 -5.43
CA ARG A 385 -44.93 38.33 -6.53
C ARG A 385 -44.29 38.77 -7.84
N ILE A 386 -43.64 39.93 -7.84
CA ILE A 386 -43.04 40.45 -9.07
C ILE A 386 -41.96 39.51 -9.58
N ALA A 387 -41.09 39.04 -8.67
CA ALA A 387 -39.97 38.20 -9.07
C ALA A 387 -40.46 36.89 -9.68
N GLY A 388 -41.34 36.18 -8.98
CA GLY A 388 -41.81 34.90 -9.46
C GLY A 388 -42.91 34.97 -10.50
N LEU A 389 -43.43 36.15 -10.80
CA LEU A 389 -44.49 36.30 -11.78
C LEU A 389 -44.02 36.95 -13.08
N CYS A 390 -42.88 37.64 -13.07
CA CYS A 390 -42.30 38.18 -14.28
C CYS A 390 -41.43 37.15 -15.01
N ASN A 391 -41.25 35.97 -14.45
CA ASN A 391 -40.47 34.92 -15.08
C ASN A 391 -41.21 34.33 -16.27
N ARG A 392 -40.43 33.85 -17.23
CA ARG A 392 -40.95 33.01 -18.30
C ARG A 392 -40.65 31.54 -18.08
N ALA A 393 -39.61 31.23 -17.31
CA ALA A 393 -39.22 29.86 -17.06
C ALA A 393 -40.24 29.14 -16.19
N VAL A 394 -40.43 27.85 -16.47
CA VAL A 394 -41.38 27.01 -15.75
C VAL A 394 -40.72 25.67 -15.44
N PHE A 395 -41.18 25.02 -14.39
CA PHE A 395 -40.68 23.69 -14.05
C PHE A 395 -41.05 22.68 -15.11
N GLN A 396 -40.15 21.73 -15.35
CA GLN A 396 -40.44 20.63 -16.24
C GLN A 396 -41.37 19.62 -15.55
N ALA A 397 -42.05 18.81 -16.36
CA ALA A 397 -43.03 17.88 -15.84
C ALA A 397 -42.37 16.61 -15.33
N ASN A 398 -43.14 15.85 -14.55
CA ASN A 398 -42.73 14.53 -14.06
C ASN A 398 -41.45 14.59 -13.24
N GLN A 399 -41.29 15.66 -12.45
CA GLN A 399 -40.19 15.73 -11.48
C GLN A 399 -40.65 16.36 -10.18
N GLU A 400 -41.91 16.14 -9.79
CA GLU A 400 -42.43 16.71 -8.55
C GLU A 400 -41.93 15.99 -7.32
N ASN A 401 -41.44 14.76 -7.46
CA ASN A 401 -40.93 13.99 -6.32
C ASN A 401 -39.43 14.23 -6.16
N LEU A 402 -39.07 15.49 -6.02
CA LEU A 402 -37.68 15.91 -5.90
C LEU A 402 -37.63 17.17 -5.03
N PRO A 403 -36.50 17.43 -4.40
CA PRO A 403 -36.32 18.73 -3.74
C PRO A 403 -36.41 19.85 -4.75
N ILE A 404 -36.94 21.00 -4.31
CA ILE A 404 -37.20 22.11 -5.23
C ILE A 404 -35.90 22.58 -5.87
N LEU A 405 -34.84 22.71 -5.08
CA LEU A 405 -33.56 23.19 -5.60
C LEU A 405 -32.90 22.19 -6.56
N LYS A 406 -33.38 20.95 -6.61
CA LYS A 406 -32.78 19.91 -7.43
C LYS A 406 -33.69 19.49 -8.59
N ARG A 407 -34.42 20.44 -9.16
CA ARG A 407 -35.30 20.17 -10.29
C ARG A 407 -34.89 21.02 -11.48
N ALA A 408 -34.82 20.40 -12.65
CA ALA A 408 -34.46 21.11 -13.87
C ALA A 408 -35.55 22.08 -14.27
N VAL A 409 -35.15 23.25 -14.74
CA VAL A 409 -36.06 24.30 -15.16
C VAL A 409 -35.70 24.73 -16.57
N ALA A 410 -36.70 24.83 -17.44
CA ALA A 410 -36.49 25.25 -18.83
C ALA A 410 -36.53 26.77 -18.88
N GLY A 411 -35.35 27.38 -18.82
CA GLY A 411 -35.28 28.83 -18.88
C GLY A 411 -33.87 29.31 -18.58
N ASP A 412 -33.75 30.61 -18.40
CA ASP A 412 -32.47 31.23 -18.09
C ASP A 412 -32.03 30.87 -16.67
N ALA A 413 -30.74 31.02 -16.42
CA ALA A 413 -30.20 30.70 -15.10
C ALA A 413 -30.73 31.64 -14.03
N SER A 414 -30.77 32.94 -14.31
CA SER A 414 -31.34 33.89 -13.36
C SER A 414 -32.83 33.66 -13.19
N GLU A 415 -33.53 33.36 -14.30
CA GLU A 415 -34.95 33.07 -14.24
C GLU A 415 -35.21 31.86 -13.35
N SER A 416 -34.41 30.81 -13.52
CA SER A 416 -34.57 29.61 -12.71
C SER A 416 -34.24 29.88 -11.25
N ALA A 417 -33.23 30.71 -10.99
CA ALA A 417 -32.90 31.07 -9.61
C ALA A 417 -34.07 31.77 -8.95
N LEU A 418 -34.67 32.74 -9.65
CA LEU A 418 -35.83 33.44 -9.09
C LEU A 418 -37.00 32.48 -8.88
N LEU A 419 -37.24 31.59 -9.84
CA LEU A 419 -38.34 30.64 -9.71
C LEU A 419 -38.16 29.74 -8.49
N LYS A 420 -36.96 29.19 -8.31
CA LYS A 420 -36.70 28.31 -7.18
C LYS A 420 -36.77 29.08 -5.87
N CYS A 421 -36.29 30.33 -5.84
CA CYS A 421 -36.40 31.13 -4.63
C CYS A 421 -37.86 31.38 -4.26
N ILE A 422 -38.69 31.69 -5.26
CA ILE A 422 -40.11 31.91 -4.98
C ILE A 422 -40.77 30.65 -4.47
N GLU A 423 -40.45 29.49 -5.07
CA GLU A 423 -40.98 28.23 -4.59
C GLU A 423 -40.57 27.97 -3.14
N LEU A 424 -39.32 28.23 -2.80
CA LEU A 424 -38.87 28.02 -1.42
C LEU A 424 -39.59 28.95 -0.46
N CYS A 425 -39.75 30.22 -0.84
CA CYS A 425 -40.24 31.21 0.12
C CYS A 425 -41.77 31.19 0.24
N CYS A 426 -42.47 31.44 -0.86
CA CYS A 426 -43.92 31.60 -0.80
C CYS A 426 -44.61 30.80 -1.89
N GLY A 427 -45.41 29.82 -1.49
CA GLY A 427 -46.37 29.16 -2.34
C GLY A 427 -45.76 28.54 -3.59
N SER A 428 -46.55 28.54 -4.66
CA SER A 428 -46.18 27.92 -5.92
C SER A 428 -46.36 28.91 -7.05
N VAL A 429 -45.36 28.97 -7.94
CA VAL A 429 -45.40 29.90 -9.06
C VAL A 429 -46.54 29.55 -10.02
N LYS A 430 -46.81 28.26 -10.21
CA LYS A 430 -47.91 27.86 -11.08
C LYS A 430 -49.25 28.38 -10.57
N GLU A 431 -49.51 28.18 -9.27
CA GLU A 431 -50.76 28.67 -8.70
C GLU A 431 -50.82 30.19 -8.70
N MET A 432 -49.68 30.86 -8.46
CA MET A 432 -49.69 32.32 -8.47
C MET A 432 -49.96 32.86 -9.87
N ARG A 433 -49.40 32.21 -10.90
CA ARG A 433 -49.71 32.60 -12.27
C ARG A 433 -51.17 32.31 -12.61
N GLU A 434 -51.73 31.22 -12.06
CA GLU A 434 -53.16 30.98 -12.24
C GLU A 434 -53.99 32.09 -11.62
N ARG A 435 -53.57 32.58 -10.45
CA ARG A 435 -54.29 33.67 -9.79
C ARG A 435 -54.23 34.95 -10.61
N TYR A 436 -53.06 35.28 -11.17
CA TYR A 436 -52.85 36.49 -11.96
C TYR A 436 -52.58 36.08 -13.40
N ALA A 437 -53.61 36.09 -14.23
CA ALA A 437 -53.49 35.65 -15.61
C ALA A 437 -52.81 36.71 -16.47
N LYS A 438 -51.83 36.30 -17.26
CA LYS A 438 -51.19 37.19 -18.22
C LYS A 438 -52.17 37.62 -19.31
N ILE A 439 -52.04 38.87 -19.75
CA ILE A 439 -52.83 39.38 -20.87
C ILE A 439 -51.91 39.93 -21.94
N VAL A 440 -50.71 40.34 -21.56
CA VAL A 440 -49.72 40.85 -22.51
C VAL A 440 -48.35 40.87 -21.85
N GLU A 441 -47.30 40.68 -22.64
CA GLU A 441 -45.93 40.68 -22.14
C GLU A 441 -45.03 41.40 -23.13
N ILE A 442 -43.85 41.80 -22.65
CA ILE A 442 -42.82 42.37 -23.49
C ILE A 442 -41.50 41.70 -23.14
N PRO A 443 -40.88 40.96 -24.05
CA PRO A 443 -39.66 40.22 -23.69
C PRO A 443 -38.46 41.15 -23.53
N PHE A 444 -37.35 40.54 -23.14
CA PHE A 444 -36.11 41.28 -22.93
C PHE A 444 -35.48 41.63 -24.28
N ASN A 445 -34.90 42.82 -24.35
CA ASN A 445 -34.21 43.27 -25.55
C ASN A 445 -32.89 43.92 -25.17
N SER A 446 -31.94 43.91 -26.11
CA SER A 446 -30.60 44.43 -25.84
C SER A 446 -30.64 45.92 -25.52
N THR A 447 -31.43 46.69 -26.27
CA THR A 447 -31.52 48.12 -26.06
C THR A 447 -32.60 48.50 -25.05
N ASN A 448 -33.41 47.56 -24.60
CA ASN A 448 -34.49 47.83 -23.67
C ASN A 448 -34.02 47.78 -22.22
N LYS A 449 -33.34 46.70 -21.83
CA LYS A 449 -32.78 46.49 -20.50
C LYS A 449 -33.85 46.30 -19.43
N TYR A 450 -35.09 45.99 -19.82
CA TYR A 450 -36.11 45.69 -18.83
C TYR A 450 -37.17 44.80 -19.45
N GLN A 451 -37.88 44.08 -18.59
CA GLN A 451 -39.02 43.25 -18.96
C GLN A 451 -40.23 43.72 -18.16
N LEU A 452 -41.36 43.89 -18.84
CA LEU A 452 -42.58 44.29 -18.17
C LEU A 452 -43.75 43.42 -18.64
N SER A 453 -44.70 43.19 -17.74
CA SER A 453 -45.87 42.40 -18.03
C SER A 453 -47.08 43.03 -17.36
N ILE A 454 -48.26 42.74 -17.91
CA ILE A 454 -49.52 43.30 -17.43
C ILE A 454 -50.47 42.14 -17.16
N HIS A 455 -51.13 42.17 -16.00
CA HIS A 455 -52.00 41.07 -15.60
C HIS A 455 -53.08 41.60 -14.66
N LYS A 456 -53.85 40.67 -14.10
CA LYS A 456 -54.99 41.03 -13.26
C LYS A 456 -54.53 41.50 -11.89
N ASN A 457 -55.35 42.34 -11.27
CA ASN A 457 -55.03 42.91 -9.97
C ASN A 457 -55.21 41.88 -8.85
N PRO A 458 -54.60 42.12 -7.69
CA PRO A 458 -54.81 41.22 -6.56
C PRO A 458 -56.02 41.59 -5.71
N ASN A 459 -56.54 42.80 -5.90
CA ASN A 459 -57.56 43.36 -5.04
C ASN A 459 -58.98 43.03 -5.48
N THR A 460 -59.14 42.18 -6.50
CA THR A 460 -60.41 41.68 -7.02
C THR A 460 -61.21 42.77 -7.74
N SER A 461 -60.76 44.03 -7.70
CA SER A 461 -61.47 45.10 -8.39
C SER A 461 -61.23 45.01 -9.89
N GLU A 462 -62.31 45.12 -10.66
CA GLU A 462 -62.20 45.05 -12.11
C GLU A 462 -61.36 46.18 -12.71
N PRO A 463 -61.58 47.46 -12.37
CA PRO A 463 -60.77 48.51 -13.00
C PRO A 463 -59.28 48.41 -12.71
N GLN A 464 -58.90 47.92 -11.54
CA GLN A 464 -57.50 47.92 -11.13
C GLN A 464 -56.70 46.87 -11.87
N HIS A 465 -55.45 47.21 -12.20
CA HIS A 465 -54.45 46.27 -12.71
C HIS A 465 -53.08 46.78 -12.27
N LEU A 466 -52.09 45.89 -12.38
CA LEU A 466 -50.72 46.25 -12.02
C LEU A 466 -49.76 45.74 -13.09
N LEU A 467 -48.67 46.48 -13.25
CA LEU A 467 -47.65 46.22 -14.28
C LEU A 467 -46.34 45.89 -13.59
N VAL A 468 -45.99 44.61 -13.56
CA VAL A 468 -44.73 44.18 -12.96
C VAL A 468 -43.60 44.41 -13.94
N MET A 469 -42.43 44.79 -13.43
CA MET A 469 -41.26 45.07 -14.26
C MET A 469 -40.01 44.51 -13.62
N LYS A 470 -39.09 44.04 -14.46
CA LYS A 470 -37.79 43.56 -14.04
C LYS A 470 -36.75 44.05 -15.05
N GLY A 471 -35.53 44.27 -14.57
CA GLY A 471 -34.47 44.72 -15.46
C GLY A 471 -33.22 45.12 -14.68
N ALA A 472 -32.37 45.88 -15.36
CA ALA A 472 -31.11 46.30 -14.76
C ALA A 472 -31.37 47.23 -13.59
N PRO A 473 -30.56 47.15 -12.52
CA PRO A 473 -30.85 47.98 -11.33
C PRO A 473 -30.61 49.45 -11.56
N GLU A 474 -29.51 49.82 -12.24
CA GLU A 474 -29.17 51.22 -12.41
C GLU A 474 -30.00 51.92 -13.46
N ARG A 475 -30.76 51.17 -14.26
CA ARG A 475 -31.72 51.75 -15.20
C ARG A 475 -33.16 51.70 -14.72
N ILE A 476 -33.47 50.83 -13.76
CA ILE A 476 -34.87 50.68 -13.32
C ILE A 476 -35.32 51.88 -12.49
N LEU A 477 -34.41 52.48 -11.70
CA LEU A 477 -34.82 53.61 -10.88
C LEU A 477 -35.04 54.87 -11.69
N ASP A 478 -34.42 54.97 -12.88
CA ASP A 478 -34.70 56.09 -13.76
C ASP A 478 -36.15 56.11 -14.20
N ARG A 479 -36.80 54.94 -14.23
CA ARG A 479 -38.20 54.81 -14.55
C ARG A 479 -39.09 54.72 -13.31
N CYS A 480 -38.51 54.88 -12.13
CA CYS A 480 -39.26 54.82 -10.88
C CYS A 480 -39.35 56.20 -10.25
N SER A 481 -40.46 56.44 -9.55
CA SER A 481 -40.66 57.67 -8.81
C SER A 481 -41.14 57.43 -7.38
N SER A 482 -41.25 56.17 -6.95
CA SER A 482 -41.68 55.86 -5.60
C SER A 482 -41.05 54.55 -5.18
N ILE A 483 -40.90 54.37 -3.87
CA ILE A 483 -40.34 53.15 -3.28
C ILE A 483 -41.31 52.69 -2.20
N LEU A 484 -41.67 51.41 -2.24
CA LEU A 484 -42.63 50.84 -1.30
C LEU A 484 -41.88 50.37 -0.06
N LEU A 485 -42.14 51.00 1.08
CA LEU A 485 -41.54 50.64 2.35
C LEU A 485 -42.61 50.07 3.26
N HIS A 486 -42.44 48.81 3.66
CA HIS A 486 -43.34 48.15 4.61
C HIS A 486 -44.78 48.18 4.11
N GLY A 487 -44.95 48.06 2.79
CA GLY A 487 -46.27 48.09 2.19
C GLY A 487 -46.86 49.47 1.99
N LYS A 488 -46.07 50.52 2.18
CA LYS A 488 -46.53 51.89 2.00
C LYS A 488 -45.80 52.55 0.84
N GLU A 489 -46.56 53.22 -0.02
CA GLU A 489 -46.01 53.89 -1.20
C GLU A 489 -45.41 55.22 -0.77
N GLN A 490 -44.08 55.32 -0.82
CA GLN A 490 -43.36 56.51 -0.42
C GLN A 490 -42.62 57.12 -1.60
N PRO A 491 -42.69 58.43 -1.77
CA PRO A 491 -42.06 59.06 -2.94
C PRO A 491 -40.54 58.97 -2.89
N LEU A 492 -39.94 59.19 -4.05
CA LEU A 492 -38.50 59.13 -4.20
C LEU A 492 -37.81 60.22 -3.36
N ASP A 493 -36.72 59.84 -2.70
CA ASP A 493 -35.91 60.77 -1.93
C ASP A 493 -34.46 60.66 -2.36
N GLU A 494 -33.75 61.79 -2.31
CA GLU A 494 -32.33 61.79 -2.67
C GLU A 494 -31.52 60.92 -1.73
N GLU A 495 -31.81 60.99 -0.43
CA GLU A 495 -31.14 60.12 0.53
C GLU A 495 -31.47 58.66 0.25
N LEU A 496 -32.71 58.38 -0.14
CA LEU A 496 -33.09 57.02 -0.50
C LEU A 496 -32.38 56.56 -1.77
N LYS A 497 -32.17 57.47 -2.73
CA LYS A 497 -31.38 57.13 -3.91
C LYS A 497 -29.94 56.81 -3.54
N ASP A 498 -29.37 57.58 -2.61
CA ASP A 498 -28.02 57.31 -2.15
C ASP A 498 -27.94 55.95 -1.46
N ALA A 499 -28.95 55.62 -0.64
CA ALA A 499 -29.00 54.31 -0.02
C ALA A 499 -29.11 53.20 -1.05
N PHE A 500 -29.92 53.41 -2.10
CA PHE A 500 -30.03 52.45 -3.17
C PHE A 500 -28.70 52.23 -3.87
N GLN A 501 -27.97 53.33 -4.13
CA GLN A 501 -26.66 53.21 -4.77
C GLN A 501 -25.68 52.46 -3.88
N ASN A 502 -25.70 52.75 -2.57
CA ASN A 502 -24.82 52.05 -1.65
C ASN A 502 -25.14 50.56 -1.62
N ALA A 503 -26.42 50.20 -1.59
CA ALA A 503 -26.80 48.79 -1.60
C ALA A 503 -26.40 48.12 -2.92
N TYR A 504 -26.55 48.84 -4.03
CA TYR A 504 -26.17 48.29 -5.33
C TYR A 504 -24.67 48.01 -5.39
N LEU A 505 -23.86 48.93 -4.86
CA LEU A 505 -22.41 48.68 -4.78
C LEU A 505 -22.11 47.53 -3.84
N GLU A 506 -22.81 47.44 -2.70
CA GLU A 506 -22.54 46.38 -1.74
C GLU A 506 -22.82 45.01 -2.35
N LEU A 507 -23.96 44.85 -3.02
CA LEU A 507 -24.30 43.57 -3.63
C LEU A 507 -23.46 43.31 -4.86
N GLY A 508 -23.17 44.36 -5.65
CA GLY A 508 -22.34 44.17 -6.83
C GLY A 508 -20.92 43.78 -6.50
N GLY A 509 -20.39 44.31 -5.40
CA GLY A 509 -19.02 43.99 -5.00
C GLY A 509 -18.85 42.59 -4.45
N LEU A 510 -19.95 41.90 -4.16
CA LEU A 510 -19.90 40.52 -3.70
C LEU A 510 -19.86 39.52 -4.86
N GLY A 511 -19.60 39.99 -6.07
CA GLY A 511 -19.59 39.12 -7.23
C GLY A 511 -20.96 38.61 -7.62
N GLU A 512 -22.01 39.32 -7.27
CA GLU A 512 -23.38 38.91 -7.52
C GLU A 512 -24.03 39.86 -8.51
N ARG A 513 -24.81 39.30 -9.45
CA ARG A 513 -25.53 40.10 -10.42
C ARG A 513 -26.89 40.50 -9.84
N VAL A 514 -27.21 41.79 -9.94
CA VAL A 514 -28.35 42.38 -9.26
C VAL A 514 -29.43 42.71 -10.29
N LEU A 515 -30.68 42.43 -9.95
CA LEU A 515 -31.82 42.77 -10.77
C LEU A 515 -32.81 43.58 -9.96
N GLY A 516 -33.39 44.60 -10.60
CA GLY A 516 -34.38 45.44 -9.96
C GLY A 516 -35.80 44.99 -10.28
N PHE A 517 -36.73 45.36 -9.41
CA PHE A 517 -38.13 45.01 -9.56
C PHE A 517 -39.00 46.20 -9.19
N CYS A 518 -40.03 46.45 -9.99
CA CYS A 518 -40.97 47.53 -9.70
C CYS A 518 -42.30 47.20 -10.32
N HIS A 519 -43.37 47.71 -9.69
CA HIS A 519 -44.71 47.52 -10.18
C HIS A 519 -45.47 48.83 -10.12
N LEU A 520 -46.40 49.02 -11.04
CA LEU A 520 -47.22 50.21 -11.11
C LEU A 520 -48.67 49.82 -11.21
N PHE A 521 -49.49 50.33 -10.31
CA PHE A 521 -50.93 50.08 -10.34
C PHE A 521 -51.61 51.12 -11.22
N LEU A 522 -52.64 50.67 -11.93
CA LEU A 522 -53.40 51.58 -12.78
C LEU A 522 -54.09 52.64 -11.92
N PRO A 523 -53.98 53.92 -12.27
CA PRO A 523 -54.51 54.98 -11.39
C PRO A 523 -56.03 54.97 -11.28
N ASP A 524 -56.73 54.93 -12.42
CA ASP A 524 -58.17 55.11 -12.42
C ASP A 524 -58.75 54.40 -13.64
N GLU A 525 -59.99 54.74 -13.98
CA GLU A 525 -60.70 54.14 -15.11
C GLU A 525 -60.15 54.59 -16.46
N GLN A 526 -59.11 55.43 -16.47
CA GLN A 526 -58.61 55.97 -17.75
C GLN A 526 -58.14 54.87 -18.68
N PHE A 527 -57.69 53.74 -18.14
CA PHE A 527 -57.36 52.56 -18.95
C PHE A 527 -58.27 51.41 -18.53
N PRO A 528 -59.34 51.14 -19.28
CA PRO A 528 -60.29 50.11 -18.86
C PRO A 528 -59.71 48.71 -19.00
N GLU A 529 -60.40 47.76 -18.36
CA GLU A 529 -59.94 46.37 -18.37
C GLU A 529 -59.92 45.80 -19.77
N GLY A 530 -60.93 46.11 -20.58
CA GLY A 530 -61.03 45.55 -21.91
C GLY A 530 -60.11 46.18 -22.94
N PHE A 531 -59.36 47.20 -22.56
CA PHE A 531 -58.46 47.87 -23.50
C PHE A 531 -57.42 46.88 -24.03
N GLN A 532 -57.20 46.91 -25.34
CA GLN A 532 -56.26 46.00 -25.99
C GLN A 532 -54.86 46.58 -25.85
N PHE A 533 -54.01 45.89 -25.08
CA PHE A 533 -52.61 46.26 -24.94
C PHE A 533 -51.74 45.68 -26.03
N ASP A 534 -52.30 44.85 -26.92
CA ASP A 534 -51.51 44.21 -27.97
C ASP A 534 -51.03 45.19 -29.02
N THR A 535 -51.57 46.42 -29.05
CA THR A 535 -51.15 47.42 -30.02
C THR A 535 -49.68 47.77 -29.84
N ASP A 536 -48.85 47.36 -30.79
CA ASP A 536 -47.42 47.59 -30.69
C ASP A 536 -47.09 49.07 -30.83
N ASP A 537 -46.00 49.49 -30.19
CA ASP A 537 -45.53 50.87 -30.24
C ASP A 537 -46.61 51.84 -29.76
N VAL A 538 -47.32 51.44 -28.71
CA VAL A 538 -48.40 52.27 -28.17
C VAL A 538 -47.80 53.51 -27.52
N ASN A 539 -48.59 54.60 -27.52
CA ASN A 539 -48.16 55.86 -26.94
C ASN A 539 -48.44 55.89 -25.44
N PHE A 540 -47.91 54.90 -24.74
CA PHE A 540 -48.04 54.76 -23.29
C PHE A 540 -46.65 54.60 -22.69
N PRO A 541 -45.91 55.70 -22.53
CA PRO A 541 -44.59 55.61 -21.89
C PRO A 541 -44.72 55.08 -20.47
N ILE A 542 -43.77 54.25 -20.08
CA ILE A 542 -43.77 53.62 -18.77
C ILE A 542 -42.88 54.44 -17.85
N ASP A 543 -43.47 55.04 -16.82
CA ASP A 543 -42.75 55.96 -15.95
C ASP A 543 -43.46 56.04 -14.62
N ASN A 544 -42.75 56.61 -13.63
CA ASN A 544 -43.29 56.82 -12.30
C ASN A 544 -43.78 55.51 -11.67
N LEU A 545 -42.92 54.50 -11.73
CA LEU A 545 -43.24 53.20 -11.16
C LEU A 545 -42.83 53.15 -9.69
N CYS A 546 -43.36 52.16 -8.98
CA CYS A 546 -43.09 51.96 -7.56
C CYS A 546 -42.02 50.91 -7.41
N PHE A 547 -40.80 51.35 -7.09
CA PHE A 547 -39.72 50.41 -6.83
C PHE A 547 -40.01 49.59 -5.58
N VAL A 548 -39.58 48.34 -5.59
CA VAL A 548 -39.85 47.39 -4.50
C VAL A 548 -38.57 46.92 -3.84
N GLY A 549 -37.64 46.38 -4.62
CA GLY A 549 -36.41 45.89 -4.04
C GLY A 549 -35.45 45.39 -5.10
N LEU A 550 -34.29 44.93 -4.63
CA LEU A 550 -33.24 44.36 -5.46
C LEU A 550 -33.02 42.91 -5.06
N ILE A 551 -32.72 42.07 -6.04
CA ILE A 551 -32.38 40.67 -5.80
C ILE A 551 -31.08 40.37 -6.53
N SER A 552 -30.13 39.77 -5.81
CA SER A 552 -28.82 39.43 -6.36
C SER A 552 -28.65 37.93 -6.42
N MET A 553 -28.10 37.44 -7.53
CA MET A 553 -27.94 36.02 -7.77
C MET A 553 -26.47 35.69 -7.98
N ILE A 554 -25.99 34.65 -7.29
CA ILE A 554 -24.63 34.17 -7.43
C ILE A 554 -24.65 32.64 -7.44
N ASP A 555 -23.56 32.07 -7.95
CA ASP A 555 -23.31 30.64 -7.83
C ASP A 555 -22.74 30.37 -6.44
N PRO A 556 -23.55 29.86 -5.51
CA PRO A 556 -23.13 29.83 -4.12
C PRO A 556 -22.20 28.66 -3.84
N PRO A 557 -21.34 28.79 -2.83
CA PRO A 557 -20.51 27.65 -2.42
C PRO A 557 -21.35 26.56 -1.80
N ARG A 558 -20.82 25.33 -1.87
CA ARG A 558 -21.47 24.21 -1.20
C ARG A 558 -21.42 24.40 0.31
N ALA A 559 -22.33 23.71 1.00
CA ALA A 559 -22.48 23.91 2.44
C ALA A 559 -21.21 23.55 3.20
N ALA A 560 -20.58 22.43 2.83
CA ALA A 560 -19.41 21.95 3.55
C ALA A 560 -18.10 22.57 3.05
N VAL A 561 -18.12 23.32 1.95
CA VAL A 561 -16.88 23.83 1.38
C VAL A 561 -16.15 24.80 2.30
N PRO A 562 -16.79 25.82 2.88
CA PRO A 562 -16.02 26.76 3.72
C PRO A 562 -15.35 26.11 4.92
N ASP A 563 -16.09 25.28 5.66
CA ASP A 563 -15.51 24.60 6.80
C ASP A 563 -14.41 23.65 6.39
N ALA A 564 -14.60 22.92 5.29
CA ALA A 564 -13.57 21.98 4.83
C ALA A 564 -12.31 22.71 4.40
N VAL A 565 -12.47 23.85 3.73
CA VAL A 565 -11.31 24.65 3.34
C VAL A 565 -10.59 25.16 4.58
N GLY A 566 -11.34 25.61 5.58
CA GLY A 566 -10.71 26.06 6.82
C GLY A 566 -9.94 24.93 7.51
N LYS A 567 -10.53 23.73 7.57
CA LYS A 567 -9.86 22.61 8.19
C LYS A 567 -8.62 22.18 7.42
N CYS A 568 -8.69 22.18 6.09
CA CYS A 568 -7.53 21.87 5.28
C CYS A 568 -6.41 22.88 5.49
N ARG A 569 -6.75 24.16 5.58
CA ARG A 569 -5.74 25.17 5.83
C ARG A 569 -5.17 25.06 7.24
N SER A 570 -6.00 24.65 8.21
CA SER A 570 -5.51 24.42 9.56
C SER A 570 -4.58 23.21 9.62
N ALA A 571 -4.79 22.23 8.75
CA ALA A 571 -3.91 21.07 8.66
C ALA A 571 -2.61 21.36 7.92
N GLY A 572 -2.32 22.62 7.63
CA GLY A 572 -1.09 22.99 6.95
C GLY A 572 -1.13 22.88 5.45
N ILE A 573 -2.28 22.61 4.85
CA ILE A 573 -2.40 22.45 3.41
C ILE A 573 -2.73 23.81 2.79
N LYS A 574 -1.94 24.20 1.79
CA LYS A 574 -2.18 25.44 1.06
C LYS A 574 -3.19 25.18 -0.04
N VAL A 575 -4.26 25.98 -0.08
CA VAL A 575 -5.35 25.79 -1.02
C VAL A 575 -5.26 26.88 -2.08
N ILE A 576 -5.12 26.48 -3.34
CA ILE A 576 -5.02 27.38 -4.47
C ILE A 576 -6.27 27.23 -5.31
N MET A 577 -6.82 28.35 -5.76
CA MET A 577 -8.02 28.38 -6.57
C MET A 577 -7.64 28.57 -8.03
N VAL A 578 -7.98 27.59 -8.87
CA VAL A 578 -7.70 27.64 -10.30
C VAL A 578 -9.04 27.46 -11.01
N THR A 579 -9.50 28.50 -11.70
CA THR A 579 -10.81 28.47 -12.33
C THR A 579 -10.76 29.14 -13.69
N GLY A 580 -11.68 28.74 -14.55
CA GLY A 580 -11.86 29.34 -15.86
C GLY A 580 -12.84 30.49 -15.90
N ASP A 581 -13.37 30.90 -14.76
CA ASP A 581 -14.34 31.99 -14.69
C ASP A 581 -13.62 33.34 -14.57
N HIS A 582 -14.41 34.41 -14.61
CA HIS A 582 -13.86 35.75 -14.60
C HIS A 582 -13.30 36.09 -13.22
N PRO A 583 -12.33 37.00 -13.15
CA PRO A 583 -11.64 37.25 -11.87
C PRO A 583 -12.54 37.75 -10.76
N ILE A 584 -13.57 38.55 -11.05
CA ILE A 584 -14.38 39.14 -9.99
C ILE A 584 -15.17 38.05 -9.26
N THR A 585 -15.85 37.19 -10.01
CA THR A 585 -16.60 36.10 -9.39
C THR A 585 -15.67 35.13 -8.68
N ALA A 586 -14.51 34.85 -9.27
CA ALA A 586 -13.54 33.97 -8.63
C ALA A 586 -13.08 34.53 -7.30
N LYS A 587 -12.75 35.82 -7.26
CA LYS A 587 -12.30 36.44 -6.01
C LYS A 587 -13.41 36.48 -4.99
N ALA A 588 -14.65 36.75 -5.42
CA ALA A 588 -15.77 36.75 -4.48
C ALA A 588 -15.96 35.37 -3.85
N ILE A 589 -15.92 34.31 -4.67
CA ILE A 589 -16.09 32.97 -4.14
C ILE A 589 -14.90 32.59 -3.25
N ALA A 590 -13.69 33.03 -3.62
CA ALA A 590 -12.53 32.75 -2.79
C ALA A 590 -12.65 33.40 -1.41
N LYS A 591 -13.13 34.65 -1.37
CA LYS A 591 -13.39 35.29 -0.09
C LYS A 591 -14.48 34.56 0.68
N GLY A 592 -15.52 34.11 -0.02
CA GLY A 592 -16.63 33.44 0.65
C GLY A 592 -16.24 32.12 1.29
N VAL A 593 -15.49 31.29 0.55
CA VAL A 593 -15.19 29.94 1.03
C VAL A 593 -13.95 29.87 1.90
N GLY A 594 -13.19 30.96 2.01
CA GLY A 594 -12.02 30.98 2.86
C GLY A 594 -10.69 30.83 2.19
N ILE A 595 -10.65 30.79 0.85
CA ILE A 595 -9.37 30.80 0.15
C ILE A 595 -8.60 32.07 0.49
N ILE A 596 -9.29 33.21 0.45
CA ILE A 596 -8.73 34.49 0.85
C ILE A 596 -9.38 34.86 2.19
N SER A 597 -8.57 34.92 3.24
CA SER A 597 -9.10 35.18 4.56
C SER A 597 -9.20 36.69 4.82
N GLU A 598 -9.91 37.02 5.89
CA GLU A 598 -10.09 38.42 6.28
C GLU A 598 -8.75 39.03 6.67
N GLY A 599 -8.52 40.27 6.23
CA GLY A 599 -7.30 40.97 6.51
C GLY A 599 -6.23 40.87 5.45
N ASN A 600 -6.36 39.91 4.53
CA ASN A 600 -5.42 39.77 3.42
C ASN A 600 -5.98 40.47 2.19
N GLU A 601 -5.16 41.29 1.56
CA GLU A 601 -5.58 42.08 0.41
C GLU A 601 -4.61 41.87 -0.74
N THR A 602 -5.14 41.95 -1.96
CA THR A 602 -4.31 41.89 -3.14
C THR A 602 -3.58 43.22 -3.34
N VAL A 603 -2.63 43.21 -4.28
CA VAL A 603 -1.89 44.43 -4.58
C VAL A 603 -2.84 45.52 -5.11
N GLU A 604 -3.83 45.11 -5.91
CA GLU A 604 -4.80 46.08 -6.43
C GLU A 604 -5.65 46.66 -5.31
N ASP A 605 -6.07 45.81 -4.36
CA ASP A 605 -6.85 46.31 -3.23
C ASP A 605 -6.02 47.25 -2.36
N ILE A 606 -4.74 46.92 -2.14
CA ILE A 606 -3.87 47.79 -1.37
C ILE A 606 -3.71 49.14 -2.07
N ALA A 607 -3.51 49.12 -3.39
CA ALA A 607 -3.36 50.37 -4.13
C ALA A 607 -4.64 51.19 -4.08
N ALA A 608 -5.80 50.54 -4.18
CA ALA A 608 -7.07 51.26 -4.09
C ALA A 608 -7.26 51.87 -2.70
N ARG A 609 -6.88 51.14 -1.66
CA ARG A 609 -6.99 51.66 -0.30
C ARG A 609 -6.08 52.86 -0.09
N LEU A 610 -4.85 52.79 -0.60
CA LEU A 610 -3.89 53.87 -0.42
C LEU A 610 -4.04 54.97 -1.46
N ASN A 611 -4.99 54.84 -2.39
CA ASN A 611 -5.24 55.85 -3.42
C ASN A 611 -3.98 56.11 -4.24
N ILE A 612 -3.36 55.03 -4.71
CA ILE A 612 -2.17 55.11 -5.55
C ILE A 612 -2.28 54.08 -6.66
N PRO A 613 -1.60 54.31 -7.77
CA PRO A 613 -1.54 53.27 -8.82
C PRO A 613 -0.78 52.04 -8.33
N VAL A 614 -1.13 50.89 -8.92
CA VAL A 614 -0.59 49.61 -8.47
C VAL A 614 0.91 49.51 -8.72
N SER A 615 1.48 50.40 -9.52
CA SER A 615 2.91 50.32 -9.83
C SER A 615 3.77 50.79 -8.66
N GLN A 616 3.32 51.77 -7.88
CA GLN A 616 4.14 52.35 -6.82
C GLN A 616 4.03 51.61 -5.50
N VAL A 617 3.27 50.52 -5.43
CA VAL A 617 3.13 49.75 -4.19
C VAL A 617 3.97 48.48 -4.31
N ASN A 618 4.71 48.17 -3.26
CA ASN A 618 5.56 46.98 -3.23
C ASN A 618 4.69 45.73 -3.22
N PRO A 619 4.87 44.81 -4.17
CA PRO A 619 4.04 43.59 -4.17
C PRO A 619 4.22 42.72 -2.95
N ARG A 620 5.33 42.85 -2.22
CA ARG A 620 5.55 42.02 -1.03
C ARG A 620 4.60 42.37 0.10
N ASP A 621 3.96 43.54 0.06
CA ASP A 621 3.00 43.89 1.10
C ASP A 621 1.68 43.14 0.94
N ALA A 622 1.45 42.53 -0.21
CA ALA A 622 0.24 41.78 -0.48
C ALA A 622 0.52 40.29 -0.31
N LYS A 623 -0.21 39.64 0.59
CA LYS A 623 -0.11 38.21 0.78
C LYS A 623 -1.12 37.43 -0.05
N ALA A 624 -1.99 38.12 -0.78
CA ALA A 624 -2.98 37.50 -1.65
C ALA A 624 -2.86 38.08 -3.05
N CYS A 625 -3.19 37.27 -4.04
CA CYS A 625 -3.09 37.72 -5.43
C CYS A 625 -4.14 37.00 -6.27
N VAL A 626 -4.61 37.70 -7.30
CA VAL A 626 -5.48 37.14 -8.32
C VAL A 626 -4.75 37.28 -9.65
N VAL A 627 -4.36 36.15 -10.23
CA VAL A 627 -3.60 36.14 -11.48
C VAL A 627 -4.53 35.78 -12.62
N HIS A 628 -4.53 36.60 -13.67
CA HIS A 628 -5.35 36.36 -14.83
C HIS A 628 -4.64 35.45 -15.82
N GLY A 629 -5.43 34.75 -16.63
CA GLY A 629 -4.85 33.85 -17.61
C GLY A 629 -3.99 34.56 -18.64
N SER A 630 -4.39 35.78 -19.02
CA SER A 630 -3.60 36.56 -19.97
C SER A 630 -2.23 36.91 -19.38
N ASP A 631 -2.20 37.29 -18.10
CA ASP A 631 -0.92 37.54 -17.45
C ASP A 631 -0.10 36.27 -17.31
N LEU A 632 -0.77 35.15 -17.01
CA LEU A 632 -0.09 33.87 -16.87
C LEU A 632 0.39 33.33 -18.21
N LYS A 633 -0.25 33.72 -19.31
CA LYS A 633 0.08 33.16 -20.63
C LYS A 633 1.53 33.49 -21.01
N ASP A 634 1.96 34.72 -20.78
CA ASP A 634 3.29 35.16 -21.14
C ASP A 634 4.22 35.23 -19.93
N MET A 635 3.85 34.61 -18.81
CA MET A 635 4.66 34.62 -17.61
C MET A 635 5.64 33.45 -17.64
N THR A 636 6.91 33.74 -17.37
CA THR A 636 7.94 32.71 -17.43
C THR A 636 7.83 31.78 -16.22
N SER A 637 8.60 30.70 -16.26
CA SER A 637 8.55 29.71 -15.19
C SER A 637 9.01 30.30 -13.86
N GLU A 638 10.07 31.12 -13.88
CA GLU A 638 10.58 31.70 -12.65
C GLU A 638 9.58 32.70 -12.05
N GLN A 639 8.91 33.49 -12.89
CA GLN A 639 7.92 34.44 -12.39
C GLN A 639 6.75 33.71 -11.75
N LEU A 640 6.31 32.59 -12.33
CA LEU A 640 5.25 31.80 -11.73
C LEU A 640 5.70 31.23 -10.39
N ASP A 641 6.98 30.86 -10.27
CA ASP A 641 7.49 30.35 -9.00
C ASP A 641 7.46 31.43 -7.92
N ASP A 642 7.69 32.69 -8.30
CA ASP A 642 7.60 33.78 -7.33
C ASP A 642 6.19 33.93 -6.79
N ILE A 643 5.20 33.80 -7.67
CA ILE A 643 3.80 33.94 -7.25
C ILE A 643 3.44 32.83 -6.26
N LEU A 644 3.85 31.60 -6.56
CA LEU A 644 3.51 30.49 -5.67
C LEU A 644 4.31 30.51 -4.38
N LYS A 645 5.40 31.26 -4.32
CA LYS A 645 6.29 31.30 -3.17
C LYS A 645 5.98 32.46 -2.22
N TYR A 646 5.74 33.65 -2.77
CA TYR A 646 5.57 34.85 -1.96
C TYR A 646 4.11 35.15 -1.63
N HIS A 647 3.17 34.35 -2.11
CA HIS A 647 1.75 34.58 -1.85
C HIS A 647 1.17 33.35 -1.15
N THR A 648 0.50 33.59 -0.03
CA THR A 648 -0.17 32.51 0.70
C THR A 648 -1.58 32.26 0.19
N GLU A 649 -2.28 33.31 -0.26
CA GLU A 649 -3.62 33.17 -0.85
C GLU A 649 -3.51 33.47 -2.33
N ILE A 650 -3.63 32.45 -3.17
CA ILE A 650 -3.46 32.57 -4.60
C ILE A 650 -4.75 32.17 -5.29
N VAL A 651 -5.19 32.99 -6.25
CA VAL A 651 -6.37 32.69 -7.05
C VAL A 651 -5.98 32.89 -8.52
N PHE A 652 -6.19 31.85 -9.32
CA PHE A 652 -5.98 31.92 -10.76
C PHE A 652 -7.34 31.93 -11.45
N ALA A 653 -7.55 32.92 -12.31
CA ALA A 653 -8.85 33.12 -12.96
C ALA A 653 -8.67 33.20 -14.46
N ARG A 654 -9.71 32.78 -15.19
CA ARG A 654 -9.72 32.75 -16.64
C ARG A 654 -8.54 31.95 -17.19
N THR A 655 -8.39 30.74 -16.69
CA THR A 655 -7.30 29.85 -17.08
C THR A 655 -7.79 28.83 -18.11
N SER A 656 -6.99 28.63 -19.14
CA SER A 656 -7.24 27.58 -20.11
C SER A 656 -6.88 26.22 -19.53
N PRO A 657 -7.36 25.12 -20.13
CA PRO A 657 -7.00 23.80 -19.61
C PRO A 657 -5.50 23.54 -19.55
N GLN A 658 -4.73 24.08 -20.50
CA GLN A 658 -3.28 23.93 -20.44
C GLN A 658 -2.69 24.75 -19.30
N GLN A 659 -3.28 25.90 -18.97
CA GLN A 659 -2.74 26.73 -17.91
C GLN A 659 -2.96 26.12 -16.54
N LYS A 660 -4.05 25.36 -16.35
CA LYS A 660 -4.18 24.60 -15.11
C LYS A 660 -3.08 23.57 -14.98
N LEU A 661 -2.73 22.91 -16.08
CA LEU A 661 -1.60 21.98 -16.09
C LEU A 661 -0.30 22.70 -15.75
N ILE A 662 -0.10 23.90 -16.30
CA ILE A 662 1.10 24.66 -16.01
C ILE A 662 1.16 25.02 -14.54
N ILE A 663 0.04 25.43 -13.95
CA ILE A 663 0.00 25.77 -12.53
C ILE A 663 0.31 24.55 -11.68
N VAL A 664 -0.25 23.39 -12.04
CA VAL A 664 0.02 22.18 -11.26
C VAL A 664 1.49 21.79 -11.35
N GLU A 665 2.06 21.88 -12.56
CA GLU A 665 3.48 21.58 -12.73
C GLU A 665 4.35 22.55 -11.93
N GLY A 666 3.98 23.83 -11.92
CA GLY A 666 4.74 24.79 -11.14
C GLY A 666 4.67 24.54 -9.66
N CYS A 667 3.50 24.15 -9.16
CA CYS A 667 3.37 23.80 -7.75
C CYS A 667 4.18 22.55 -7.41
N GLN A 668 4.20 21.57 -8.32
CA GLN A 668 4.98 20.36 -8.08
C GLN A 668 6.48 20.63 -8.17
N ARG A 669 6.87 21.64 -8.95
CA ARG A 669 8.29 21.96 -9.10
C ARG A 669 8.92 22.37 -7.78
N GLN A 670 8.13 22.94 -6.86
CA GLN A 670 8.62 23.35 -5.55
C GLN A 670 8.65 22.20 -4.55
N GLY A 671 8.67 20.96 -5.03
CA GLY A 671 8.71 19.80 -4.15
C GLY A 671 7.47 19.65 -3.29
N ALA A 672 6.29 19.77 -3.90
CA ALA A 672 5.03 19.66 -3.19
C ALA A 672 4.19 18.54 -3.77
N ILE A 673 3.46 17.85 -2.90
CA ILE A 673 2.47 16.86 -3.31
C ILE A 673 1.16 17.61 -3.54
N VAL A 674 0.71 17.63 -4.79
CA VAL A 674 -0.39 18.49 -5.22
C VAL A 674 -1.63 17.63 -5.45
N ALA A 675 -2.74 18.02 -4.83
CA ALA A 675 -4.04 17.44 -5.07
C ALA A 675 -4.86 18.41 -5.92
N VAL A 676 -5.47 17.90 -6.98
CA VAL A 676 -6.32 18.69 -7.86
C VAL A 676 -7.73 18.16 -7.78
N THR A 677 -8.68 19.03 -7.48
CA THR A 677 -10.08 18.65 -7.37
C THR A 677 -10.86 19.41 -8.45
N GLY A 678 -11.59 18.67 -9.28
CA GLY A 678 -12.33 19.29 -10.36
C GLY A 678 -13.47 18.41 -10.81
N ASP A 679 -14.27 18.96 -11.73
CA ASP A 679 -15.43 18.24 -12.22
C ASP A 679 -15.68 18.38 -13.71
N GLY A 680 -14.82 19.07 -14.46
CA GLY A 680 -15.03 19.31 -15.87
C GLY A 680 -13.97 18.62 -16.72
N VAL A 681 -14.20 18.65 -18.04
CA VAL A 681 -13.23 18.05 -18.95
C VAL A 681 -12.00 18.93 -19.09
N ASN A 682 -12.10 20.21 -18.73
CA ASN A 682 -10.95 21.11 -18.76
C ASN A 682 -10.00 20.87 -17.61
N ASP A 683 -10.45 20.21 -16.54
CA ASP A 683 -9.60 19.83 -15.44
C ASP A 683 -8.89 18.50 -15.67
N SER A 684 -9.24 17.78 -16.73
CA SER A 684 -8.68 16.44 -16.93
C SER A 684 -7.16 16.41 -17.07
N PRO A 685 -6.49 17.28 -17.84
CA PRO A 685 -5.02 17.26 -17.82
C PRO A 685 -4.45 17.54 -16.44
N ALA A 686 -5.03 18.47 -15.69
CA ALA A 686 -4.55 18.77 -14.35
C ALA A 686 -4.79 17.59 -13.42
N LEU A 687 -5.94 16.93 -13.54
CA LEU A 687 -6.22 15.75 -12.72
C LEU A 687 -5.23 14.63 -13.02
N LYS A 688 -4.88 14.45 -14.30
CA LYS A 688 -3.91 13.42 -14.65
C LYS A 688 -2.51 13.76 -14.13
N LYS A 689 -2.11 15.04 -14.24
CA LYS A 689 -0.76 15.40 -13.85
C LYS A 689 -0.59 15.46 -12.34
N ALA A 690 -1.66 15.75 -11.61
CA ALA A 690 -1.57 15.89 -10.16
C ALA A 690 -1.17 14.57 -9.51
N ASP A 691 -0.57 14.67 -8.33
CA ASP A 691 -0.23 13.48 -7.56
C ASP A 691 -1.47 12.67 -7.22
N ILE A 692 -2.55 13.35 -6.86
CA ILE A 692 -3.86 12.72 -6.72
C ILE A 692 -4.89 13.64 -7.36
N GLY A 693 -5.74 13.08 -8.20
CA GLY A 693 -6.84 13.81 -8.81
C GLY A 693 -8.16 13.36 -8.22
N VAL A 694 -8.94 14.32 -7.74
CA VAL A 694 -10.24 14.08 -7.13
C VAL A 694 -11.31 14.67 -8.03
N ALA A 695 -12.37 13.90 -8.28
CA ALA A 695 -13.46 14.33 -9.12
C ALA A 695 -14.78 14.21 -8.36
N MET A 696 -15.73 15.06 -8.74
CA MET A 696 -17.05 15.03 -8.14
C MET A 696 -17.93 13.99 -8.82
N GLY A 697 -18.82 13.38 -8.04
CA GLY A 697 -19.66 12.31 -8.55
C GLY A 697 -20.84 12.77 -9.37
N ILE A 698 -21.77 13.51 -8.75
CA ILE A 698 -22.95 13.97 -9.47
C ILE A 698 -22.57 15.04 -10.48
N ALA A 699 -21.78 16.03 -10.05
CA ALA A 699 -21.46 17.16 -10.91
C ALA A 699 -20.40 16.83 -11.96
N GLY A 700 -19.48 15.91 -11.66
CA GLY A 700 -18.36 15.68 -12.55
C GLY A 700 -18.78 15.07 -13.87
N SER A 701 -18.11 15.47 -14.93
CA SER A 701 -18.33 14.89 -16.24
C SER A 701 -17.60 13.56 -16.35
N ASP A 702 -17.86 12.83 -17.44
CA ASP A 702 -17.28 11.50 -17.61
C ASP A 702 -15.76 11.57 -17.70
N VAL A 703 -15.24 12.57 -18.44
CA VAL A 703 -13.79 12.68 -18.61
C VAL A 703 -13.11 12.93 -17.26
N SER A 704 -13.70 13.80 -16.43
CA SER A 704 -13.09 14.14 -15.16
C SER A 704 -12.96 12.93 -14.24
N LYS A 705 -14.02 12.11 -14.17
CA LYS A 705 -13.96 10.93 -13.32
C LYS A 705 -13.17 9.79 -13.96
N GLN A 706 -12.99 9.80 -15.28
CA GLN A 706 -12.07 8.85 -15.89
C GLN A 706 -10.61 9.23 -15.65
N ALA A 707 -10.33 10.53 -15.49
CA ALA A 707 -8.98 11.01 -15.31
C ALA A 707 -8.58 11.16 -13.85
N ALA A 708 -9.45 10.82 -12.91
CA ALA A 708 -9.20 11.01 -11.50
C ALA A 708 -8.73 9.72 -10.85
N ASP A 709 -8.19 9.86 -9.64
CA ASP A 709 -7.82 8.71 -8.81
C ASP A 709 -8.81 8.44 -7.69
N MET A 710 -9.66 9.42 -7.38
CA MET A 710 -10.64 9.33 -6.30
C MET A 710 -11.87 10.11 -6.71
N ILE A 711 -13.05 9.57 -6.42
CA ILE A 711 -14.31 10.18 -6.83
C ILE A 711 -15.16 10.38 -5.58
N LEU A 712 -15.61 11.63 -5.36
CA LEU A 712 -16.55 11.94 -4.30
C LEU A 712 -17.95 11.66 -4.84
N LEU A 713 -18.52 10.51 -4.44
CA LEU A 713 -19.77 10.07 -5.04
C LEU A 713 -20.94 10.95 -4.64
N ASP A 714 -20.95 11.46 -3.41
CA ASP A 714 -22.04 12.31 -2.92
C ASP A 714 -21.72 13.79 -2.99
N ASP A 715 -20.59 14.16 -3.61
CA ASP A 715 -20.17 15.55 -3.77
C ASP A 715 -20.01 16.24 -2.41
N ASN A 716 -19.52 15.50 -1.43
CA ASN A 716 -19.26 16.04 -0.10
C ASN A 716 -17.80 16.44 -0.02
N PHE A 717 -17.55 17.74 0.16
CA PHE A 717 -16.19 18.25 0.13
C PHE A 717 -15.46 18.03 1.45
N ALA A 718 -16.20 17.75 2.54
CA ALA A 718 -15.56 17.36 3.79
C ALA A 718 -14.89 16.00 3.68
N SER A 719 -15.24 15.21 2.66
CA SER A 719 -14.55 13.97 2.40
C SER A 719 -13.09 14.20 2.06
N ILE A 720 -12.72 15.40 1.62
CA ILE A 720 -11.30 15.72 1.43
C ILE A 720 -10.57 15.74 2.77
N VAL A 721 -11.18 16.37 3.77
CA VAL A 721 -10.60 16.37 5.11
C VAL A 721 -10.55 14.95 5.66
N THR A 722 -11.63 14.19 5.47
CA THR A 722 -11.63 12.79 5.89
C THR A 722 -10.50 12.03 5.21
N GLY A 723 -10.27 12.28 3.93
CA GLY A 723 -9.23 11.58 3.20
C GLY A 723 -7.84 11.94 3.68
N VAL A 724 -7.60 13.22 3.97
CA VAL A 724 -6.26 13.59 4.45
C VAL A 724 -6.01 12.97 5.83
N GLU A 725 -7.05 12.95 6.68
CA GLU A 725 -6.88 12.31 7.98
C GLU A 725 -6.61 10.81 7.85
N GLU A 726 -7.35 10.14 6.96
CA GLU A 726 -7.12 8.72 6.73
C GLU A 726 -5.74 8.47 6.14
N GLY A 727 -5.26 9.34 5.27
CA GLY A 727 -3.93 9.18 4.71
C GLY A 727 -2.84 9.29 5.76
N ARG A 728 -2.95 10.29 6.63
CA ARG A 728 -1.96 10.41 7.70
C ARG A 728 -2.01 9.21 8.63
N LEU A 729 -3.23 8.76 8.98
CA LEU A 729 -3.37 7.61 9.86
C LEU A 729 -2.79 6.35 9.22
N ILE A 730 -3.03 6.14 7.92
CA ILE A 730 -2.53 4.94 7.27
C ILE A 730 -1.02 5.01 7.12
N PHE A 731 -0.44 6.20 6.96
CA PHE A 731 1.01 6.31 6.96
C PHE A 731 1.59 5.85 8.30
N ASP A 732 1.01 6.34 9.39
CA ASP A 732 1.50 5.92 10.72
C ASP A 732 1.33 4.41 10.92
N ASN A 733 0.16 3.89 10.57
CA ASN A 733 -0.11 2.47 10.76
C ASN A 733 0.78 1.59 9.86
N LEU A 734 1.11 2.08 8.67
CA LEU A 734 2.05 1.36 7.82
C LEU A 734 3.44 1.33 8.43
N LYS A 735 3.87 2.44 9.05
CA LYS A 735 5.13 2.40 9.80
C LYS A 735 5.09 1.31 10.87
N LYS A 736 4.00 1.25 11.64
CA LYS A 736 3.90 0.26 12.71
C LYS A 736 3.95 -1.16 12.15
N SER A 737 3.19 -1.42 11.08
CA SER A 737 3.15 -2.74 10.49
C SER A 737 4.51 -3.14 9.91
N ILE A 738 5.19 -2.21 9.27
CA ILE A 738 6.50 -2.51 8.69
C ILE A 738 7.52 -2.80 9.79
N ALA A 739 7.49 -2.03 10.88
CA ALA A 739 8.39 -2.31 11.98
C ALA A 739 8.14 -3.71 12.56
N TYR A 740 6.86 -4.05 12.75
CA TYR A 740 6.52 -5.37 13.28
C TYR A 740 7.00 -6.48 12.34
N THR A 741 6.84 -6.30 11.03
CA THR A 741 7.26 -7.33 10.08
C THR A 741 8.78 -7.42 10.01
N LEU A 742 9.48 -6.29 10.09
CA LEU A 742 10.93 -6.30 9.91
C LEU A 742 11.65 -6.86 11.14
N THR A 743 11.13 -6.59 12.34
CA THR A 743 11.88 -6.97 13.53
C THR A 743 12.01 -8.48 13.68
N SER A 744 11.12 -9.24 13.04
CA SER A 744 11.21 -10.70 13.14
C SER A 744 12.18 -11.29 12.11
N ASN A 745 12.77 -10.45 11.26
CA ASN A 745 13.82 -10.95 10.37
C ASN A 745 15.06 -11.36 11.15
N ILE A 746 15.42 -10.59 12.18
CA ILE A 746 16.63 -10.88 12.94
C ILE A 746 16.61 -12.26 13.59
N PRO A 747 15.52 -12.70 14.23
CA PRO A 747 15.51 -14.08 14.75
C PRO A 747 15.63 -15.12 13.66
N GLU A 748 15.41 -14.76 12.39
CA GLU A 748 15.57 -15.72 11.31
C GLU A 748 16.96 -15.63 10.69
N ILE A 749 17.57 -14.44 10.73
CA ILE A 749 18.90 -14.27 10.13
C ILE A 749 19.98 -14.78 11.07
N THR A 750 19.90 -14.41 12.35
CA THR A 750 20.95 -14.75 13.29
C THR A 750 21.25 -16.25 13.43
N PRO A 751 20.27 -17.16 13.43
CA PRO A 751 20.64 -18.59 13.51
C PRO A 751 21.57 -19.04 12.41
N PHE A 752 21.40 -18.56 11.16
CA PHE A 752 22.30 -18.95 10.09
C PHE A 752 23.70 -18.41 10.31
N LEU A 753 23.83 -17.15 10.76
CA LEU A 753 25.14 -16.58 11.02
C LEU A 753 25.84 -17.31 12.15
N ILE A 754 25.12 -17.62 13.23
CA ILE A 754 25.73 -18.37 14.32
C ILE A 754 26.08 -19.78 13.87
N PHE A 755 25.24 -20.38 13.04
CA PHE A 755 25.54 -21.69 12.45
C PHE A 755 26.89 -21.66 11.74
N ILE A 756 27.07 -20.70 10.82
CA ILE A 756 28.31 -20.67 10.04
C ILE A 756 29.50 -20.25 10.90
N ILE A 757 29.29 -19.46 11.95
CA ILE A 757 30.42 -18.95 12.72
C ILE A 757 30.86 -19.95 13.77
N ALA A 758 29.95 -20.40 14.63
CA ALA A 758 30.26 -21.27 15.74
C ALA A 758 30.12 -22.75 15.42
N ASN A 759 29.70 -23.10 14.20
CA ASN A 759 29.59 -24.50 13.78
C ASN A 759 28.71 -25.31 14.73
N ILE A 760 27.57 -24.73 15.11
CA ILE A 760 26.58 -25.42 15.94
C ILE A 760 25.53 -26.02 15.03
N PRO A 761 24.79 -27.04 15.47
CA PRO A 761 23.67 -27.53 14.65
C PRO A 761 22.66 -26.41 14.40
N LEU A 762 22.08 -26.43 13.21
CA LEU A 762 21.27 -25.32 12.73
C LEU A 762 20.04 -25.12 13.61
N PRO A 763 19.83 -23.92 14.18
CA PRO A 763 18.67 -23.69 15.05
C PRO A 763 17.36 -23.45 14.32
N LEU A 764 17.39 -23.16 13.02
CA LEU A 764 16.18 -22.80 12.29
C LEU A 764 16.30 -23.19 10.84
N GLY A 765 15.22 -23.75 10.28
CA GLY A 765 15.18 -24.14 8.90
C GLY A 765 14.44 -23.13 8.03
N THR A 766 14.65 -23.26 6.72
CA THR A 766 14.01 -22.36 5.75
C THR A 766 12.50 -22.51 5.78
N VAL A 767 12.01 -23.75 5.91
CA VAL A 767 10.57 -24.00 5.99
C VAL A 767 9.97 -23.26 7.17
N THR A 768 10.65 -23.28 8.31
CA THR A 768 10.15 -22.59 9.49
C THR A 768 10.12 -21.08 9.28
N ILE A 769 11.14 -20.55 8.60
CA ILE A 769 11.15 -19.12 8.28
C ILE A 769 9.95 -18.76 7.42
N LEU A 770 9.65 -19.59 6.42
CA LEU A 770 8.47 -19.34 5.60
C LEU A 770 7.20 -19.43 6.42
N CYS A 771 7.14 -20.37 7.36
CA CYS A 771 5.96 -20.50 8.22
C CYS A 771 5.76 -19.28 9.09
N ILE A 772 6.85 -18.62 9.51
CA ILE A 772 6.72 -17.42 10.32
C ILE A 772 6.13 -16.27 9.51
N ASP A 773 6.65 -16.05 8.30
CA ASP A 773 6.30 -14.85 7.56
C ASP A 773 4.95 -14.98 6.86
N LEU A 774 4.80 -15.99 6.01
CA LEU A 774 3.54 -16.20 5.31
C LEU A 774 2.43 -16.67 6.24
N GLY A 775 2.75 -17.04 7.47
CA GLY A 775 1.79 -17.59 8.39
C GLY A 775 1.46 -16.69 9.57
N THR A 776 2.14 -16.94 10.69
CA THR A 776 1.77 -16.34 11.96
C THR A 776 1.91 -14.83 12.00
N ASP A 777 2.62 -14.23 11.04
CA ASP A 777 2.85 -12.79 11.06
C ASP A 777 1.95 -12.01 10.10
N MET A 778 0.98 -12.66 9.46
CA MET A 778 0.13 -11.96 8.51
C MET A 778 -0.99 -11.20 9.21
N VAL A 779 -1.84 -11.92 9.96
CA VAL A 779 -2.94 -11.27 10.67
C VAL A 779 -2.44 -10.26 11.69
N PRO A 780 -1.43 -10.55 12.53
CA PRO A 780 -0.95 -9.49 13.45
C PRO A 780 -0.45 -8.24 12.75
N ALA A 781 0.25 -8.38 11.62
CA ALA A 781 0.75 -7.21 10.91
C ALA A 781 -0.38 -6.43 10.27
N ILE A 782 -1.37 -7.13 9.71
CA ILE A 782 -2.52 -6.46 9.11
C ILE A 782 -3.35 -5.77 10.17
N SER A 783 -3.40 -6.31 11.39
CA SER A 783 -4.22 -5.73 12.44
C SER A 783 -3.76 -4.34 12.87
N LEU A 784 -2.52 -3.95 12.55
CA LEU A 784 -2.08 -2.59 12.85
C LEU A 784 -2.82 -1.54 12.02
N ALA A 785 -3.45 -1.95 10.91
CA ALA A 785 -4.21 -1.01 10.11
C ALA A 785 -5.43 -0.48 10.86
N TYR A 786 -5.96 -1.26 11.80
CA TYR A 786 -7.11 -0.82 12.60
C TYR A 786 -6.65 -0.12 13.88
N GLU A 787 -5.73 0.84 13.76
CA GLU A 787 -5.19 1.57 14.89
C GLU A 787 -5.63 3.01 14.80
N GLN A 788 -6.17 3.55 15.90
CA GLN A 788 -6.59 4.93 15.94
C GLN A 788 -5.38 5.86 16.11
N ALA A 789 -5.61 7.14 15.87
CA ALA A 789 -4.56 8.12 16.04
C ALA A 789 -4.21 8.28 17.52
N GLU A 790 -2.91 8.40 17.80
CA GLU A 790 -2.47 8.63 19.17
C GLU A 790 -2.72 10.07 19.59
N SER A 791 -2.50 11.02 18.68
CA SER A 791 -2.77 12.43 18.96
C SER A 791 -3.59 13.03 17.82
N ASP A 792 -3.77 14.35 17.83
CA ASP A 792 -4.50 15.02 16.76
C ASP A 792 -3.57 15.14 15.55
N ILE A 793 -3.78 14.27 14.56
CA ILE A 793 -2.94 14.27 13.37
C ILE A 793 -3.29 15.37 12.39
N MET A 794 -4.40 16.08 12.61
CA MET A 794 -4.77 17.22 11.79
C MET A 794 -4.12 18.51 12.25
N LYS A 795 -3.35 18.47 13.33
CA LYS A 795 -2.59 19.64 13.78
C LYS A 795 -1.19 19.66 13.18
N ARG A 796 -0.62 18.51 12.86
CA ARG A 796 0.72 18.48 12.31
C ARG A 796 0.72 18.94 10.86
N GLN A 797 1.86 19.47 10.43
CA GLN A 797 2.02 19.91 9.06
C GLN A 797 2.18 18.71 8.13
N PRO A 798 1.97 18.90 6.82
CA PRO A 798 2.24 17.81 5.88
C PRO A 798 3.70 17.38 5.96
N ARG A 799 3.90 16.07 5.86
CA ARG A 799 5.26 15.53 5.96
C ARG A 799 6.08 15.92 4.73
N ASN A 800 7.36 16.15 4.95
CA ASN A 800 8.27 16.46 3.86
C ASN A 800 8.66 15.17 3.15
N PRO A 801 8.32 15.00 1.87
CA PRO A 801 8.69 13.75 1.18
C PRO A 801 10.18 13.52 1.10
N LYS A 802 10.99 14.59 1.03
CA LYS A 802 12.43 14.43 1.02
C LYS A 802 12.95 13.91 2.35
N THR A 803 12.40 14.40 3.46
CA THR A 803 12.95 14.15 4.78
C THR A 803 12.16 13.12 5.57
N ASP A 804 10.84 13.21 5.60
CA ASP A 804 10.00 12.30 6.40
C ASP A 804 9.76 11.03 5.57
N LYS A 805 10.61 10.04 5.77
CA LYS A 805 10.54 8.78 5.06
C LYS A 805 9.69 7.77 5.82
N LEU A 806 9.03 6.88 5.08
CA LEU A 806 8.22 5.84 5.72
C LEU A 806 9.10 4.91 6.54
N VAL A 807 10.22 4.48 5.98
CA VAL A 807 11.18 3.62 6.68
C VAL A 807 12.51 4.34 6.66
N ASN A 808 13.01 4.69 7.84
CA ASN A 808 14.24 5.43 8.00
C ASN A 808 15.18 4.67 8.92
N GLU A 809 16.31 5.31 9.25
CA GLU A 809 17.32 4.65 10.07
C GLU A 809 16.86 4.43 11.50
N ARG A 810 15.86 5.19 11.97
CA ARG A 810 15.34 4.98 13.32
C ARG A 810 14.47 3.73 13.39
N LEU A 811 13.67 3.47 12.36
CA LEU A 811 12.93 2.21 12.29
C LEU A 811 13.89 1.02 12.19
N ILE A 812 14.90 1.14 11.32
CA ILE A 812 15.88 0.07 11.19
C ILE A 812 16.65 -0.10 12.49
N SER A 813 17.04 1.00 13.12
CA SER A 813 17.73 0.93 14.41
C SER A 813 16.97 0.03 15.38
N MET A 814 15.73 0.41 15.72
CA MET A 814 14.92 -0.39 16.62
C MET A 814 14.80 -1.82 16.14
N ALA A 815 14.19 -2.00 14.95
CA ALA A 815 13.77 -3.33 14.52
C ALA A 815 14.95 -4.29 14.38
N TYR A 816 16.06 -3.84 13.81
CA TYR A 816 17.19 -4.72 13.54
C TYR A 816 18.24 -4.70 14.63
N GLY A 817 18.14 -3.84 15.63
CA GLY A 817 19.22 -3.78 16.60
C GLY A 817 18.81 -4.01 18.04
N GLN A 818 17.55 -3.76 18.40
CA GLN A 818 17.15 -3.94 19.78
C GLN A 818 16.08 -5.01 19.94
N ILE A 819 14.91 -4.84 19.33
CA ILE A 819 13.83 -5.79 19.51
C ILE A 819 14.16 -7.10 18.80
N GLY A 820 14.68 -7.02 17.58
CA GLY A 820 15.07 -8.23 16.88
C GLY A 820 16.14 -9.01 17.60
N MET A 821 17.11 -8.30 18.19
CA MET A 821 18.17 -8.98 18.93
C MET A 821 17.63 -9.65 20.19
N ILE A 822 16.71 -9.01 20.90
CA ILE A 822 16.11 -9.66 22.06
C ILE A 822 15.35 -10.91 21.64
N GLN A 823 14.61 -10.82 20.53
CA GLN A 823 13.89 -11.99 20.03
C GLN A 823 14.84 -13.11 19.65
N ALA A 824 15.95 -12.77 19.00
CA ALA A 824 16.94 -13.78 18.63
C ALA A 824 17.53 -14.45 19.86
N LEU A 825 17.81 -13.66 20.91
CA LEU A 825 18.34 -14.25 22.13
C LEU A 825 17.33 -15.19 22.77
N GLY A 826 16.04 -14.82 22.77
CA GLY A 826 15.04 -15.71 23.30
C GLY A 826 14.96 -17.02 22.54
N GLY A 827 14.97 -16.94 21.21
CA GLY A 827 14.96 -18.15 20.41
C GLY A 827 16.17 -19.03 20.63
N PHE A 828 17.35 -18.41 20.76
CA PHE A 828 18.56 -19.18 21.01
C PHE A 828 18.54 -19.83 22.39
N PHE A 829 17.99 -19.13 23.39
CA PHE A 829 17.85 -19.75 24.69
C PHE A 829 16.94 -20.97 24.62
N THR A 830 15.83 -20.87 23.88
CA THR A 830 14.95 -22.02 23.72
C THR A 830 15.69 -23.17 23.04
N TYR A 831 16.45 -22.86 21.98
CA TYR A 831 17.22 -23.87 21.26
C TYR A 831 18.19 -24.60 22.19
N PHE A 832 18.93 -23.84 22.99
CA PHE A 832 19.87 -24.45 23.92
C PHE A 832 19.17 -25.27 25.00
N VAL A 833 18.00 -24.82 25.45
CA VAL A 833 17.24 -25.60 26.43
C VAL A 833 16.83 -26.94 25.83
N ILE A 834 16.32 -26.93 24.60
CA ILE A 834 15.90 -28.18 23.97
C ILE A 834 17.08 -29.12 23.82
N LEU A 835 18.22 -28.61 23.36
CA LEU A 835 19.35 -29.49 23.12
C LEU A 835 19.98 -29.99 24.43
N ALA A 836 19.99 -29.16 25.47
CA ALA A 836 20.58 -29.57 26.74
C ALA A 836 19.71 -30.58 27.47
N GLU A 837 18.38 -30.42 27.41
CA GLU A 837 17.50 -31.38 28.05
C GLU A 837 17.51 -32.74 27.39
N ASN A 838 18.09 -32.86 26.19
CA ASN A 838 18.18 -34.13 25.49
C ASN A 838 19.57 -34.75 25.54
N GLY A 839 20.53 -34.10 26.19
CA GLY A 839 21.85 -34.66 26.36
C GLY A 839 22.99 -33.85 25.79
N PHE A 840 22.72 -32.85 24.95
CA PHE A 840 23.78 -32.07 24.30
C PHE A 840 23.90 -30.73 25.03
N LEU A 841 24.90 -30.62 25.90
CA LEU A 841 25.11 -29.38 26.63
C LEU A 841 25.67 -28.30 25.70
N PRO A 842 25.45 -27.03 26.02
CA PRO A 842 25.84 -25.95 25.09
C PRO A 842 27.33 -25.94 24.73
N ILE A 843 28.21 -26.29 25.67
CA ILE A 843 29.63 -26.33 25.35
C ILE A 843 29.93 -27.45 24.36
N HIS A 844 29.16 -28.54 24.41
CA HIS A 844 29.36 -29.66 23.50
C HIS A 844 28.94 -29.34 22.08
N LEU A 845 28.03 -28.37 21.89
CA LEU A 845 27.51 -28.09 20.57
C LEU A 845 28.49 -27.35 19.68
N LEU A 846 29.48 -26.68 20.27
CA LEU A 846 30.43 -25.90 19.47
C LEU A 846 31.30 -26.83 18.64
N GLY A 847 31.31 -26.59 17.33
CA GLY A 847 32.08 -27.41 16.41
C GLY A 847 31.45 -28.72 16.02
N LEU A 848 30.22 -28.99 16.46
CA LEU A 848 29.56 -30.26 16.20
C LEU A 848 28.80 -30.28 14.88
N ARG A 849 28.76 -29.17 14.14
CA ARG A 849 27.94 -29.08 12.95
C ARG A 849 28.39 -30.08 11.89
N VAL A 850 29.70 -30.25 11.71
CA VAL A 850 30.21 -31.14 10.67
C VAL A 850 29.77 -32.58 10.92
N ASP A 851 29.88 -33.05 12.15
CA ASP A 851 29.47 -34.40 12.48
C ASP A 851 27.95 -34.54 12.58
N TRP A 852 27.28 -33.49 13.07
CA TRP A 852 25.82 -33.53 13.20
C TRP A 852 25.15 -33.69 11.84
N ASP A 853 25.65 -32.99 10.83
CA ASP A 853 25.05 -33.01 9.50
C ASP A 853 25.53 -34.17 8.65
N ASP A 854 26.48 -34.98 9.13
CA ASP A 854 27.00 -36.10 8.36
C ASP A 854 26.01 -37.26 8.43
N ARG A 855 25.46 -37.62 7.26
CA ARG A 855 24.45 -38.67 7.20
C ARG A 855 25.03 -40.05 7.51
N TRP A 856 26.34 -40.23 7.38
CA TRP A 856 26.97 -41.52 7.56
C TRP A 856 27.60 -41.71 8.92
N ILE A 857 27.66 -40.67 9.75
CA ILE A 857 28.13 -40.79 11.12
C ILE A 857 26.91 -41.00 12.01
N ASN A 858 26.71 -42.26 12.43
CA ASN A 858 25.55 -42.61 13.23
C ASN A 858 25.92 -43.01 14.65
N ASP A 859 27.01 -42.44 15.18
CA ASP A 859 27.39 -42.62 16.57
C ASP A 859 27.88 -41.31 17.16
N VAL A 860 27.18 -40.22 16.89
CA VAL A 860 27.54 -38.93 17.45
C VAL A 860 27.22 -38.93 18.95
N GLU A 861 28.20 -38.54 19.76
CA GLU A 861 28.12 -38.67 21.20
C GLU A 861 27.68 -37.35 21.84
N ASP A 862 26.78 -37.44 22.82
CA ASP A 862 26.34 -36.26 23.56
C ASP A 862 27.19 -36.10 24.81
N SER A 863 26.80 -35.15 25.67
CA SER A 863 27.58 -34.82 26.87
C SER A 863 27.53 -35.92 27.93
N TYR A 864 26.63 -36.90 27.79
CA TYR A 864 26.48 -37.95 28.79
C TYR A 864 27.02 -39.29 28.31
N GLY A 865 27.68 -39.33 27.16
CA GLY A 865 28.26 -40.54 26.63
C GLY A 865 27.37 -41.36 25.73
N GLN A 866 26.10 -40.98 25.57
CA GLN A 866 25.22 -41.69 24.65
C GLN A 866 25.57 -41.37 23.21
N GLN A 867 25.30 -42.32 22.32
CA GLN A 867 25.63 -42.19 20.91
C GLN A 867 24.33 -42.17 20.10
N TRP A 868 24.25 -41.23 19.15
CA TRP A 868 23.02 -40.96 18.42
C TRP A 868 23.20 -41.27 16.95
N THR A 869 22.17 -41.88 16.35
CA THR A 869 22.13 -42.02 14.91
C THR A 869 21.77 -40.69 14.26
N TYR A 870 21.90 -40.64 12.94
CA TYR A 870 21.59 -39.42 12.21
C TYR A 870 20.13 -39.03 12.38
N GLU A 871 19.22 -40.01 12.30
CA GLU A 871 17.80 -39.68 12.34
C GLU A 871 17.36 -39.23 13.72
N GLN A 872 17.90 -39.82 14.79
CA GLN A 872 17.48 -39.45 16.15
C GLN A 872 17.88 -38.00 16.45
N ARG A 873 19.13 -37.65 16.18
CA ARG A 873 19.57 -36.28 16.43
C ARG A 873 18.92 -35.31 15.45
N LYS A 874 18.53 -35.78 14.26
CA LYS A 874 17.78 -34.92 13.35
C LYS A 874 16.39 -34.64 13.88
N ILE A 875 15.75 -35.62 14.51
CA ILE A 875 14.46 -35.37 15.16
C ILE A 875 14.63 -34.36 16.28
N VAL A 876 15.71 -34.47 17.05
CA VAL A 876 15.97 -33.49 18.09
C VAL A 876 16.16 -32.09 17.49
N GLU A 877 16.90 -32.00 16.39
CA GLU A 877 17.13 -30.70 15.75
C GLU A 877 15.85 -30.11 15.19
N PHE A 878 14.97 -30.95 14.62
CA PHE A 878 13.71 -30.44 14.11
C PHE A 878 12.77 -30.01 15.24
N THR A 879 12.83 -30.70 16.38
CA THR A 879 12.13 -30.21 17.56
C THR A 879 12.66 -28.86 17.99
N CYS A 880 13.99 -28.67 17.90
CA CYS A 880 14.57 -27.36 18.17
C CYS A 880 14.05 -26.31 17.21
N HIS A 881 13.90 -26.67 15.93
CA HIS A 881 13.35 -25.73 14.95
C HIS A 881 11.91 -25.33 15.30
N THR A 882 11.10 -26.31 15.68
CA THR A 882 9.72 -26.01 16.08
C THR A 882 9.68 -25.13 17.31
N ALA A 883 10.54 -25.41 18.30
CA ALA A 883 10.58 -24.60 19.51
C ALA A 883 11.07 -23.18 19.21
N PHE A 884 12.00 -23.03 18.27
CA PHE A 884 12.47 -21.72 17.86
C PHE A 884 11.33 -20.92 17.22
N PHE A 885 10.55 -21.60 16.37
CA PHE A 885 9.35 -20.99 15.78
C PHE A 885 8.39 -20.51 16.85
N VAL A 886 8.12 -21.36 17.84
CA VAL A 886 7.19 -21.01 18.91
C VAL A 886 7.74 -19.83 19.71
N SER A 887 9.05 -19.82 19.96
CA SER A 887 9.65 -18.70 20.68
C SER A 887 9.52 -17.40 19.92
N ILE A 888 9.69 -17.44 18.59
CA ILE A 888 9.49 -16.24 17.79
C ILE A 888 8.06 -15.76 17.92
N VAL A 889 7.09 -16.68 17.88
CA VAL A 889 5.68 -16.28 18.08
C VAL A 889 5.48 -15.62 19.45
N VAL A 890 6.07 -16.22 20.49
CA VAL A 890 5.86 -15.73 21.84
C VAL A 890 6.45 -14.33 22.01
N VAL A 891 7.63 -14.09 21.45
CA VAL A 891 8.19 -12.74 21.54
C VAL A 891 7.44 -11.77 20.62
N GLN A 892 6.89 -12.26 19.51
CA GLN A 892 6.09 -11.40 18.64
C GLN A 892 4.79 -10.97 19.32
N TRP A 893 4.33 -11.70 20.32
CA TRP A 893 3.24 -11.20 21.16
C TRP A 893 3.54 -9.79 21.68
N ALA A 894 4.60 -9.68 22.48
CA ALA A 894 4.98 -8.39 23.04
C ALA A 894 5.43 -7.43 21.97
N ASP A 895 6.01 -7.93 20.88
CA ASP A 895 6.36 -7.06 19.76
C ASP A 895 5.13 -6.39 19.17
N LEU A 896 4.05 -7.15 18.99
CA LEU A 896 2.80 -6.58 18.51
C LEU A 896 2.26 -5.56 19.50
N VAL A 897 2.29 -5.89 20.79
CA VAL A 897 1.77 -4.97 21.80
C VAL A 897 2.54 -3.65 21.79
N ILE A 898 3.87 -3.72 21.62
CA ILE A 898 4.66 -2.50 21.66
C ILE A 898 4.62 -1.75 20.34
N CYS A 899 4.45 -2.44 19.21
CA CYS A 899 4.29 -1.78 17.93
C CYS A 899 2.90 -1.19 17.75
N LYS A 900 1.96 -1.53 18.63
CA LYS A 900 0.64 -0.92 18.60
C LYS A 900 0.69 0.61 18.69
N THR A 901 1.70 1.17 19.34
CA THR A 901 1.83 2.62 19.46
C THR A 901 3.28 3.02 19.26
N ARG A 902 3.48 4.29 18.91
CA ARG A 902 4.81 4.84 18.69
C ARG A 902 5.27 5.80 19.77
N ARG A 903 4.34 6.52 20.42
CA ARG A 903 4.71 7.46 21.47
C ARG A 903 3.91 7.20 22.73
N ASN A 904 2.65 6.81 22.58
CA ASN A 904 1.77 6.58 23.72
C ASN A 904 2.03 5.20 24.32
N SER A 905 1.76 5.09 25.61
CA SER A 905 1.83 3.81 26.29
C SER A 905 0.58 2.99 26.00
N VAL A 906 0.71 1.67 26.14
CA VAL A 906 -0.44 0.80 25.94
C VAL A 906 -1.49 1.04 27.02
N PHE A 907 -1.07 1.53 28.19
CA PHE A 907 -2.02 1.81 29.26
C PHE A 907 -2.85 3.04 28.94
N GLN A 908 -2.24 4.05 28.34
CA GLN A 908 -3.00 5.22 27.91
C GLN A 908 -3.83 4.92 26.67
N GLN A 909 -3.24 4.25 25.68
CA GLN A 909 -3.94 3.99 24.42
C GLN A 909 -5.03 2.95 24.60
N GLY A 910 -4.73 1.85 25.29
CA GLY A 910 -5.71 0.81 25.54
C GLY A 910 -5.57 -0.35 24.58
N MET A 911 -6.44 -1.33 24.79
CA MET A 911 -6.45 -2.54 23.97
C MET A 911 -7.83 -2.76 23.34
N LYS A 912 -8.38 -1.71 22.75
CA LYS A 912 -9.70 -1.78 22.12
C LYS A 912 -9.65 -2.30 20.68
N ASN A 913 -8.46 -2.57 20.16
CA ASN A 913 -8.30 -3.10 18.80
C ASN A 913 -8.62 -4.59 18.83
N LYS A 914 -9.87 -4.94 18.51
CA LYS A 914 -10.30 -6.33 18.54
C LYS A 914 -9.61 -7.17 17.48
N ILE A 915 -9.18 -6.55 16.37
CA ILE A 915 -8.46 -7.28 15.34
C ILE A 915 -7.10 -7.74 15.86
N LEU A 916 -6.46 -6.94 16.71
CA LEU A 916 -5.12 -7.27 17.20
C LEU A 916 -5.16 -8.40 18.22
N ILE A 917 -6.15 -8.41 19.11
CA ILE A 917 -6.30 -9.50 20.06
C ILE A 917 -6.60 -10.81 19.33
N PHE A 918 -7.49 -10.74 18.32
CA PHE A 918 -7.72 -11.91 17.49
C PHE A 918 -6.46 -12.33 16.76
N GLY A 919 -5.64 -11.37 16.36
CA GLY A 919 -4.38 -11.71 15.71
C GLY A 919 -3.46 -12.49 16.64
N LEU A 920 -3.34 -12.05 17.88
CA LEU A 920 -2.54 -12.78 18.86
C LEU A 920 -3.07 -14.20 19.06
N PHE A 921 -4.38 -14.33 19.25
CA PHE A 921 -4.97 -15.64 19.50
C PHE A 921 -4.82 -16.55 18.29
N GLU A 922 -5.06 -16.03 17.08
CA GLU A 922 -4.93 -16.82 15.87
C GLU A 922 -3.48 -17.23 15.63
N GLU A 923 -2.53 -16.33 15.90
CA GLU A 923 -1.11 -16.65 15.75
C GLU A 923 -0.72 -17.79 16.69
N THR A 924 -1.12 -17.71 17.95
CA THR A 924 -0.78 -18.77 18.90
C THR A 924 -1.47 -20.09 18.54
N ALA A 925 -2.74 -20.03 18.12
CA ALA A 925 -3.44 -21.25 17.75
C ALA A 925 -2.81 -21.90 16.54
N LEU A 926 -2.40 -21.09 15.55
CA LEU A 926 -1.72 -21.64 14.39
C LEU A 926 -0.39 -22.28 14.76
N ALA A 927 0.37 -21.63 15.65
CA ALA A 927 1.63 -22.22 16.10
C ALA A 927 1.42 -23.56 16.78
N ALA A 928 0.43 -23.62 17.69
CA ALA A 928 0.14 -24.88 18.36
C ALA A 928 -0.34 -25.95 17.39
N PHE A 929 -1.17 -25.57 16.42
CA PHE A 929 -1.64 -26.54 15.43
C PHE A 929 -0.48 -27.06 14.59
N LEU A 930 0.42 -26.19 14.15
CA LEU A 930 1.57 -26.62 13.37
C LEU A 930 2.45 -27.56 14.18
N SER A 931 2.61 -27.28 15.48
CA SER A 931 3.46 -28.12 16.32
C SER A 931 2.83 -29.50 16.55
N TYR A 932 1.54 -29.54 16.87
CA TYR A 932 0.93 -30.73 17.43
C TYR A 932 0.06 -31.52 16.46
N CYS A 933 -0.17 -31.04 15.25
CA CYS A 933 -1.01 -31.78 14.32
C CYS A 933 -0.27 -33.00 13.79
N PRO A 934 -0.86 -34.19 13.85
CA PRO A 934 -0.18 -35.37 13.29
C PRO A 934 0.05 -35.20 11.80
N GLY A 935 1.21 -35.67 11.34
CA GLY A 935 1.59 -35.55 9.95
C GLY A 935 2.39 -34.31 9.61
N MET A 936 2.56 -33.38 10.54
CA MET A 936 3.38 -32.20 10.27
C MET A 936 4.86 -32.47 10.44
N GLY A 937 5.24 -33.62 11.03
CA GLY A 937 6.65 -33.96 11.11
C GLY A 937 7.24 -34.38 9.79
N VAL A 938 6.42 -34.80 8.84
CA VAL A 938 6.90 -35.23 7.53
C VAL A 938 6.64 -34.12 6.52
N ALA A 939 5.58 -33.34 6.74
CA ALA A 939 5.23 -32.27 5.81
C ALA A 939 6.17 -31.07 5.96
N LEU A 940 6.18 -30.46 7.14
CA LEU A 940 7.01 -29.29 7.40
C LEU A 940 8.12 -29.56 8.41
N ARG A 941 8.28 -30.80 8.86
CA ARG A 941 9.26 -31.15 9.89
C ARG A 941 9.04 -30.36 11.17
N MET A 942 7.77 -30.21 11.55
CA MET A 942 7.38 -29.66 12.84
C MET A 942 7.12 -30.82 13.79
N TYR A 943 7.63 -30.72 15.01
CA TYR A 943 7.44 -31.79 15.98
C TYR A 943 6.87 -31.25 17.28
N PRO A 944 6.08 -32.06 17.98
CA PRO A 944 5.42 -31.57 19.20
C PRO A 944 6.43 -31.19 20.27
N LEU A 945 6.08 -30.18 21.06
CA LEU A 945 6.93 -29.66 22.10
C LEU A 945 6.38 -30.05 23.46
N LYS A 946 7.29 -30.29 24.41
CA LYS A 946 6.88 -30.49 25.79
C LYS A 946 6.25 -29.21 26.32
N PRO A 947 5.30 -29.32 27.24
CA PRO A 947 4.60 -28.10 27.73
C PRO A 947 5.52 -27.07 28.32
N THR A 948 6.60 -27.48 28.99
CA THR A 948 7.50 -26.52 29.61
C THR A 948 8.31 -25.74 28.57
N TRP A 949 8.47 -26.29 27.37
CA TRP A 949 9.25 -25.64 26.33
C TRP A 949 8.55 -24.44 25.72
N TRP A 950 7.27 -24.23 26.02
CA TRP A 950 6.57 -23.05 25.53
C TRP A 950 6.96 -21.79 26.29
N PHE A 951 7.48 -21.92 27.51
CA PHE A 951 7.71 -20.78 28.40
C PHE A 951 9.16 -20.32 28.40
N CYS A 952 10.00 -20.86 27.51
CA CYS A 952 11.41 -20.48 27.50
C CYS A 952 11.59 -19.04 27.03
N ALA A 953 10.75 -18.57 26.13
CA ALA A 953 10.87 -17.21 25.59
C ALA A 953 10.02 -16.19 26.35
N PHE A 954 9.34 -16.60 27.42
CA PHE A 954 8.58 -15.66 28.22
C PHE A 954 9.43 -14.54 28.83
N PRO A 955 10.60 -14.81 29.41
CA PRO A 955 11.40 -13.69 29.96
C PRO A 955 11.76 -12.63 28.94
N TYR A 956 12.03 -13.03 27.70
CA TYR A 956 12.47 -12.07 26.69
C TYR A 956 11.30 -11.27 26.14
N SER A 957 10.11 -11.86 26.05
CA SER A 957 8.92 -11.10 25.67
C SER A 957 8.60 -10.03 26.71
N LEU A 958 8.66 -10.40 27.99
CA LEU A 958 8.47 -9.41 29.05
C LEU A 958 9.53 -8.33 29.00
N LEU A 959 10.78 -8.71 28.71
CA LEU A 959 11.84 -7.73 28.58
C LEU A 959 11.57 -6.76 27.44
N ILE A 960 11.09 -7.27 26.30
CA ILE A 960 10.75 -6.40 25.18
C ILE A 960 9.67 -5.41 25.59
N PHE A 961 8.60 -5.91 26.23
CA PHE A 961 7.50 -5.05 26.62
C PHE A 961 7.96 -3.96 27.58
N VAL A 962 8.69 -4.35 28.63
CA VAL A 962 9.12 -3.37 29.63
C VAL A 962 10.08 -2.37 29.02
N TYR A 963 11.02 -2.85 28.19
CA TYR A 963 11.99 -1.96 27.56
C TYR A 963 11.32 -0.92 26.70
N ASP A 964 10.37 -1.33 25.85
CA ASP A 964 9.78 -0.36 24.94
C ASP A 964 8.81 0.56 25.69
N GLU A 965 8.14 0.06 26.74
CA GLU A 965 7.31 0.95 27.54
C GLU A 965 8.15 2.02 28.22
N VAL A 966 9.30 1.65 28.78
CA VAL A 966 10.17 2.64 29.39
C VAL A 966 10.72 3.60 28.35
N ARG A 967 11.05 3.09 27.16
CA ARG A 967 11.56 3.96 26.10
C ARG A 967 10.51 4.97 25.65
N LYS A 968 9.26 4.54 25.51
CA LYS A 968 8.19 5.47 25.16
C LYS A 968 7.96 6.48 26.27
N LEU A 969 8.06 6.05 27.53
CA LEU A 969 7.97 6.99 28.65
C LEU A 969 9.07 8.03 28.57
N ILE A 970 10.30 7.60 28.27
CA ILE A 970 11.42 8.53 28.13
C ILE A 970 11.24 9.44 26.92
N ILE A 971 10.53 8.98 25.89
CA ILE A 971 10.25 9.86 24.75
C ILE A 971 9.23 10.93 25.12
N ARG A 972 8.17 10.56 25.84
CA ARG A 972 7.13 11.52 26.17
C ARG A 972 7.67 12.64 27.04
N ARG A 973 8.46 12.31 28.05
CA ARG A 973 9.25 13.29 28.75
C ARG A 973 10.45 13.67 27.89
N ARG A 974 10.98 14.88 28.10
CA ARG A 974 12.10 15.36 27.30
C ARG A 974 11.80 15.20 25.80
N PRO A 975 10.90 16.00 25.24
CA PRO A 975 10.46 15.76 23.85
C PRO A 975 11.57 15.88 22.81
N GLY A 976 12.58 16.71 23.03
CA GLY A 976 13.63 16.86 22.05
C GLY A 976 14.87 16.07 22.38
N GLY A 977 14.73 15.07 23.24
CA GLY A 977 15.87 14.38 23.80
C GLY A 977 16.58 13.47 22.81
N TRP A 978 17.65 12.86 23.31
CA TRP A 978 18.46 11.96 22.50
C TRP A 978 17.71 10.68 22.16
N VAL A 979 16.88 10.19 23.08
CA VAL A 979 16.15 8.95 22.84
C VAL A 979 15.19 9.11 21.67
N GLU A 980 14.47 10.22 21.61
CA GLU A 980 13.54 10.45 20.51
C GLU A 980 14.27 10.59 19.19
N LYS A 981 15.41 11.29 19.19
CA LYS A 981 16.15 11.48 17.95
C LYS A 981 16.72 10.18 17.42
N GLU A 982 16.86 9.17 18.29
CA GLU A 982 17.49 7.92 17.87
C GLU A 982 16.47 6.84 17.61
N THR A 983 15.40 6.77 18.42
CA THR A 983 14.50 5.63 18.40
C THR A 983 13.08 5.95 17.97
N TYR A 984 12.69 7.21 17.87
CA TYR A 984 11.32 7.57 17.53
C TYR A 984 11.17 7.58 16.01
N TYR A 985 10.61 6.51 15.47
CA TYR A 985 10.43 6.39 14.03
C TYR A 985 9.00 6.73 13.63
N SER B 12 25.56 10.44 -13.28
CA SER B 12 26.99 10.70 -13.35
C SER B 12 27.43 11.63 -12.24
N LEU B 13 26.59 11.76 -11.21
CA LEU B 13 26.85 12.65 -10.09
C LEU B 13 27.25 11.82 -8.88
N ALA B 14 28.34 12.20 -8.23
CA ALA B 14 28.85 11.50 -7.05
C ALA B 14 28.32 12.19 -5.79
N GLU B 15 27.02 12.00 -5.54
CA GLU B 15 26.41 12.53 -4.33
C GLU B 15 26.96 11.88 -3.08
N TRP B 16 27.44 10.63 -3.17
CA TRP B 16 28.03 9.96 -2.02
C TRP B 16 29.38 10.52 -1.64
N LYS B 17 29.99 11.34 -2.50
CA LYS B 17 31.26 11.96 -2.13
C LYS B 17 31.09 12.91 -0.96
N LEU B 18 30.01 13.69 -0.94
CA LEU B 18 29.74 14.58 0.18
C LEU B 18 29.02 13.85 1.33
N PHE B 19 28.48 12.66 1.08
CA PHE B 19 27.84 11.90 2.15
C PHE B 19 28.86 11.48 3.19
N ILE B 20 30.06 11.08 2.75
CA ILE B 20 31.14 10.65 3.63
C ILE B 20 32.16 11.76 3.71
N TYR B 21 32.67 12.02 4.92
CA TYR B 21 33.69 13.04 5.15
C TYR B 21 33.20 14.42 4.70
N ASN B 22 31.96 14.74 5.06
CA ASN B 22 31.36 16.01 4.67
C ASN B 22 32.14 17.16 5.29
N PRO B 23 32.69 18.09 4.49
CA PRO B 23 33.44 19.19 5.09
C PRO B 23 32.62 20.05 6.04
N THR B 24 31.33 20.21 5.76
CA THR B 24 30.45 20.97 6.64
C THR B 24 30.04 20.11 7.83
N THR B 25 30.40 20.55 9.03
CA THR B 25 30.05 19.95 10.32
C THR B 25 30.76 18.61 10.54
N GLY B 26 31.50 18.11 9.55
CA GLY B 26 32.20 16.84 9.71
C GLY B 26 31.27 15.66 9.91
N GLU B 27 30.23 15.57 9.08
CA GLU B 27 29.25 14.50 9.18
C GLU B 27 29.80 13.25 8.50
N PHE B 28 29.99 12.18 9.26
CA PHE B 28 30.41 10.90 8.72
C PHE B 28 29.17 10.04 8.50
N LEU B 29 28.78 9.87 7.24
CA LEU B 29 27.59 9.10 6.87
C LEU B 29 26.34 9.67 7.55
N GLY B 30 26.29 10.99 7.68
CA GLY B 30 25.13 11.65 8.26
C GLY B 30 25.16 11.78 9.77
N ARG B 31 26.18 11.29 10.44
CA ARG B 31 26.33 11.42 11.88
C ARG B 31 27.70 11.98 12.21
N THR B 32 27.75 12.91 13.16
CA THR B 32 29.00 13.55 13.54
C THR B 32 29.83 12.59 14.40
N ALA B 33 31.02 13.04 14.79
CA ALA B 33 31.88 12.22 15.63
C ALA B 33 31.25 11.96 16.98
N LYS B 34 30.64 12.98 17.58
CA LYS B 34 29.97 12.80 18.86
C LYS B 34 28.78 11.86 18.75
N SER B 35 27.98 12.03 17.70
CA SER B 35 26.79 11.18 17.53
C SER B 35 27.19 9.72 17.35
N TRP B 36 28.24 9.46 16.57
CA TRP B 36 28.72 8.09 16.41
C TRP B 36 29.17 7.52 17.74
N GLY B 37 29.92 8.30 18.52
CA GLY B 37 30.38 7.81 19.80
C GLY B 37 29.23 7.47 20.74
N LEU B 38 28.24 8.36 20.82
CA LEU B 38 27.10 8.11 21.71
C LEU B 38 26.29 6.89 21.26
N ILE B 39 26.03 6.75 19.96
CA ILE B 39 25.22 5.62 19.52
C ILE B 39 25.99 4.31 19.69
N LEU B 40 27.30 4.32 19.43
CA LEU B 40 28.09 3.11 19.63
C LEU B 40 28.18 2.74 21.11
N LEU B 41 28.31 3.74 21.98
CA LEU B 41 28.31 3.47 23.42
C LEU B 41 26.98 2.89 23.86
N PHE B 42 25.87 3.43 23.35
CA PHE B 42 24.57 2.88 23.69
C PHE B 42 24.45 1.43 23.24
N TYR B 43 24.89 1.14 22.02
CA TYR B 43 24.74 -0.23 21.52
C TYR B 43 25.66 -1.19 22.27
N LEU B 44 26.85 -0.73 22.65
CA LEU B 44 27.74 -1.56 23.45
C LEU B 44 27.11 -1.89 24.80
N VAL B 45 26.56 -0.89 25.48
CA VAL B 45 25.96 -1.14 26.78
C VAL B 45 24.70 -2.00 26.65
N PHE B 46 23.90 -1.75 25.61
CA PHE B 46 22.69 -2.53 25.38
C PHE B 46 23.01 -3.99 25.12
N TYR B 47 24.00 -4.26 24.27
CA TYR B 47 24.37 -5.63 23.96
C TYR B 47 25.07 -6.29 25.14
N GLY B 48 25.82 -5.53 25.94
CA GLY B 48 26.38 -6.10 27.15
C GLY B 48 25.31 -6.52 28.13
N PHE B 49 24.29 -5.69 28.31
CA PHE B 49 23.17 -6.06 29.18
C PHE B 49 22.44 -7.27 28.64
N LEU B 50 22.21 -7.33 27.32
CA LEU B 50 21.54 -8.48 26.74
C LEU B 50 22.37 -9.75 26.93
N ALA B 51 23.69 -9.66 26.74
CA ALA B 51 24.54 -10.82 26.94
C ALA B 51 24.55 -11.26 28.39
N ALA B 52 24.55 -10.31 29.33
CA ALA B 52 24.50 -10.66 30.74
C ALA B 52 23.21 -11.37 31.09
N LEU B 53 22.07 -10.87 30.59
CA LEU B 53 20.79 -11.53 30.85
C LEU B 53 20.75 -12.92 30.23
N PHE B 54 21.23 -13.05 28.99
CA PHE B 54 21.26 -14.34 28.33
C PHE B 54 22.13 -15.33 29.10
N SER B 55 23.30 -14.89 29.56
CA SER B 55 24.18 -15.75 30.32
C SER B 55 23.55 -16.16 31.65
N PHE B 56 22.90 -15.22 32.33
CA PHE B 56 22.24 -15.57 33.59
C PHE B 56 21.15 -16.59 33.38
N THR B 57 20.34 -16.41 32.32
CA THR B 57 19.27 -17.35 32.04
C THR B 57 19.83 -18.72 31.68
N MET B 58 20.91 -18.76 30.91
CA MET B 58 21.58 -20.03 30.58
C MET B 58 22.10 -20.72 31.83
N TRP B 59 22.72 -19.95 32.75
CA TRP B 59 23.23 -20.53 33.98
C TRP B 59 22.09 -21.11 34.81
N VAL B 60 20.98 -20.37 34.91
CA VAL B 60 19.82 -20.86 35.67
C VAL B 60 19.30 -22.16 35.06
N MET B 61 19.22 -22.21 33.73
CA MET B 61 18.77 -23.42 33.07
C MET B 61 19.70 -24.60 33.35
N LEU B 62 21.01 -24.36 33.26
CA LEU B 62 21.97 -25.45 33.46
C LEU B 62 22.00 -25.92 34.90
N GLN B 63 21.62 -25.07 35.85
CA GLN B 63 21.60 -25.49 37.25
C GLN B 63 20.47 -26.48 37.55
N THR B 64 19.48 -26.59 36.67
CA THR B 64 18.37 -27.52 36.87
C THR B 64 18.62 -28.88 36.23
N LEU B 65 19.73 -29.05 35.52
CA LEU B 65 19.99 -30.28 34.79
C LEU B 65 20.82 -31.24 35.63
N ASN B 66 20.65 -32.52 35.35
CA ASN B 66 21.40 -33.58 36.02
C ASN B 66 22.72 -33.81 35.29
N ASP B 67 23.81 -33.89 36.03
CA ASP B 67 25.12 -34.09 35.43
C ASP B 67 25.42 -35.54 35.09
N GLU B 68 24.58 -36.47 35.51
CA GLU B 68 24.81 -37.90 35.32
C GLU B 68 23.91 -38.52 34.26
N VAL B 69 22.63 -38.15 34.25
CA VAL B 69 21.67 -38.71 33.30
C VAL B 69 20.97 -37.57 32.58
N PRO B 70 20.75 -37.65 31.27
CA PRO B 70 19.98 -36.60 30.59
C PRO B 70 18.55 -36.56 31.08
N LYS B 71 17.94 -35.37 30.99
CA LYS B 71 16.57 -35.21 31.46
C LYS B 71 15.60 -36.07 30.66
N TYR B 72 15.74 -36.11 29.35
CA TYR B 72 14.85 -36.86 28.49
C TYR B 72 15.65 -37.88 27.68
N ARG B 73 15.10 -39.09 27.57
CA ARG B 73 15.71 -40.14 26.75
C ARG B 73 14.71 -40.76 25.79
N ASP B 74 13.56 -40.10 25.56
CA ASP B 74 12.54 -40.66 24.67
C ASP B 74 12.88 -40.50 23.20
N GLN B 75 13.82 -39.62 22.86
CA GLN B 75 14.26 -39.46 21.48
C GLN B 75 15.35 -40.44 21.09
N ILE B 76 15.88 -41.21 22.03
CA ILE B 76 16.89 -42.22 21.75
C ILE B 76 16.46 -43.51 22.45
N PRO B 77 15.38 -44.16 22.00
CA PRO B 77 14.87 -45.31 22.75
C PRO B 77 15.54 -46.63 22.40
N SER B 78 16.08 -46.72 21.19
CA SER B 78 16.72 -47.95 20.75
C SER B 78 18.11 -47.62 20.20
N PRO B 79 19.07 -48.54 20.34
CA PRO B 79 20.42 -48.26 19.90
C PRO B 79 20.58 -48.40 18.40
N GLY B 80 21.35 -47.50 17.82
CA GLY B 80 21.79 -47.66 16.45
C GLY B 80 22.96 -48.60 16.37
N LEU B 81 23.35 -48.90 15.14
CA LEU B 81 24.46 -49.82 14.88
C LEU B 81 25.41 -49.16 13.91
N MET B 82 26.68 -49.07 14.29
CA MET B 82 27.66 -48.31 13.53
C MET B 82 28.93 -49.13 13.37
N VAL B 83 29.66 -48.87 12.28
CA VAL B 83 30.90 -49.59 11.98
C VAL B 83 32.08 -48.68 12.24
N PHE B 84 33.22 -49.30 12.56
CA PHE B 84 34.49 -48.63 12.76
C PHE B 84 35.57 -49.40 12.01
N PRO B 85 36.53 -48.70 11.38
CA PRO B 85 36.67 -47.24 11.28
C PRO B 85 35.74 -46.60 10.27
N LYS B 86 35.56 -45.28 10.38
CA LYS B 86 34.73 -44.56 9.44
C LYS B 86 35.49 -44.34 8.14
N PRO B 87 35.00 -44.82 7.01
CA PRO B 87 35.71 -44.63 5.74
C PRO B 87 35.66 -43.16 5.31
N VAL B 88 36.48 -42.86 4.30
CA VAL B 88 36.59 -41.48 3.82
C VAL B 88 35.26 -40.99 3.26
N THR B 89 34.60 -41.82 2.46
CA THR B 89 33.38 -41.41 1.80
C THR B 89 32.31 -42.49 1.86
N ALA B 90 31.08 -42.07 2.17
CA ALA B 90 29.86 -42.86 1.98
C ALA B 90 29.90 -44.22 2.67
N LEU B 91 30.70 -44.37 3.72
CA LEU B 91 30.79 -45.62 4.48
C LEU B 91 31.21 -46.79 3.57
N GLU B 92 32.07 -46.51 2.61
CA GLU B 92 32.56 -47.51 1.66
C GLU B 92 34.04 -47.75 1.90
N TYR B 93 34.40 -49.01 2.15
CA TYR B 93 35.78 -49.38 2.43
C TYR B 93 36.48 -49.75 1.12
N THR B 94 37.47 -48.95 0.74
CA THR B 94 38.23 -49.17 -0.48
C THR B 94 39.70 -49.19 -0.13
N PHE B 95 40.41 -50.22 -0.60
CA PHE B 95 41.83 -50.37 -0.31
C PHE B 95 42.43 -51.33 -1.32
N SER B 96 43.76 -51.44 -1.28
CA SER B 96 44.50 -52.37 -2.12
C SER B 96 45.38 -53.24 -1.25
N ARG B 97 45.49 -54.52 -1.61
CA ARG B 97 46.27 -55.45 -0.82
C ARG B 97 47.76 -55.15 -0.90
N SER B 98 48.23 -54.68 -2.05
CA SER B 98 49.66 -54.53 -2.28
C SER B 98 50.24 -53.22 -1.76
N ASP B 99 49.43 -52.17 -1.63
CA ASP B 99 49.95 -50.86 -1.28
C ASP B 99 49.65 -50.58 0.18
N PRO B 100 50.65 -50.58 1.07
CA PRO B 100 50.37 -50.35 2.49
C PRO B 100 49.76 -48.99 2.80
N THR B 101 50.02 -47.98 1.98
CA THR B 101 49.49 -46.64 2.25
C THR B 101 48.02 -46.51 1.90
N SER B 102 47.43 -47.50 1.22
CA SER B 102 46.02 -47.42 0.87
C SER B 102 45.13 -47.68 2.08
N TYR B 103 45.54 -48.60 2.95
CA TYR B 103 44.77 -48.99 4.12
C TYR B 103 45.42 -48.54 5.43
N ALA B 104 46.40 -47.63 5.35
CA ALA B 104 47.12 -47.22 6.56
C ALA B 104 46.21 -46.49 7.53
N GLY B 105 45.30 -45.65 7.03
CA GLY B 105 44.40 -44.92 7.90
C GLY B 105 43.48 -45.84 8.69
N TYR B 106 42.98 -46.90 8.03
CA TYR B 106 42.12 -47.85 8.72
C TYR B 106 42.85 -48.53 9.88
N ILE B 107 44.09 -48.95 9.64
CA ILE B 107 44.86 -49.60 10.69
C ILE B 107 45.19 -48.63 11.82
N GLU B 108 45.53 -47.38 11.47
CA GLU B 108 45.79 -46.39 12.50
C GLU B 108 44.57 -46.16 13.38
N ASP B 109 43.40 -46.00 12.76
CA ASP B 109 42.17 -45.80 13.52
C ASP B 109 41.84 -47.01 14.38
N LEU B 110 42.01 -48.22 13.84
CA LEU B 110 41.71 -49.42 14.60
C LEU B 110 42.65 -49.58 15.79
N LYS B 111 43.94 -49.27 15.60
CA LYS B 111 44.88 -49.34 16.71
C LYS B 111 44.55 -48.31 17.79
N LYS B 112 44.18 -47.09 17.38
CA LYS B 112 43.81 -46.08 18.37
C LYS B 112 42.56 -46.49 19.14
N PHE B 113 41.58 -47.05 18.44
CA PHE B 113 40.31 -47.41 19.09
C PHE B 113 40.51 -48.60 20.04
N LEU B 114 41.32 -49.57 19.65
CA LEU B 114 41.47 -50.80 20.41
C LEU B 114 42.52 -50.72 21.51
N LYS B 115 43.18 -49.58 21.66
CA LYS B 115 44.15 -49.43 22.75
C LYS B 115 43.51 -49.60 24.13
N PRO B 116 42.37 -48.99 24.45
CA PRO B 116 41.76 -49.25 25.77
C PRO B 116 41.33 -50.68 25.97
N TYR B 117 41.11 -51.45 24.90
CA TYR B 117 40.62 -52.81 25.01
C TYR B 117 41.73 -53.84 25.24
N THR B 118 42.99 -53.43 25.17
CA THR B 118 44.08 -54.36 25.44
C THR B 118 44.16 -54.67 26.93
N LEU B 119 44.67 -55.86 27.23
CA LEU B 119 44.74 -56.31 28.62
C LEU B 119 45.60 -55.41 29.49
N GLU B 120 46.54 -54.68 28.89
CA GLU B 120 47.39 -53.78 29.67
C GLU B 120 46.60 -52.65 30.31
N GLU B 121 45.69 -52.05 29.54
CA GLU B 121 44.93 -50.91 30.06
C GLU B 121 43.77 -51.35 30.94
N GLN B 122 43.08 -52.43 30.58
CA GLN B 122 41.92 -52.88 31.32
C GLN B 122 42.26 -53.92 32.39
N LYS B 123 43.52 -53.95 32.85
CA LYS B 123 43.89 -54.84 33.93
C LYS B 123 43.35 -54.39 35.28
N ASN B 124 42.92 -53.12 35.38
CA ASN B 124 42.35 -52.61 36.61
C ASN B 124 40.83 -52.75 36.67
N LEU B 125 40.21 -53.30 35.63
CA LEU B 125 38.77 -53.48 35.60
C LEU B 125 38.38 -54.78 36.32
N THR B 126 37.09 -55.10 36.30
CA THR B 126 36.56 -56.24 37.03
C THR B 126 36.00 -57.29 36.08
N VAL B 127 36.03 -58.54 36.52
CA VAL B 127 35.49 -59.65 35.77
C VAL B 127 34.07 -59.94 36.26
N CYS B 128 33.14 -60.06 35.32
CA CYS B 128 31.74 -60.26 35.65
C CYS B 128 31.22 -61.54 35.02
N PRO B 129 30.27 -62.20 35.66
CA PRO B 129 29.72 -63.43 35.08
C PRO B 129 28.98 -63.15 33.78
N ASP B 130 29.04 -64.12 32.87
CA ASP B 130 28.46 -63.97 31.54
C ASP B 130 26.99 -64.36 31.53
N GLY B 131 26.23 -63.73 30.63
CA GLY B 131 24.84 -64.06 30.40
C GLY B 131 23.86 -63.45 31.38
N ALA B 132 24.33 -62.65 32.34
CA ALA B 132 23.46 -62.04 33.33
C ALA B 132 23.59 -60.53 33.25
N LEU B 133 22.44 -59.84 33.23
CA LEU B 133 22.43 -58.39 33.24
C LEU B 133 23.06 -57.86 34.52
N PHE B 134 23.95 -56.90 34.39
CA PHE B 134 24.72 -56.36 35.52
C PHE B 134 24.16 -55.00 35.92
N GLU B 135 23.17 -55.02 36.81
CA GLU B 135 22.62 -53.79 37.37
C GLU B 135 23.42 -53.40 38.61
N GLN B 136 23.82 -52.13 38.68
CA GLN B 136 24.65 -51.62 39.75
C GLN B 136 23.94 -50.43 40.39
N LYS B 137 23.27 -50.67 41.52
CA LYS B 137 22.62 -49.59 42.25
C LYS B 137 23.59 -48.77 43.07
N GLY B 138 24.78 -49.29 43.35
CA GLY B 138 25.73 -48.63 44.21
C GLY B 138 26.37 -47.43 43.56
N PRO B 139 27.07 -46.62 44.36
CA PRO B 139 27.74 -45.42 43.82
C PRO B 139 29.11 -45.66 43.21
N VAL B 140 29.74 -46.81 43.45
CA VAL B 140 31.08 -47.05 42.93
C VAL B 140 31.05 -47.23 41.42
N TYR B 141 30.07 -47.98 40.91
CA TYR B 141 29.87 -48.16 39.46
C TYR B 141 31.12 -48.73 38.78
N VAL B 142 31.46 -49.97 39.15
CA VAL B 142 32.57 -50.65 38.49
C VAL B 142 32.17 -51.04 37.07
N ALA B 143 33.18 -51.25 36.23
CA ALA B 143 32.99 -51.56 34.82
C ALA B 143 33.59 -52.91 34.49
N CYS B 144 32.81 -53.78 33.85
CA CYS B 144 33.32 -55.06 33.39
C CYS B 144 34.35 -54.85 32.30
N GLN B 145 35.24 -55.82 32.14
CA GLN B 145 36.30 -55.73 31.15
C GLN B 145 35.95 -56.59 29.93
N PHE B 146 36.29 -56.09 28.75
CA PHE B 146 36.07 -56.79 27.50
C PHE B 146 37.41 -57.23 26.95
N PRO B 147 37.82 -58.48 27.13
CA PRO B 147 39.13 -58.91 26.63
C PRO B 147 39.17 -58.90 25.11
N ILE B 148 40.31 -58.44 24.57
CA ILE B 148 40.45 -58.30 23.13
C ILE B 148 40.61 -59.65 22.44
N SER B 149 40.80 -60.73 23.19
CA SER B 149 40.94 -62.05 22.59
C SER B 149 39.66 -62.54 21.94
N LEU B 150 38.51 -61.95 22.28
CA LEU B 150 37.25 -62.36 21.64
C LEU B 150 37.24 -61.98 20.16
N LEU B 151 37.94 -60.92 19.79
CA LEU B 151 38.03 -60.51 18.38
C LEU B 151 39.26 -61.12 17.73
N GLN B 152 39.33 -62.45 17.79
CA GLN B 152 40.49 -63.15 17.23
C GLN B 152 40.59 -62.92 15.73
N ALA B 153 41.83 -62.82 15.25
CA ALA B 153 42.16 -62.56 13.85
C ALA B 153 41.70 -61.17 13.41
N CYS B 154 41.08 -60.41 14.31
CA CYS B 154 40.71 -59.03 14.05
C CYS B 154 41.21 -58.08 15.14
N SER B 155 42.15 -58.51 15.96
CA SER B 155 42.79 -57.68 16.96
C SER B 155 44.24 -57.45 16.58
N GLY B 156 44.85 -56.44 17.19
CA GLY B 156 46.23 -56.12 16.91
C GLY B 156 47.24 -57.07 17.53
N MET B 157 46.80 -57.88 18.50
CA MET B 157 47.72 -58.78 19.18
C MET B 157 48.27 -59.85 18.23
N ASN B 158 47.39 -60.47 17.44
CA ASN B 158 47.84 -61.54 16.55
C ASN B 158 48.62 -60.99 15.37
N ASP B 159 48.12 -59.92 14.75
CA ASP B 159 48.79 -59.34 13.58
C ASP B 159 48.57 -57.83 13.58
N PRO B 160 49.62 -57.03 13.41
CA PRO B 160 49.43 -55.57 13.33
C PRO B 160 48.52 -55.15 12.20
N ASP B 161 48.56 -55.84 11.06
CA ASP B 161 47.64 -55.56 9.96
C ASP B 161 46.31 -56.24 10.27
N PHE B 162 45.26 -55.45 10.49
CA PHE B 162 43.99 -56.00 10.92
C PHE B 162 43.30 -56.73 9.78
N GLY B 163 43.91 -57.82 9.32
CA GLY B 163 43.37 -58.58 8.20
C GLY B 163 43.79 -58.01 6.86
N TYR B 164 44.10 -56.72 6.82
CA TYR B 164 44.57 -56.10 5.60
C TYR B 164 45.97 -56.65 5.25
N SER B 165 46.41 -56.33 4.04
CA SER B 165 47.65 -56.86 3.47
C SER B 165 47.55 -58.37 3.29
N GLN B 166 46.35 -58.91 3.49
CA GLN B 166 46.08 -60.33 3.28
C GLN B 166 44.80 -60.58 2.50
N GLY B 167 44.03 -59.54 2.20
CA GLY B 167 42.77 -59.71 1.50
C GLY B 167 41.61 -60.11 2.38
N ASN B 168 41.73 -59.98 3.70
CA ASN B 168 40.67 -60.34 4.64
C ASN B 168 40.46 -59.20 5.63
N PRO B 169 39.96 -58.06 5.16
CA PRO B 169 39.85 -56.88 6.05
C PRO B 169 38.93 -57.14 7.23
N CYS B 170 39.30 -56.57 8.38
CA CYS B 170 38.52 -56.66 9.61
C CYS B 170 37.87 -55.33 9.89
N ILE B 171 36.56 -55.35 10.14
CA ILE B 171 35.77 -54.15 10.42
C ILE B 171 35.02 -54.37 11.73
N LEU B 172 35.08 -53.38 12.62
CA LEU B 172 34.44 -53.46 13.91
C LEU B 172 33.01 -52.92 13.82
N VAL B 173 32.08 -53.66 14.43
CA VAL B 173 30.68 -53.26 14.52
C VAL B 173 30.33 -53.15 16.00
N LYS B 174 29.77 -52.01 16.38
CA LYS B 174 29.45 -51.74 17.78
C LYS B 174 28.05 -51.15 17.89
N MET B 175 27.44 -51.36 19.05
CA MET B 175 26.10 -50.87 19.32
C MET B 175 26.17 -49.56 20.09
N ASN B 176 25.34 -48.60 19.70
CA ASN B 176 25.40 -47.28 20.28
C ASN B 176 25.05 -47.31 21.77
N ARG B 177 25.82 -46.58 22.57
CA ARG B 177 25.63 -46.57 24.01
C ARG B 177 24.41 -45.74 24.38
N ILE B 178 23.56 -46.29 25.25
CA ILE B 178 22.39 -45.61 25.76
C ILE B 178 22.35 -45.80 27.27
N ILE B 179 22.08 -44.73 28.00
CA ILE B 179 22.14 -44.79 29.46
C ILE B 179 20.91 -45.52 29.98
N GLY B 180 21.15 -46.55 30.79
CA GLY B 180 20.06 -47.27 31.43
C GLY B 180 19.28 -48.19 30.53
N LEU B 181 19.85 -48.60 29.40
CA LEU B 181 19.17 -49.52 28.50
C LEU B 181 19.55 -50.96 28.85
N LYS B 182 18.53 -51.79 29.06
CA LYS B 182 18.72 -53.20 29.39
C LYS B 182 18.16 -54.07 28.27
N PRO B 183 18.99 -54.61 27.39
CA PRO B 183 18.48 -55.48 26.32
C PRO B 183 17.86 -56.74 26.89
N GLU B 184 16.85 -57.24 26.19
CA GLU B 184 16.14 -58.45 26.58
C GLU B 184 16.61 -59.63 25.73
N GLY B 185 16.33 -60.83 26.24
CA GLY B 185 16.70 -62.03 25.51
C GLY B 185 18.20 -62.19 25.41
N VAL B 186 18.66 -62.62 24.24
CA VAL B 186 20.09 -62.81 23.98
C VAL B 186 20.51 -61.96 22.78
N PRO B 187 20.97 -60.73 23.01
CA PRO B 187 21.37 -59.87 21.89
C PRO B 187 22.51 -60.47 21.08
N ARG B 188 22.45 -60.28 19.77
CA ARG B 188 23.54 -60.70 18.89
C ARG B 188 23.42 -59.94 17.58
N ILE B 189 24.53 -59.92 16.84
CA ILE B 189 24.63 -59.22 15.56
C ILE B 189 25.01 -60.25 14.51
N ASP B 190 24.15 -60.43 13.51
CA ASP B 190 24.46 -61.29 12.38
C ASP B 190 24.76 -60.45 11.15
N CYS B 191 25.78 -60.87 10.40
CA CYS B 191 26.18 -60.17 9.19
C CYS B 191 26.20 -61.17 8.04
N VAL B 192 25.55 -60.79 6.94
CA VAL B 192 25.47 -61.64 5.75
C VAL B 192 25.79 -60.78 4.54
N SER B 193 26.48 -61.36 3.56
CA SER B 193 26.75 -60.66 2.32
C SER B 193 25.46 -60.51 1.53
N LYS B 194 25.23 -59.30 0.99
CA LYS B 194 24.03 -59.06 0.21
C LYS B 194 24.11 -59.68 -1.18
N ASN B 195 25.29 -59.74 -1.77
CA ASN B 195 25.44 -60.27 -3.11
C ASN B 195 25.22 -61.78 -3.14
N GLU B 196 24.89 -62.29 -4.32
CA GLU B 196 24.75 -63.73 -4.50
C GLU B 196 26.07 -64.46 -4.44
N ASP B 197 27.19 -63.77 -4.70
CA ASP B 197 28.50 -64.40 -4.60
C ASP B 197 28.84 -64.80 -3.17
N ILE B 198 28.20 -64.18 -2.19
CA ILE B 198 28.35 -64.43 -0.75
C ILE B 198 29.79 -64.75 -0.37
N PRO B 199 30.72 -63.80 -0.44
CA PRO B 199 32.04 -64.03 0.14
C PRO B 199 31.92 -64.27 1.63
N ASN B 200 32.82 -65.10 2.16
CA ASN B 200 32.73 -65.51 3.55
C ASN B 200 32.88 -64.32 4.49
N VAL B 201 31.93 -64.19 5.41
CA VAL B 201 31.99 -63.18 6.47
C VAL B 201 31.99 -63.93 7.80
N ALA B 202 32.88 -63.52 8.69
CA ALA B 202 33.09 -64.21 9.96
C ALA B 202 32.93 -63.23 11.11
N VAL B 203 31.82 -63.34 11.83
CA VAL B 203 31.67 -62.67 13.12
C VAL B 203 32.39 -63.51 14.16
N TYR B 204 33.43 -62.96 14.77
CA TYR B 204 34.40 -63.81 15.46
C TYR B 204 33.97 -64.27 16.85
N PRO B 205 33.36 -63.43 17.71
CA PRO B 205 32.90 -63.96 19.00
C PRO B 205 31.72 -64.91 18.84
N HIS B 206 31.94 -66.02 18.13
CA HIS B 206 30.91 -66.99 17.74
C HIS B 206 29.86 -66.30 16.88
N ASN B 207 28.66 -66.11 17.41
CA ASN B 207 27.67 -65.25 16.78
C ASN B 207 28.01 -63.81 17.15
N GLY B 208 27.06 -62.89 16.96
CA GLY B 208 27.27 -61.54 17.47
C GLY B 208 27.53 -61.54 18.97
N MET B 209 26.69 -62.25 19.72
CA MET B 209 26.87 -62.49 21.15
C MET B 209 27.25 -61.21 21.90
N ILE B 210 26.34 -60.25 21.91
CA ILE B 210 26.47 -59.08 22.76
C ILE B 210 26.05 -59.51 24.16
N ASP B 211 27.03 -59.85 24.99
CA ASP B 211 26.72 -60.40 26.31
C ASP B 211 26.05 -59.34 27.18
N LEU B 212 25.19 -59.81 28.09
CA LEU B 212 24.35 -58.91 28.87
C LEU B 212 25.09 -58.25 30.03
N LYS B 213 26.28 -58.75 30.39
CA LYS B 213 26.99 -58.21 31.54
C LYS B 213 27.53 -56.82 31.30
N TYR B 214 27.52 -56.33 30.07
CA TYR B 214 27.98 -54.98 29.76
C TYR B 214 26.87 -53.95 29.82
N PHE B 215 25.68 -54.34 30.26
CA PHE B 215 24.54 -53.44 30.35
C PHE B 215 23.96 -53.50 31.75
N PRO B 216 23.30 -52.41 32.21
CA PRO B 216 23.11 -51.15 31.50
C PRO B 216 24.32 -50.23 31.52
N TYR B 217 24.42 -49.37 30.52
CA TYR B 217 25.35 -48.26 30.55
C TYR B 217 24.81 -47.20 31.52
N TYR B 218 25.67 -46.71 32.41
CA TYR B 218 25.23 -45.79 33.44
C TYR B 218 25.67 -44.36 33.20
N GLY B 219 26.31 -44.07 32.09
CA GLY B 219 26.70 -42.72 31.75
C GLY B 219 28.21 -42.53 31.80
N LYS B 220 28.67 -41.48 31.12
CA LYS B 220 30.10 -41.17 31.09
C LYS B 220 30.60 -40.73 32.46
N LYS B 221 29.79 -39.97 33.19
CA LYS B 221 30.21 -39.46 34.50
C LYS B 221 30.30 -40.59 35.52
N LEU B 222 29.24 -41.40 35.62
CA LEU B 222 29.15 -42.38 36.70
C LEU B 222 29.95 -43.64 36.39
N HIS B 223 29.74 -44.22 35.20
CA HIS B 223 30.26 -45.54 34.89
C HIS B 223 31.61 -45.38 34.21
N VAL B 224 32.61 -45.03 35.02
CA VAL B 224 33.95 -44.71 34.52
C VAL B 224 34.67 -45.99 34.12
N GLY B 225 35.36 -45.94 32.99
CA GLY B 225 36.07 -47.10 32.49
C GLY B 225 35.23 -48.07 31.71
N TYR B 226 34.04 -47.67 31.28
CA TYR B 226 33.17 -48.56 30.52
C TYR B 226 33.78 -48.90 29.17
N LEU B 227 33.61 -50.15 28.75
CA LEU B 227 34.03 -50.62 27.45
C LEU B 227 32.84 -51.34 26.81
N GLN B 228 32.29 -50.75 25.75
CA GLN B 228 31.14 -51.34 25.10
C GLN B 228 31.53 -52.63 24.38
N PRO B 229 30.61 -53.59 24.27
CA PRO B 229 30.93 -54.82 23.54
C PRO B 229 31.21 -54.54 22.08
N LEU B 230 32.13 -55.30 21.50
CA LEU B 230 32.54 -55.14 20.12
C LEU B 230 32.26 -56.41 19.34
N VAL B 231 31.89 -56.25 18.08
CA VAL B 231 31.74 -57.34 17.14
C VAL B 231 32.63 -57.04 15.94
N ALA B 232 33.52 -57.96 15.61
CA ALA B 232 34.45 -57.78 14.51
C ALA B 232 34.05 -58.71 13.36
N VAL B 233 33.86 -58.13 12.18
CA VAL B 233 33.51 -58.88 10.98
C VAL B 233 34.72 -58.91 10.06
N GLN B 234 34.98 -60.08 9.48
CA GLN B 234 36.08 -60.29 8.56
C GLN B 234 35.53 -60.77 7.23
N VAL B 235 35.83 -60.04 6.17
CA VAL B 235 35.35 -60.37 4.83
C VAL B 235 36.51 -60.95 4.04
N SER B 236 36.39 -62.23 3.67
CA SER B 236 37.48 -62.94 3.01
C SER B 236 37.35 -62.81 1.50
N PHE B 237 38.49 -62.66 0.83
CA PHE B 237 38.55 -62.56 -0.61
C PHE B 237 39.54 -63.58 -1.16
N ALA B 238 39.30 -64.02 -2.39
CA ALA B 238 40.20 -64.95 -3.05
C ALA B 238 41.51 -64.24 -3.41
N PRO B 239 42.61 -64.99 -3.51
CA PRO B 239 43.87 -64.37 -3.93
C PRO B 239 43.82 -63.83 -5.35
N ASN B 240 43.51 -64.70 -6.32
CA ASN B 240 43.46 -64.28 -7.71
C ASN B 240 42.20 -63.48 -8.01
N ASN B 241 41.06 -63.90 -7.48
CA ASN B 241 39.80 -63.20 -7.69
C ASN B 241 39.66 -62.12 -6.62
N THR B 242 39.50 -60.88 -7.06
CA THR B 242 39.41 -59.76 -6.12
C THR B 242 38.19 -59.90 -5.21
N GLY B 243 37.06 -60.32 -5.78
CA GLY B 243 35.83 -60.39 -5.01
C GLY B 243 35.37 -59.06 -4.48
N LYS B 244 35.58 -58.00 -5.23
CA LYS B 244 35.31 -56.65 -4.75
C LYS B 244 33.82 -56.36 -4.82
N GLU B 245 33.44 -55.09 -4.64
CA GLU B 245 32.07 -54.58 -4.60
C GLU B 245 31.15 -55.49 -3.77
N VAL B 246 31.67 -56.04 -2.68
CA VAL B 246 30.89 -56.87 -1.78
C VAL B 246 30.16 -55.97 -0.78
N THR B 247 28.86 -56.20 -0.61
CA THR B 247 28.04 -55.46 0.33
C THR B 247 27.54 -56.41 1.41
N VAL B 248 27.78 -56.06 2.66
CA VAL B 248 27.37 -56.87 3.80
C VAL B 248 26.52 -56.03 4.73
N GLU B 249 25.42 -56.61 5.21
CA GLU B 249 24.48 -55.94 6.09
C GLU B 249 24.44 -56.65 7.43
N CYS B 250 24.54 -55.89 8.52
CA CYS B 250 24.47 -56.42 9.87
C CYS B 250 23.23 -55.89 10.56
N LYS B 251 22.71 -56.66 11.50
CA LYS B 251 21.52 -56.24 12.23
C LYS B 251 21.46 -57.01 13.55
N ILE B 252 20.62 -56.52 14.45
CA ILE B 252 20.41 -57.15 15.75
C ILE B 252 19.19 -58.05 15.65
N ASP B 253 19.35 -59.32 15.99
CA ASP B 253 18.27 -60.29 15.89
C ASP B 253 18.19 -61.19 17.11
N GLY B 254 18.39 -60.62 18.29
CA GLY B 254 18.28 -61.41 19.51
C GLY B 254 17.38 -60.79 20.56
N SER B 255 17.13 -59.48 20.44
CA SER B 255 16.36 -58.73 21.43
C SER B 255 15.17 -58.08 20.76
N ALA B 256 13.98 -58.33 21.31
CA ALA B 256 12.80 -57.59 20.87
C ALA B 256 12.81 -56.15 21.39
N ASN B 257 13.55 -55.89 22.46
CA ASN B 257 13.68 -54.54 22.99
C ASN B 257 14.45 -53.63 22.04
N LEU B 258 15.37 -54.19 21.26
CA LEU B 258 16.22 -53.42 20.36
C LEU B 258 15.66 -53.52 18.95
N LYS B 259 15.01 -52.46 18.47
CA LYS B 259 14.35 -52.47 17.18
C LYS B 259 15.37 -52.45 16.05
N SER B 260 15.04 -53.12 14.95
CA SER B 260 15.92 -53.15 13.78
C SER B 260 15.16 -53.08 12.45
N GLN B 261 13.85 -52.88 12.47
CA GLN B 261 13.05 -52.86 11.24
C GLN B 261 12.53 -51.46 10.91
N ASP B 262 13.09 -50.42 11.51
CA ASP B 262 12.63 -49.07 11.24
C ASP B 262 12.91 -48.69 9.80
N ASP B 263 11.91 -48.09 9.14
CA ASP B 263 12.04 -47.69 7.75
C ASP B 263 12.67 -46.31 7.58
N ARG B 264 12.33 -45.38 8.48
CA ARG B 264 12.91 -44.05 8.41
C ARG B 264 14.41 -44.07 8.73
N ASP B 265 14.79 -44.82 9.76
CA ASP B 265 16.17 -44.88 10.22
C ASP B 265 16.79 -46.18 9.72
N LYS B 266 17.69 -46.09 8.74
CA LYS B 266 18.37 -47.26 8.20
C LYS B 266 19.51 -47.73 9.08
N PHE B 267 19.81 -47.00 10.16
CA PHE B 267 20.87 -47.38 11.08
C PHE B 267 20.35 -47.80 12.44
N LEU B 268 19.04 -47.75 12.66
CA LEU B 268 18.46 -48.15 13.94
C LEU B 268 18.44 -49.67 13.99
N GLY B 269 19.39 -50.25 14.72
CA GLY B 269 19.48 -51.67 14.89
C GLY B 269 20.13 -52.43 13.75
N ARG B 270 20.60 -51.73 12.72
CA ARG B 270 21.25 -52.40 11.59
C ARG B 270 22.23 -51.43 10.93
N VAL B 271 23.16 -51.98 10.18
CA VAL B 271 24.15 -51.17 9.47
C VAL B 271 24.56 -51.93 8.21
N MET B 272 24.73 -51.19 7.11
CA MET B 272 25.14 -51.76 5.83
C MET B 272 26.37 -51.01 5.34
N PHE B 273 27.34 -51.74 4.84
CA PHE B 273 28.58 -51.15 4.34
C PHE B 273 29.12 -52.00 3.20
N LYS B 274 30.00 -51.40 2.41
CA LYS B 274 30.56 -52.03 1.23
C LYS B 274 32.07 -52.11 1.35
N ILE B 275 32.64 -53.22 0.89
CA ILE B 275 34.08 -53.44 0.93
C ILE B 275 34.55 -53.66 -0.50
N THR B 276 35.63 -52.97 -0.88
CA THR B 276 36.25 -53.13 -2.19
C THR B 276 37.72 -53.48 -1.99
N ALA B 277 38.16 -54.54 -2.68
CA ALA B 277 39.54 -55.01 -2.58
C ALA B 277 40.19 -54.98 -3.95
N ARG B 278 41.49 -54.68 -3.97
CA ARG B 278 42.25 -54.56 -5.20
C ARG B 278 43.47 -55.48 -5.16
N ALA B 279 43.94 -55.84 -6.35
CA ALA B 279 45.15 -56.67 -6.51
C ALA B 279 45.04 -58.01 -5.80
N GLU C 131 4.60 -47.02 37.72
CA GLU C 131 6.03 -47.19 37.49
C GLU C 131 6.47 -46.47 36.22
N ASP C 132 7.32 -45.46 36.39
CA ASP C 132 7.83 -44.70 35.25
C ASP C 132 8.80 -45.54 34.43
N ASP C 133 8.81 -45.29 33.12
CA ASP C 133 9.72 -45.97 32.20
C ASP C 133 10.42 -44.91 31.35
N PRO C 134 11.76 -44.89 31.31
CA PRO C 134 12.44 -44.01 30.38
C PRO C 134 12.28 -44.50 28.94
N PHE C 135 12.80 -43.72 28.01
CA PHE C 135 12.71 -43.98 26.57
C PHE C 135 11.28 -43.98 26.05
N PHE C 136 10.30 -43.62 26.89
CA PHE C 136 8.91 -43.54 26.48
C PHE C 136 8.33 -42.22 26.94
N TYR C 137 7.62 -41.53 26.03
CA TYR C 137 6.86 -40.34 26.37
C TYR C 137 5.49 -40.44 25.74
N ASP C 138 4.47 -39.96 26.47
CA ASP C 138 3.10 -39.98 25.97
C ASP C 138 2.93 -38.86 24.95
N GLU C 139 3.41 -39.13 23.74
CA GLU C 139 3.32 -38.15 22.67
C GLU C 139 1.89 -37.96 22.19
N HIS C 140 1.09 -39.04 22.22
CA HIS C 140 -0.27 -38.96 21.71
C HIS C 140 -1.16 -38.10 22.61
N THR C 141 -1.03 -38.26 23.93
CA THR C 141 -1.76 -37.40 24.86
C THR C 141 -1.31 -35.95 24.74
N LEU C 142 -0.01 -35.74 24.53
CA LEU C 142 0.51 -34.40 24.28
C LEU C 142 -0.13 -33.79 23.04
N ARG C 143 -0.28 -34.60 21.98
CA ARG C 143 -0.93 -34.12 20.76
C ARG C 143 -2.40 -33.78 21.02
N LYS C 144 -3.12 -34.63 21.76
CA LYS C 144 -4.49 -34.31 22.12
C LYS C 144 -4.58 -32.97 22.84
N ARG C 145 -3.77 -32.78 23.87
CA ARG C 145 -3.86 -31.56 24.67
C ARG C 145 -3.45 -30.34 23.85
N GLY C 146 -2.42 -30.47 23.02
CA GLY C 146 -2.02 -29.35 22.18
C GLY C 146 -3.08 -28.96 21.17
N LEU C 147 -3.70 -29.95 20.53
CA LEU C 147 -4.76 -29.65 19.57
C LEU C 147 -5.98 -29.07 20.27
N LEU C 148 -6.30 -29.55 21.47
CA LEU C 148 -7.41 -28.96 22.23
C LEU C 148 -7.12 -27.51 22.58
N VAL C 149 -5.88 -27.22 23.00
CA VAL C 149 -5.53 -25.83 23.34
C VAL C 149 -5.59 -24.96 22.11
N ALA C 150 -5.11 -25.47 20.97
CA ALA C 150 -5.18 -24.70 19.73
C ALA C 150 -6.62 -24.41 19.32
N ALA C 151 -7.50 -25.41 19.43
CA ALA C 151 -8.90 -25.20 19.10
C ALA C 151 -9.55 -24.20 20.05
N VAL C 152 -9.25 -24.30 21.34
CA VAL C 152 -9.82 -23.37 22.31
C VAL C 152 -9.35 -21.95 22.03
N LEU C 153 -8.05 -21.78 21.73
CA LEU C 153 -7.52 -20.46 21.41
C LEU C 153 -8.16 -19.89 20.14
N PHE C 154 -8.32 -20.72 19.11
CA PHE C 154 -8.93 -20.25 17.88
C PHE C 154 -10.39 -19.85 18.10
N ILE C 155 -11.13 -20.65 18.87
CA ILE C 155 -12.53 -20.33 19.12
C ILE C 155 -12.65 -19.06 19.95
N THR C 156 -11.75 -18.88 20.93
CA THR C 156 -11.75 -17.65 21.71
C THR C 156 -11.43 -16.44 20.84
N GLY C 157 -10.48 -16.58 19.91
CA GLY C 157 -10.18 -15.49 19.00
C GLY C 157 -11.35 -15.15 18.09
N ILE C 158 -12.07 -16.18 17.63
CA ILE C 158 -13.25 -15.93 16.81
C ILE C 158 -14.34 -15.24 17.62
N ILE C 159 -14.55 -15.67 18.87
CA ILE C 159 -15.56 -15.06 19.72
C ILE C 159 -15.23 -13.60 19.98
N ILE C 160 -13.97 -13.31 20.31
CA ILE C 160 -13.57 -11.93 20.57
C ILE C 160 -13.70 -11.09 19.31
N LEU C 161 -13.33 -11.64 18.16
CA LEU C 161 -13.43 -10.92 16.90
C LEU C 161 -14.88 -10.57 16.59
N THR C 162 -15.77 -11.55 16.61
CA THR C 162 -17.19 -11.34 16.32
C THR C 162 -17.95 -11.26 17.64
N SER C 163 -17.81 -10.12 18.31
CA SER C 163 -18.46 -9.86 19.58
C SER C 163 -19.50 -8.78 19.39
N GLY C 164 -20.74 -9.09 19.75
CA GLY C 164 -21.84 -8.14 19.61
C GLY C 164 -23.21 -8.78 19.77
#